data_3NVK
#
_entry.id   3NVK
#
_cell.length_a   330.039
_cell.length_b   94.548
_cell.length_c   97.729
_cell.angle_alpha   90.00
_cell.angle_beta   90.00
_cell.angle_gamma   90.00
#
_symmetry.space_group_name_H-M   'P 21 21 2'
#
loop_
_entity.id
_entity.type
_entity.pdbx_description
1 polymer 'NOP5/NOP56 related protein'
2 polymer '50S ribosomal protein L7Ae'
3 polymer "Fibrillarin-like rRNA/tRNA 2'-O-methyltransferase"
4 polymer "RNA (5'-R(*GP*CP*CP*GP*UP*UP*GP*AP*AP*GP*CP*UP*CP*UP*GP*AP*CP*CP*GP*AP*AP*AP*GP*GP*CP*GP*UP*GP*AP*UP*GP*AP*GP*C)-3')"
5 polymer "RNA (5'-R(*GP*AP*GP*CP*UP*UP*CP*AP*AP*CP*GP*GP*C)-3')"
6 non-polymer S-ADENOSYLMETHIONINE
#
loop_
_entity_poly.entity_id
_entity_poly.type
_entity_poly.pdbx_seq_one_letter_code
_entity_poly.pdbx_strand_id
1 'polypeptide(L)'
;MHHHHHHVMIMKAFISENVRGIYAFDENGNLIEKRYFTDKPEKVLDQLLKGEITKDLEELLNSLKEKGYDEFVFEHPELS
RRAKELGFSATTEFPNIAGERLRSNPEEFLGENWFEEYYKVGVALTRMRIQEQSGARDKMVIQAIEALDDVDKVINLLVA
RLREWYSLHFPELDELLPKHPQYVAFVKTVGHRDNINEEVLRELGLSEEKIKKILEAKEKTMGAWMDQTDIEVVRQLAEE
IDRLYQLRKKLEDYIDRAMDDVAPNLKALVGAKLAARLISLAGGLRELAMMPSSTIQVLGAEKALFRHLRTGAKPPKHGV
IYQYPAINRSPWWQRGKIARALAGKLAIAARVDYFSGEYIAEELKKELEARIRLVL
;
A,F
2 'polypeptide(L)'
;MHHHHHHAKPSYVKFEVPKELAEKALQAVEIARDTGKIRKGTNETTKAVERGQAKLVIIAEDVDPEEIVAHLPPLCEEKE
IPYIYVPSKKELGAAAGIEVAAASVAIIEPGKARDLVEEIAMKVKELMK
;
E,H
3 'polypeptide(L)'
;MHHHHHHMVEVKKHKFPGVYVVIDDDGSEKIATKNLVPGQRVYGERVIKWEGEEYRIWNPHRSKLGAAIVNGLKNFPIKP
GKSVLYLGIASGTTASHVSDIVGWEGKIYGIEFSPRVLRELVPIVEERRNIIPILGDATKPEEYRALVTKVDVIFEDVAQ
PTQAKILIDNAKAYLKRGGYGMIAVKSRSIDVTKEPEQVFKEVERELSEYFEVIERLNLEPYEKDHALFVVRKP
;
I,J
4 'polyribonucleotide' GCCGUUGAAGCUCUGACCGAAAGGCGUGAUGAGC K,L
5 'polyribonucleotide' GAGCUUCAACGGC G,S
#
# COMPACT_ATOMS: atom_id res chain seq x y z
N PHE A 14 13.67 34.02 32.15
CA PHE A 14 14.62 33.13 31.48
C PHE A 14 14.54 33.13 29.96
N ILE A 15 13.65 32.31 29.41
CA ILE A 15 13.78 31.93 28.00
C ILE A 15 12.72 32.47 27.01
N SER A 16 13.18 33.01 25.89
CA SER A 16 12.31 33.42 24.80
C SER A 16 13.08 33.47 23.49
N GLU A 17 12.35 33.59 22.40
CA GLU A 17 12.95 33.39 21.10
C GLU A 17 12.90 34.60 20.17
N ASN A 18 13.96 34.73 19.38
CA ASN A 18 14.16 35.85 18.49
C ASN A 18 13.70 35.60 17.06
N VAL A 19 14.08 36.49 16.16
CA VAL A 19 13.95 36.20 14.74
C VAL A 19 15.29 35.62 14.22
N ARG A 20 16.22 35.46 15.15
CA ARG A 20 17.58 35.04 14.86
C ARG A 20 17.97 33.89 15.75
N GLY A 21 17.72 34.03 17.03
CA GLY A 21 18.08 32.98 17.97
C GLY A 21 17.20 32.80 19.19
N ILE A 22 17.57 31.81 20.01
CA ILE A 22 16.97 31.53 21.29
C ILE A 22 17.80 32.06 22.45
N TYR A 23 17.29 33.06 23.15
CA TYR A 23 18.02 33.68 24.24
C TYR A 23 17.54 33.18 25.61
N ALA A 24 18.46 33.16 26.58
CA ALA A 24 18.14 32.76 27.94
C ALA A 24 18.70 33.78 28.89
N PHE A 25 17.81 34.45 29.60
CA PHE A 25 18.15 35.62 30.37
C PHE A 25 18.26 35.40 31.86
N ASP A 26 19.26 36.04 32.46
CA ASP A 26 19.47 36.04 33.90
C ASP A 26 18.26 36.62 34.61
N GLU A 27 18.01 36.09 35.80
CA GLU A 27 16.85 36.44 36.60
C GLU A 27 16.72 37.94 36.78
N ASN A 28 17.84 38.66 36.74
CA ASN A 28 17.70 40.10 36.83
C ASN A 28 17.38 40.67 35.47
N GLY A 29 18.41 41.02 34.72
CA GLY A 29 18.31 41.35 33.31
C GLY A 29 19.23 40.64 32.35
N ASN A 30 20.14 39.85 32.90
CA ASN A 30 21.38 39.51 32.20
C ASN A 30 21.30 38.47 31.07
N LEU A 31 22.33 38.43 30.23
CA LEU A 31 22.20 37.63 29.01
C LEU A 31 22.34 36.12 29.22
N ILE A 32 23.15 35.67 30.17
CA ILE A 32 23.42 34.22 30.27
C ILE A 32 24.01 33.73 28.94
N GLU A 33 23.24 32.96 28.17
CA GLU A 33 23.69 32.54 26.85
C GLU A 33 22.59 32.40 25.81
N LYS A 34 22.98 32.34 24.54
CA LYS A 34 22.03 32.23 23.45
C LYS A 34 22.42 31.12 22.48
N ARG A 35 21.50 30.67 21.63
CA ARG A 35 21.86 29.75 20.58
C ARG A 35 21.28 30.27 19.30
N TYR A 36 22.14 30.66 18.36
CA TYR A 36 21.66 31.19 17.10
C TYR A 36 20.96 30.10 16.28
N PHE A 37 20.14 30.50 15.32
CA PHE A 37 19.43 29.52 14.50
C PHE A 37 20.32 29.01 13.38
N THR A 38 20.52 27.68 13.36
CA THR A 38 21.40 27.00 12.40
C THR A 38 20.70 26.55 11.12
N ASP A 39 19.38 26.60 11.14
CA ASP A 39 18.61 26.38 9.94
C ASP A 39 18.09 27.71 9.45
N LYS A 40 17.23 27.65 8.44
CA LYS A 40 16.47 28.82 8.05
C LYS A 40 15.56 29.09 9.22
N PRO A 41 15.69 30.29 9.82
CA PRO A 41 14.92 30.67 11.02
C PRO A 41 13.43 30.43 10.79
N GLU A 42 12.94 30.85 9.66
CA GLU A 42 11.54 30.68 9.37
C GLU A 42 11.11 29.28 9.63
N LYS A 43 12.02 28.33 9.48
CA LYS A 43 11.66 26.92 9.55
C LYS A 43 11.62 26.49 11.01
N VAL A 44 12.59 26.98 11.78
CA VAL A 44 12.69 26.65 13.21
C VAL A 44 11.61 27.36 14.05
N LEU A 45 11.30 28.61 13.70
CA LEU A 45 10.29 29.37 14.41
C LEU A 45 8.95 28.71 14.23
N ASP A 46 8.63 28.28 13.01
CA ASP A 46 7.37 27.59 12.80
C ASP A 46 7.22 26.50 13.88
N GLN A 47 8.31 25.85 14.22
CA GLN A 47 8.23 24.81 15.24
C GLN A 47 8.16 25.39 16.64
N LEU A 48 8.95 26.41 16.92
CA LEU A 48 9.00 26.96 18.27
C LEU A 48 7.73 27.74 18.66
N LEU A 49 7.33 28.69 17.82
CA LEU A 49 6.18 29.54 18.12
C LEU A 49 4.94 28.73 18.52
N LYS A 50 4.72 27.60 17.86
CA LYS A 50 3.54 26.78 18.13
C LYS A 50 3.65 25.97 19.41
N GLY A 51 4.82 25.99 20.02
CA GLY A 51 4.98 25.35 21.31
C GLY A 51 5.83 24.12 21.22
N GLU A 52 6.18 23.75 19.98
CA GLU A 52 7.07 22.62 19.72
C GLU A 52 8.51 22.91 20.10
N ILE A 53 9.19 21.86 20.51
CA ILE A 53 10.53 21.98 21.03
C ILE A 53 11.49 21.40 20.00
N THR A 54 12.61 22.09 19.78
CA THR A 54 13.59 21.64 18.80
C THR A 54 14.99 21.45 19.42
N LYS A 55 15.92 20.95 18.62
CA LYS A 55 17.28 20.72 19.10
C LYS A 55 17.91 21.99 19.63
N ASP A 56 17.82 23.05 18.84
CA ASP A 56 18.39 24.33 19.23
C ASP A 56 17.92 24.76 20.64
N LEU A 57 16.70 24.39 21.02
CA LEU A 57 16.18 24.69 22.35
C LEU A 57 16.67 23.72 23.43
N GLU A 58 16.79 22.44 23.08
CA GLU A 58 17.28 21.43 24.00
C GLU A 58 18.80 21.42 24.10
N GLU A 59 19.47 21.87 23.04
CA GLU A 59 20.91 22.11 23.06
C GLU A 59 21.18 23.15 24.12
N LEU A 60 20.22 24.04 24.29
CA LEU A 60 20.34 25.13 25.22
C LEU A 60 20.13 24.62 26.63
N LEU A 61 18.96 24.04 26.84
CA LEU A 61 18.57 23.64 28.16
C LEU A 61 19.72 22.91 28.86
N ASN A 62 20.33 21.94 28.19
CA ASN A 62 21.39 21.19 28.84
C ASN A 62 22.57 22.11 29.10
N SER A 63 22.87 22.99 28.16
CA SER A 63 24.00 23.89 28.36
C SER A 63 23.75 24.80 29.55
N LEU A 64 22.48 25.03 29.85
CA LEU A 64 22.13 25.84 30.99
C LEU A 64 22.38 25.01 32.21
N LYS A 65 21.93 23.76 32.19
CA LYS A 65 22.15 22.94 33.36
C LYS A 65 23.63 22.64 33.65
N GLU A 66 24.51 22.80 32.67
CA GLU A 66 25.96 22.83 32.93
C GLU A 66 26.27 23.95 33.93
N LYS A 67 25.81 25.14 33.59
CA LYS A 67 26.02 26.31 34.41
C LYS A 67 25.27 26.17 35.74
N GLY A 68 24.45 25.12 35.88
CA GLY A 68 23.63 24.91 37.07
C GLY A 68 22.29 25.62 37.22
N TYR A 69 21.41 25.45 36.23
CA TYR A 69 20.06 25.99 36.32
C TYR A 69 18.99 24.91 36.33
N ASP A 70 18.35 24.73 37.50
CA ASP A 70 17.14 23.93 37.62
C ASP A 70 15.90 24.78 37.31
N GLU A 71 16.08 26.09 37.46
CA GLU A 71 15.04 27.08 37.26
C GLU A 71 14.72 27.24 35.79
N PHE A 72 13.46 27.09 35.36
CA PHE A 72 13.16 27.39 33.96
C PHE A 72 11.83 28.07 33.71
N VAL A 73 11.83 29.12 32.89
CA VAL A 73 10.59 29.85 32.60
C VAL A 73 10.42 30.12 31.12
N PHE A 74 9.29 29.74 30.55
CA PHE A 74 9.08 29.92 29.12
C PHE A 74 7.99 30.91 28.78
N GLU A 75 7.78 31.16 27.50
CA GLU A 75 6.68 32.01 27.07
C GLU A 75 5.45 31.30 26.54
N HIS A 76 5.50 29.98 26.41
CA HIS A 76 4.38 29.23 25.84
C HIS A 76 4.04 28.00 26.68
N PRO A 77 2.74 27.72 26.83
CA PRO A 77 2.41 26.67 27.79
C PRO A 77 3.18 25.37 27.52
N GLU A 78 3.36 25.00 26.26
CA GLU A 78 3.95 23.71 25.91
C GLU A 78 5.44 23.65 26.00
N LEU A 79 6.09 24.76 25.75
CA LEU A 79 7.53 24.74 25.85
C LEU A 79 7.85 24.33 27.27
N SER A 80 6.98 24.68 28.22
CA SER A 80 7.18 24.30 29.63
C SER A 80 6.68 22.90 29.98
N ARG A 81 5.63 22.45 29.30
CA ARG A 81 5.07 21.14 29.57
C ARG A 81 6.03 20.05 29.19
N ARG A 82 6.42 20.04 27.92
CA ARG A 82 7.28 19.00 27.38
C ARG A 82 8.73 19.32 27.68
N ALA A 83 8.95 20.40 28.42
CA ALA A 83 10.27 20.64 29.00
C ALA A 83 10.39 19.81 30.26
N LYS A 84 9.26 19.49 30.87
CA LYS A 84 9.20 18.54 31.97
C LYS A 84 9.13 17.11 31.45
N GLU A 85 8.40 16.93 30.36
CA GLU A 85 8.31 15.63 29.71
C GLU A 85 9.72 15.18 29.33
N LEU A 86 10.67 16.10 29.38
CA LEU A 86 12.08 15.78 29.24
C LEU A 86 12.85 16.47 30.33
N GLY A 87 13.34 15.74 31.34
CA GLY A 87 14.15 16.39 32.35
C GLY A 87 13.45 17.54 33.01
N PHE A 88 13.91 18.72 32.62
CA PHE A 88 13.82 20.01 33.32
C PHE A 88 12.48 20.50 33.86
N SER A 89 12.60 21.08 35.04
CA SER A 89 11.52 21.73 35.76
C SER A 89 11.33 23.15 35.24
N ALA A 90 10.18 23.41 34.65
CA ALA A 90 9.90 24.71 34.10
C ALA A 90 8.47 25.15 34.37
N THR A 91 8.23 26.45 34.14
CA THR A 91 6.93 27.06 34.34
C THR A 91 6.59 28.06 33.24
N THR A 92 5.33 28.14 32.84
CA THR A 92 4.93 29.03 31.77
C THR A 92 4.55 30.42 32.27
N GLU A 93 5.14 31.45 31.66
CA GLU A 93 4.77 32.83 31.93
C GLU A 93 4.88 33.67 30.64
N PHE A 94 3.79 34.32 30.24
CA PHE A 94 3.89 35.30 29.16
C PHE A 94 4.74 36.45 29.70
N PRO A 95 4.63 37.69 29.19
CA PRO A 95 5.75 38.53 28.76
C PRO A 95 6.79 38.54 29.82
N ASN A 96 7.52 37.44 29.85
CA ASN A 96 8.53 37.09 30.83
C ASN A 96 9.79 37.92 30.67
N ILE A 97 10.63 37.92 31.69
CA ILE A 97 11.79 38.77 31.67
C ILE A 97 12.50 38.72 30.29
N ALA A 98 12.57 37.54 29.70
CA ALA A 98 13.33 37.33 28.47
C ALA A 98 12.63 37.97 27.28
N GLY A 99 11.45 37.45 26.97
CA GLY A 99 10.67 37.98 25.90
C GLY A 99 10.58 39.47 26.04
N GLU A 100 10.65 39.98 27.27
CA GLU A 100 10.55 41.41 27.47
C GLU A 100 11.86 42.10 27.15
N ARG A 101 12.98 41.48 27.49
CA ARG A 101 14.25 42.11 27.19
C ARG A 101 14.45 42.29 25.71
N LEU A 102 14.07 41.28 24.91
CA LEU A 102 14.33 41.30 23.47
C LEU A 102 13.48 42.31 22.71
N ARG A 103 12.16 42.21 22.82
CA ARG A 103 11.26 43.12 22.09
C ARG A 103 11.33 44.51 22.69
N SER A 104 11.90 44.63 23.87
CA SER A 104 11.93 45.92 24.55
C SER A 104 12.96 46.83 23.90
N ASN A 105 14.14 46.26 23.65
CA ASN A 105 15.19 46.98 22.97
C ASN A 105 15.96 46.07 21.99
N PRO A 106 15.36 45.81 20.81
CA PRO A 106 15.85 44.75 19.96
C PRO A 106 17.21 45.13 19.46
N GLU A 107 17.37 46.42 19.21
CA GLU A 107 18.57 46.95 18.61
C GLU A 107 19.80 46.37 19.30
N GLU A 108 19.66 46.08 20.59
CA GLU A 108 20.75 45.59 21.40
C GLU A 108 21.31 44.31 20.80
N PHE A 109 20.40 43.40 20.51
CA PHE A 109 20.72 42.08 20.01
C PHE A 109 20.91 42.03 18.51
N LEU A 110 20.12 42.81 17.80
CA LEU A 110 20.10 42.69 16.35
C LEU A 110 20.85 43.68 15.46
N GLY A 111 21.53 44.67 16.06
CA GLY A 111 22.23 45.66 15.27
C GLY A 111 21.34 46.81 14.84
N GLU A 112 21.88 47.74 14.08
CA GLU A 112 21.14 48.95 13.77
C GLU A 112 20.05 48.76 12.72
N ASN A 113 20.11 47.64 12.02
CA ASN A 113 19.15 47.34 10.96
C ASN A 113 18.03 46.38 11.34
N TRP A 114 17.92 46.09 12.63
CA TRP A 114 17.13 44.99 13.16
C TRP A 114 15.74 44.81 12.52
N PHE A 115 15.05 45.90 12.20
CA PHE A 115 13.76 45.73 11.55
C PHE A 115 13.84 45.00 10.20
N GLU A 116 14.75 45.44 9.32
CA GLU A 116 14.87 44.85 7.97
C GLU A 116 15.03 43.34 8.06
N GLU A 117 15.52 42.90 9.23
CA GLU A 117 15.62 41.50 9.62
C GLU A 117 14.28 40.93 10.05
N TYR A 118 13.71 41.43 11.14
CA TYR A 118 12.40 40.94 11.55
C TYR A 118 11.46 40.87 10.35
N TYR A 119 11.57 41.86 9.46
CA TYR A 119 10.82 41.88 8.22
C TYR A 119 11.08 40.62 7.38
N LYS A 120 12.35 40.36 7.06
CA LYS A 120 12.65 39.21 6.22
C LYS A 120 12.18 37.89 6.78
N VAL A 121 12.57 37.58 8.01
CA VAL A 121 12.23 36.29 8.62
C VAL A 121 10.73 36.09 8.72
N GLY A 122 10.00 37.20 8.84
CA GLY A 122 8.55 37.11 8.92
C GLY A 122 7.85 36.93 7.60
N VAL A 123 8.21 37.78 6.64
CA VAL A 123 7.59 37.72 5.34
C VAL A 123 7.92 36.34 4.86
N ALA A 124 9.16 35.93 5.10
CA ALA A 124 9.62 34.60 4.70
C ALA A 124 8.75 33.47 5.27
N LEU A 125 8.52 33.52 6.58
CA LEU A 125 7.74 32.52 7.30
C LEU A 125 6.28 32.56 6.86
N THR A 126 5.85 33.71 6.40
CA THR A 126 4.45 33.85 6.04
C THR A 126 4.21 33.25 4.67
N ARG A 127 5.25 33.24 3.84
CA ARG A 127 5.16 32.63 2.52
C ARG A 127 5.42 31.13 2.66
N MET A 128 5.91 30.72 3.82
CA MET A 128 6.01 29.31 4.17
C MET A 128 4.63 28.71 4.48
N ARG A 129 3.85 29.39 5.32
CA ARG A 129 2.58 28.82 5.74
C ARG A 129 1.45 29.09 4.76
N ILE A 130 1.71 29.88 3.73
CA ILE A 130 0.65 30.23 2.81
C ILE A 130 0.75 29.55 1.46
N GLN A 131 -0.35 28.96 1.05
CA GLN A 131 -0.37 28.25 -0.20
C GLN A 131 -0.50 29.24 -1.32
N GLU A 132 0.05 28.86 -2.46
CA GLU A 132 0.00 29.66 -3.67
C GLU A 132 -1.41 29.68 -4.26
N GLN A 133 -1.65 30.61 -5.16
CA GLN A 133 -3.00 30.88 -5.58
C GLN A 133 -3.53 29.76 -6.48
N SER A 134 -4.59 29.06 -6.03
CA SER A 134 -5.21 27.99 -6.82
C SER A 134 -6.73 27.86 -6.68
N GLY A 135 -7.43 27.68 -7.81
CA GLY A 135 -8.88 27.62 -7.84
C GLY A 135 -9.41 26.19 -7.84
N ALA A 136 -8.50 25.24 -7.74
CA ALA A 136 -8.86 23.84 -7.75
C ALA A 136 -8.90 23.21 -6.38
N ARG A 137 -8.50 23.95 -5.35
CA ARG A 137 -8.21 23.28 -4.11
C ARG A 137 -9.47 22.87 -3.34
N ASP A 138 -10.66 23.28 -3.81
CA ASP A 138 -11.88 22.78 -3.18
C ASP A 138 -12.09 21.32 -3.55
N LYS A 139 -11.65 21.00 -4.77
CA LYS A 139 -11.69 19.65 -5.30
C LYS A 139 -10.50 18.78 -4.90
N MET A 140 -9.31 19.36 -4.83
CA MET A 140 -8.14 18.62 -4.38
C MET A 140 -8.42 18.02 -3.03
N VAL A 141 -9.15 18.77 -2.21
CA VAL A 141 -9.59 18.28 -0.90
C VAL A 141 -10.58 17.16 -1.11
N ILE A 142 -11.53 17.39 -2.00
CA ILE A 142 -12.58 16.43 -2.26
C ILE A 142 -11.96 15.10 -2.66
N GLN A 143 -10.89 15.15 -3.47
CA GLN A 143 -10.14 13.93 -3.80
C GLN A 143 -9.63 13.28 -2.54
N ALA A 144 -8.76 14.00 -1.84
CA ALA A 144 -8.14 13.51 -0.61
C ALA A 144 -9.16 12.85 0.28
N ILE A 145 -10.31 13.47 0.45
CA ILE A 145 -11.31 12.96 1.38
C ILE A 145 -11.94 11.64 0.89
N GLU A 146 -12.11 11.48 -0.41
CA GLU A 146 -12.51 10.19 -0.92
C GLU A 146 -11.29 9.24 -1.00
N ALA A 147 -10.14 9.80 -1.38
CA ALA A 147 -8.91 9.05 -1.58
C ALA A 147 -8.55 8.22 -0.38
N LEU A 148 -8.85 8.71 0.83
CA LEU A 148 -8.66 7.92 2.06
C LEU A 148 -9.91 7.19 2.52
N ASP A 149 -11.04 7.41 1.84
CA ASP A 149 -12.16 6.48 2.03
C ASP A 149 -11.84 5.17 1.31
N ASP A 150 -11.04 5.30 0.25
CA ASP A 150 -10.42 4.20 -0.46
C ASP A 150 -9.36 3.52 0.44
N VAL A 151 -8.39 4.28 0.89
CA VAL A 151 -7.34 3.71 1.72
C VAL A 151 -7.94 2.96 2.90
N ASP A 152 -9.19 3.25 3.19
CA ASP A 152 -9.90 2.55 4.25
C ASP A 152 -10.44 1.18 3.80
N LYS A 153 -11.00 1.10 2.59
CA LYS A 153 -11.35 -0.18 1.97
C LYS A 153 -10.08 -0.99 1.93
N VAL A 154 -9.12 -0.47 1.18
CA VAL A 154 -7.83 -1.09 1.00
C VAL A 154 -7.23 -1.68 2.28
N ILE A 155 -7.31 -0.96 3.40
CA ILE A 155 -6.72 -1.49 4.60
C ILE A 155 -7.49 -2.64 5.26
N ASN A 156 -8.81 -2.54 5.34
CA ASN A 156 -9.60 -3.62 5.94
C ASN A 156 -9.33 -4.98 5.26
N LEU A 157 -9.15 -4.92 3.94
CA LEU A 157 -9.00 -6.10 3.09
C LEU A 157 -7.63 -6.75 3.19
N LEU A 158 -6.56 -5.96 3.20
CA LEU A 158 -5.22 -6.52 3.26
C LEU A 158 -4.97 -6.87 4.70
N VAL A 159 -6.01 -6.68 5.50
CA VAL A 159 -5.99 -7.10 6.89
C VAL A 159 -6.65 -8.45 7.07
N ALA A 160 -7.88 -8.58 6.59
CA ALA A 160 -8.49 -9.91 6.55
C ALA A 160 -7.52 -11.00 6.01
N ARG A 161 -6.80 -10.71 4.92
CA ARG A 161 -5.72 -11.58 4.45
C ARG A 161 -4.71 -11.88 5.54
N LEU A 162 -3.94 -10.86 5.90
CA LEU A 162 -2.89 -11.00 6.89
C LEU A 162 -3.40 -11.71 8.13
N ARG A 163 -4.66 -11.48 8.48
CA ARG A 163 -5.23 -12.09 9.66
C ARG A 163 -5.30 -13.61 9.56
N GLU A 164 -5.98 -14.14 8.55
CA GLU A 164 -6.10 -15.58 8.47
C GLU A 164 -4.83 -16.23 7.96
N TRP A 165 -4.11 -15.52 7.08
CA TRP A 165 -2.86 -16.06 6.56
C TRP A 165 -1.89 -16.32 7.71
N TYR A 166 -1.61 -15.28 8.50
CA TYR A 166 -0.69 -15.43 9.63
C TYR A 166 -1.31 -16.34 10.70
N SER A 167 -2.62 -16.54 10.61
CA SER A 167 -3.30 -17.36 11.60
C SER A 167 -3.19 -18.83 11.23
N LEU A 168 -2.43 -19.11 10.17
CA LEU A 168 -2.01 -20.47 9.90
C LEU A 168 -0.90 -20.79 10.86
N HIS A 169 0.02 -19.87 10.99
CA HIS A 169 1.14 -20.09 11.88
C HIS A 169 0.78 -19.76 13.33
N PHE A 170 -0.24 -18.94 13.55
CA PHE A 170 -0.64 -18.61 14.93
C PHE A 170 -2.14 -18.37 15.07
N PRO A 171 -2.97 -19.43 15.04
CA PRO A 171 -4.41 -19.15 14.98
C PRO A 171 -4.88 -18.29 16.14
N GLU A 172 -4.45 -18.63 17.36
CA GLU A 172 -4.99 -18.08 18.60
C GLU A 172 -5.20 -16.56 18.56
N LEU A 173 -4.19 -15.84 18.07
CA LEU A 173 -4.08 -14.41 18.30
C LEU A 173 -4.96 -13.60 17.38
N ASP A 174 -5.79 -14.26 16.57
CA ASP A 174 -6.79 -13.54 15.78
C ASP A 174 -7.83 -12.83 16.66
N GLU A 175 -8.54 -13.57 17.50
CA GLU A 175 -9.23 -12.87 18.55
C GLU A 175 -8.36 -13.08 19.78
N LEU A 176 -7.35 -12.24 19.87
CA LEU A 176 -6.49 -12.05 21.03
C LEU A 176 -6.10 -10.59 20.94
N LEU A 177 -5.64 -10.21 19.75
CA LEU A 177 -5.41 -8.82 19.39
C LEU A 177 -6.40 -8.38 18.32
N PRO A 178 -7.65 -8.08 18.73
CA PRO A 178 -8.72 -7.57 17.88
C PRO A 178 -8.50 -6.12 17.42
N LYS A 179 -7.56 -5.39 18.03
CA LYS A 179 -7.30 -4.02 17.59
C LYS A 179 -6.27 -4.02 16.47
N HIS A 180 -6.74 -3.71 15.26
CA HIS A 180 -6.01 -3.99 14.04
C HIS A 180 -4.56 -3.55 14.07
N PRO A 181 -4.31 -2.29 14.38
CA PRO A 181 -2.93 -1.83 14.26
C PRO A 181 -1.95 -2.62 15.11
N GLN A 182 -2.38 -3.14 16.25
CA GLN A 182 -1.43 -3.88 17.07
C GLN A 182 -1.24 -5.33 16.64
N TYR A 183 -2.28 -5.95 16.08
CA TYR A 183 -2.09 -7.20 15.35
C TYR A 183 -0.97 -6.94 14.34
N VAL A 184 -1.19 -6.05 13.39
CA VAL A 184 -0.17 -5.72 12.40
C VAL A 184 1.24 -5.55 12.98
N ALA A 185 1.48 -4.53 13.79
CA ALA A 185 2.85 -4.24 14.26
C ALA A 185 3.54 -5.43 14.95
N PHE A 186 2.73 -6.34 15.49
CA PHE A 186 3.19 -7.59 16.07
C PHE A 186 3.91 -8.45 15.02
N VAL A 187 3.11 -8.90 14.05
CA VAL A 187 3.56 -9.55 12.83
C VAL A 187 4.75 -8.81 12.19
N LYS A 188 4.72 -7.48 12.22
CA LYS A 188 5.75 -6.69 11.54
C LYS A 188 7.11 -6.69 12.25
N THR A 189 7.11 -6.98 13.54
CA THR A 189 8.30 -6.89 14.40
C THR A 189 8.52 -8.19 15.16
N VAL A 190 7.47 -8.63 15.87
CA VAL A 190 7.48 -9.96 16.44
C VAL A 190 7.87 -11.02 15.39
N GLY A 191 7.24 -10.98 14.22
CA GLY A 191 7.61 -11.93 13.18
C GLY A 191 7.22 -13.37 13.49
N HIS A 192 8.23 -14.23 13.57
CA HIS A 192 7.97 -15.64 13.82
C HIS A 192 7.48 -15.92 15.25
N ARG A 193 6.60 -16.91 15.36
CA ARG A 193 6.00 -17.35 16.63
C ARG A 193 7.00 -17.47 17.77
N ASP A 194 8.13 -18.12 17.54
CA ASP A 194 9.10 -18.41 18.58
C ASP A 194 9.94 -17.20 18.93
N ASN A 195 9.69 -16.09 18.24
CA ASN A 195 10.35 -14.80 18.53
C ASN A 195 9.74 -14.02 19.70
N ILE A 196 8.45 -14.21 19.91
CA ILE A 196 7.73 -13.46 20.91
C ILE A 196 8.32 -13.62 22.30
N ASN A 197 8.34 -12.56 23.08
CA ASN A 197 8.72 -12.66 24.48
C ASN A 197 8.15 -11.51 25.31
N GLU A 198 8.14 -11.69 26.63
CA GLU A 198 7.51 -10.72 27.50
C GLU A 198 8.04 -9.31 27.17
N GLU A 199 9.35 -9.18 27.07
CA GLU A 199 9.95 -7.87 26.84
C GLU A 199 9.44 -7.15 25.57
N VAL A 200 9.61 -7.77 24.40
CA VAL A 200 9.22 -7.13 23.13
C VAL A 200 7.73 -7.22 22.88
N LEU A 201 7.03 -7.95 23.75
CA LEU A 201 5.59 -8.06 23.66
C LEU A 201 4.93 -6.83 24.29
N ARG A 202 5.54 -6.29 25.33
CA ARG A 202 5.01 -5.07 25.92
C ARG A 202 5.48 -3.87 25.09
N GLU A 203 6.53 -4.04 24.30
CA GLU A 203 7.02 -2.92 23.51
C GLU A 203 5.97 -2.37 22.54
N LEU A 204 4.87 -3.10 22.40
CA LEU A 204 3.80 -2.80 21.42
C LEU A 204 2.52 -2.06 21.90
N GLY A 205 2.48 -1.55 23.14
CA GLY A 205 1.22 -1.42 23.85
C GLY A 205 1.07 -2.61 24.78
N LEU A 206 -0.07 -3.31 24.76
CA LEU A 206 -0.06 -4.60 25.46
C LEU A 206 -0.05 -4.63 26.97
N SER A 207 -1.24 -4.77 27.55
CA SER A 207 -1.36 -4.83 28.99
C SER A 207 -0.51 -6.00 29.49
N GLU A 208 -0.39 -6.13 30.81
CA GLU A 208 0.51 -7.11 31.40
C GLU A 208 -0.24 -8.42 31.47
N GLU A 209 -1.56 -8.31 31.31
CA GLU A 209 -2.42 -9.46 31.20
C GLU A 209 -2.36 -9.92 29.77
N LYS A 210 -2.36 -8.97 28.85
CA LYS A 210 -2.29 -9.29 27.43
C LYS A 210 -1.04 -10.11 27.21
N ILE A 211 0.10 -9.58 27.67
CA ILE A 211 1.38 -10.25 27.48
C ILE A 211 1.33 -11.66 28.07
N LYS A 212 0.27 -11.94 28.83
CA LYS A 212 0.06 -13.25 29.40
C LYS A 212 -0.93 -14.05 28.56
N LYS A 213 -2.12 -13.51 28.39
CA LYS A 213 -3.18 -14.18 27.65
C LYS A 213 -2.68 -14.83 26.34
N ILE A 214 -1.80 -14.13 25.61
CA ILE A 214 -1.16 -14.68 24.39
C ILE A 214 0.10 -15.55 24.58
N LEU A 215 0.87 -15.29 25.64
CA LEU A 215 2.15 -15.95 25.84
C LEU A 215 1.96 -17.43 26.17
N GLU A 216 0.83 -17.75 26.79
CA GLU A 216 0.44 -19.15 26.96
C GLU A 216 0.05 -19.68 25.60
N ALA A 217 -0.61 -18.82 24.82
CA ALA A 217 -1.07 -19.22 23.47
C ALA A 217 0.08 -19.47 22.47
N LYS A 218 1.24 -18.83 22.67
CA LYS A 218 2.48 -19.20 21.97
C LYS A 218 2.90 -20.59 22.36
N GLU A 219 3.01 -20.82 23.68
CA GLU A 219 3.62 -22.04 24.21
C GLU A 219 2.81 -23.27 23.81
N LYS A 220 1.53 -23.28 24.16
CA LYS A 220 0.59 -24.19 23.51
C LYS A 220 0.18 -23.57 22.19
N THR A 221 -0.24 -24.38 21.22
CA THR A 221 -0.89 -23.85 20.02
C THR A 221 -1.27 -24.94 18.99
N MET A 222 -2.25 -24.62 18.15
CA MET A 222 -2.73 -25.51 17.10
C MET A 222 -2.01 -25.12 15.82
N GLY A 223 -1.08 -24.19 15.98
CA GLY A 223 -0.43 -23.51 14.87
C GLY A 223 0.57 -24.29 14.06
N ALA A 224 0.41 -24.23 12.74
CA ALA A 224 1.31 -24.90 11.83
C ALA A 224 2.67 -24.20 11.80
N TRP A 225 3.59 -24.75 11.04
CA TRP A 225 4.96 -24.29 11.12
C TRP A 225 5.32 -23.45 9.89
N MET A 226 6.03 -22.36 10.13
CA MET A 226 6.57 -21.56 9.03
C MET A 226 8.07 -21.42 9.24
N ASP A 227 8.78 -21.13 8.15
CA ASP A 227 10.20 -20.87 8.25
C ASP A 227 10.58 -19.47 7.82
N GLN A 228 11.88 -19.25 7.79
CA GLN A 228 12.48 -17.97 7.51
C GLN A 228 11.94 -17.42 6.19
N THR A 229 11.13 -18.19 5.48
CA THR A 229 10.62 -17.78 4.18
C THR A 229 9.12 -17.48 4.13
N ASP A 230 8.29 -18.42 4.58
CA ASP A 230 6.83 -18.22 4.74
C ASP A 230 6.51 -16.99 5.54
N ILE A 231 7.26 -16.77 6.63
CA ILE A 231 7.20 -15.53 7.40
C ILE A 231 7.58 -14.37 6.51
N GLU A 232 8.85 -14.33 6.11
CA GLU A 232 9.42 -13.14 5.51
C GLU A 232 8.61 -12.56 4.34
N VAL A 233 7.68 -13.30 3.74
CA VAL A 233 6.71 -12.68 2.83
C VAL A 233 5.54 -12.04 3.58
N VAL A 234 5.00 -12.76 4.58
CA VAL A 234 3.88 -12.28 5.38
C VAL A 234 4.24 -11.08 6.27
N ARG A 235 5.48 -11.05 6.74
CA ARG A 235 5.98 -9.91 7.47
C ARG A 235 6.33 -8.87 6.43
N GLN A 236 6.12 -9.19 5.17
CA GLN A 236 6.20 -8.18 4.14
C GLN A 236 4.82 -7.69 3.74
N LEU A 237 3.78 -8.33 4.24
CA LEU A 237 2.46 -7.82 3.98
C LEU A 237 2.40 -6.69 4.98
N ALA A 238 2.59 -7.08 6.25
CA ALA A 238 2.51 -6.19 7.39
C ALA A 238 3.28 -4.91 7.11
N GLU A 239 4.54 -4.99 6.69
CA GLU A 239 5.27 -3.75 6.45
C GLU A 239 4.47 -2.85 5.52
N GLU A 240 3.59 -3.43 4.73
CA GLU A 240 2.78 -2.61 3.83
C GLU A 240 1.58 -1.99 4.48
N ILE A 241 0.85 -2.77 5.25
CA ILE A 241 -0.31 -2.23 5.92
C ILE A 241 0.13 -1.04 6.74
N ASP A 242 1.30 -1.17 7.36
CA ASP A 242 1.79 -0.12 8.25
C ASP A 242 2.41 1.02 7.47
N ARG A 243 2.49 0.94 6.15
CA ARG A 243 2.75 2.19 5.43
C ARG A 243 1.48 2.83 4.83
N LEU A 244 0.40 2.06 4.78
CA LEU A 244 -0.86 2.58 4.26
C LEU A 244 -1.44 3.50 5.32
N TYR A 245 -1.27 3.06 6.57
CA TYR A 245 -1.57 3.81 7.77
C TYR A 245 -0.85 5.14 7.74
N GLN A 246 0.47 5.11 7.56
CA GLN A 246 1.24 6.31 7.31
C GLN A 246 0.68 7.17 6.21
N LEU A 247 0.11 6.54 5.19
CA LEU A 247 -0.53 7.29 4.12
C LEU A 247 -1.84 7.93 4.59
N ARG A 248 -2.58 7.25 5.46
CA ARG A 248 -3.84 7.81 5.98
C ARG A 248 -3.55 9.05 6.81
N LYS A 249 -2.64 8.96 7.77
CA LYS A 249 -2.23 10.15 8.51
C LYS A 249 -1.93 11.30 7.57
N LYS A 250 -0.98 11.14 6.67
CA LYS A 250 -0.67 12.25 5.78
C LYS A 250 -1.82 12.62 4.82
N LEU A 251 -2.87 11.83 4.79
CA LEU A 251 -4.04 12.25 4.04
C LEU A 251 -4.92 13.19 4.86
N GLU A 252 -5.10 12.87 6.14
CA GLU A 252 -5.83 13.78 7.01
C GLU A 252 -4.99 15.02 7.33
N ASP A 253 -3.69 14.82 7.52
CA ASP A 253 -2.78 15.94 7.74
C ASP A 253 -2.85 16.97 6.61
N TYR A 254 -3.23 16.54 5.41
CA TYR A 254 -3.43 17.45 4.28
C TYR A 254 -4.80 18.13 4.24
N ILE A 255 -5.86 17.37 4.46
CA ILE A 255 -7.19 17.94 4.52
C ILE A 255 -7.23 19.05 5.56
N ASP A 256 -6.63 18.80 6.72
CA ASP A 256 -6.71 19.71 7.87
C ASP A 256 -5.75 20.90 7.69
N ARG A 257 -5.19 21.00 6.49
CA ARG A 257 -4.37 22.13 6.14
C ARG A 257 -5.00 22.91 5.00
N ALA A 258 -5.24 22.30 3.86
CA ALA A 258 -5.93 23.05 2.81
C ALA A 258 -7.33 23.46 3.25
N MET A 259 -7.78 22.96 4.40
CA MET A 259 -9.09 23.36 4.89
C MET A 259 -8.96 24.77 5.49
N ASP A 260 -7.74 25.15 5.86
CA ASP A 260 -7.40 26.53 6.24
C ASP A 260 -7.48 27.49 5.06
N ASP A 261 -7.18 26.98 3.85
CA ASP A 261 -7.12 27.82 2.66
C ASP A 261 -8.37 27.76 1.78
N VAL A 262 -9.36 27.01 2.23
CA VAL A 262 -10.52 26.76 1.39
C VAL A 262 -11.74 27.28 2.08
N ALA A 263 -11.98 26.73 3.26
CA ALA A 263 -13.09 27.11 4.13
C ALA A 263 -12.61 27.15 5.56
N PRO A 264 -11.92 28.26 5.94
CA PRO A 264 -11.40 28.45 7.31
C PRO A 264 -12.53 28.33 8.31
N ASN A 265 -13.73 28.64 7.80
CA ASN A 265 -14.94 28.76 8.59
C ASN A 265 -15.67 27.44 8.85
N LEU A 266 -16.07 26.78 7.76
CA LEU A 266 -16.64 25.43 7.86
C LEU A 266 -15.68 24.59 8.67
N LYS A 267 -14.39 24.87 8.48
CA LYS A 267 -13.38 24.15 9.20
C LYS A 267 -13.49 24.43 10.68
N ALA A 268 -13.46 25.71 11.04
CA ALA A 268 -13.48 26.10 12.46
C ALA A 268 -14.83 25.83 13.15
N LEU A 269 -15.84 25.51 12.35
CA LEU A 269 -17.16 25.31 12.87
C LEU A 269 -17.40 23.82 13.20
N VAL A 270 -17.48 23.00 12.16
CA VAL A 270 -17.79 21.58 12.34
C VAL A 270 -16.59 20.64 12.32
N GLY A 271 -15.41 21.18 12.03
CA GLY A 271 -14.21 20.38 11.92
C GLY A 271 -13.73 20.12 10.50
N ALA A 272 -12.42 20.06 10.34
CA ALA A 272 -11.81 20.03 9.02
C ALA A 272 -12.26 18.84 8.17
N LYS A 273 -12.47 17.69 8.80
CA LYS A 273 -12.83 16.47 8.06
C LYS A 273 -14.25 16.61 7.56
N LEU A 274 -15.18 16.74 8.51
CA LEU A 274 -16.60 16.93 8.23
C LEU A 274 -16.89 18.13 7.34
N ALA A 275 -16.01 19.13 7.41
CA ALA A 275 -16.08 20.26 6.51
C ALA A 275 -15.76 19.81 5.08
N ALA A 276 -14.79 18.90 4.95
CA ALA A 276 -14.37 18.35 3.65
C ALA A 276 -15.40 17.36 3.11
N ARG A 277 -15.99 16.57 4.01
CA ARG A 277 -17.07 15.67 3.64
C ARG A 277 -18.27 16.46 3.13
N LEU A 278 -18.66 17.51 3.86
CA LEU A 278 -19.79 18.35 3.45
C LEU A 278 -19.56 19.01 2.08
N ILE A 279 -18.39 19.63 1.92
CA ILE A 279 -17.96 20.10 0.62
C ILE A 279 -18.04 18.96 -0.35
N SER A 280 -17.91 17.75 0.17
CA SER A 280 -17.73 16.59 -0.69
C SER A 280 -19.03 16.19 -1.36
N LEU A 281 -20.05 15.85 -0.59
CA LEU A 281 -21.27 15.58 -1.30
C LEU A 281 -21.90 16.95 -1.39
N ALA A 282 -21.43 17.69 -2.38
CA ALA A 282 -21.89 19.00 -2.72
C ALA A 282 -21.64 19.01 -4.19
N GLY A 283 -20.38 18.72 -4.47
CA GLY A 283 -19.78 18.86 -5.78
C GLY A 283 -18.69 19.89 -5.73
N GLY A 284 -18.60 20.56 -4.59
CA GLY A 284 -17.52 21.51 -4.40
C GLY A 284 -17.90 22.61 -3.45
N LEU A 285 -17.02 23.59 -3.32
CA LEU A 285 -17.34 24.69 -2.42
C LEU A 285 -18.44 25.53 -3.06
N ARG A 286 -18.27 25.89 -4.33
CA ARG A 286 -19.25 26.71 -5.03
C ARG A 286 -20.66 26.17 -4.85
N GLU A 287 -20.86 24.90 -5.18
CA GLU A 287 -22.17 24.25 -5.12
C GLU A 287 -22.68 24.06 -3.69
N LEU A 288 -21.85 24.38 -2.72
CA LEU A 288 -22.21 24.27 -1.31
C LEU A 288 -22.85 25.59 -0.83
N ALA A 289 -22.07 26.66 -0.93
CA ALA A 289 -22.51 27.99 -0.57
C ALA A 289 -23.76 28.41 -1.35
N MET A 290 -23.94 27.84 -2.53
CA MET A 290 -25.03 28.23 -3.44
C MET A 290 -26.33 27.43 -3.27
N MET A 291 -26.46 26.69 -2.19
CA MET A 291 -27.70 25.97 -1.93
C MET A 291 -28.19 26.27 -0.53
N PRO A 292 -29.48 26.02 -0.28
CA PRO A 292 -30.19 26.30 0.97
C PRO A 292 -29.58 25.60 2.16
N SER A 293 -30.16 25.79 3.34
CA SER A 293 -29.72 25.13 4.54
C SER A 293 -30.54 23.89 4.77
N SER A 294 -31.59 23.75 3.96
CA SER A 294 -32.44 22.55 4.00
C SER A 294 -31.76 21.44 3.19
N THR A 295 -31.08 21.82 2.13
CA THR A 295 -30.39 20.90 1.25
C THR A 295 -29.05 20.58 1.90
N ILE A 296 -28.89 21.03 3.13
CA ILE A 296 -27.64 20.79 3.82
C ILE A 296 -27.80 19.86 5.00
N GLN A 297 -28.67 20.23 5.92
CA GLN A 297 -28.84 19.40 7.10
C GLN A 297 -28.95 17.90 6.74
N VAL A 298 -29.99 17.51 6.00
CA VAL A 298 -29.98 16.14 5.50
C VAL A 298 -29.04 16.09 4.29
N LEU A 299 -27.96 15.30 4.41
CA LEU A 299 -27.13 15.00 3.24
C LEU A 299 -26.75 13.51 3.14
N GLY A 300 -26.01 13.01 4.11
CA GLY A 300 -25.67 11.60 4.14
C GLY A 300 -26.84 10.81 4.67
N ALA A 301 -28.00 11.45 4.77
CA ALA A 301 -29.23 10.76 5.12
C ALA A 301 -29.54 9.72 4.04
N GLU A 302 -29.38 10.08 2.77
CA GLU A 302 -29.59 9.11 1.69
C GLU A 302 -28.33 8.32 1.32
N LYS A 303 -27.22 8.62 2.00
CA LYS A 303 -26.09 7.69 2.07
C LYS A 303 -26.06 6.77 3.32
N ALA A 304 -26.78 7.13 4.39
CA ALA A 304 -26.91 6.27 5.57
C ALA A 304 -28.27 5.53 5.70
N LEU A 305 -29.21 5.86 4.82
CA LEU A 305 -30.54 5.25 4.78
C LEU A 305 -30.46 4.13 3.77
N PHE A 306 -29.24 3.92 3.30
CA PHE A 306 -28.95 2.99 2.23
C PHE A 306 -28.86 1.62 2.83
N ARG A 307 -29.09 1.55 4.14
CA ARG A 307 -28.95 0.36 4.97
C ARG A 307 -30.25 -0.43 5.34
N HIS A 308 -31.41 -0.09 4.77
CA HIS A 308 -32.62 -0.93 4.96
C HIS A 308 -33.09 -1.76 3.75
N LEU A 309 -33.58 -1.12 2.70
CA LEU A 309 -33.54 -1.85 1.45
C LEU A 309 -32.49 -1.22 0.50
N ARG A 310 -31.22 -1.63 0.64
CA ARG A 310 -30.24 -1.89 -0.45
C ARG A 310 -29.14 -2.93 -0.03
N THR A 311 -28.37 -2.54 0.99
CA THR A 311 -27.22 -3.30 1.53
C THR A 311 -27.54 -3.84 2.93
N GLY A 312 -27.83 -2.90 3.83
CA GLY A 312 -28.36 -3.14 5.16
C GLY A 312 -27.47 -2.96 6.38
N ALA A 313 -28.08 -2.39 7.42
CA ALA A 313 -27.41 -1.93 8.65
C ALA A 313 -28.38 -1.36 9.69
N LYS A 314 -27.82 -0.61 10.64
CA LYS A 314 -28.59 0.05 11.70
C LYS A 314 -29.78 0.84 11.15
N PRO A 315 -30.84 1.01 11.98
CA PRO A 315 -31.99 1.81 11.54
C PRO A 315 -31.55 3.21 11.07
N PRO A 316 -31.96 3.60 9.86
CA PRO A 316 -31.29 4.61 9.02
C PRO A 316 -30.98 5.95 9.68
N LYS A 317 -29.74 6.41 9.54
CA LYS A 317 -29.27 7.62 10.22
C LYS A 317 -29.32 8.87 9.35
N HIS A 318 -30.16 9.81 9.75
CA HIS A 318 -30.26 11.10 9.09
C HIS A 318 -28.89 11.74 8.98
N GLY A 319 -28.57 12.25 7.80
CA GLY A 319 -27.61 13.33 7.63
C GLY A 319 -26.14 13.01 7.87
N VAL A 320 -25.26 13.82 7.30
CA VAL A 320 -23.84 13.73 7.56
C VAL A 320 -23.50 14.48 8.83
N ILE A 321 -24.10 15.65 8.94
CA ILE A 321 -23.70 16.64 9.92
C ILE A 321 -24.12 16.22 11.34
N TYR A 322 -24.79 15.08 11.44
CA TYR A 322 -25.27 14.57 12.73
C TYR A 322 -24.14 14.08 13.63
N GLN A 323 -22.93 14.10 13.08
CA GLN A 323 -21.70 13.70 13.77
C GLN A 323 -21.16 14.81 14.65
N TYR A 324 -21.83 15.95 14.59
CA TYR A 324 -21.56 17.07 15.47
C TYR A 324 -21.75 16.64 16.94
N PRO A 325 -20.69 16.75 17.76
CA PRO A 325 -20.75 16.23 19.13
C PRO A 325 -21.99 16.68 19.87
N ALA A 326 -22.49 17.86 19.53
CA ALA A 326 -23.69 18.39 20.18
C ALA A 326 -24.98 17.80 19.63
N ILE A 327 -24.95 17.38 18.37
CA ILE A 327 -26.10 16.73 17.79
C ILE A 327 -26.23 15.33 18.38
N ASN A 328 -25.09 14.79 18.78
CA ASN A 328 -24.98 13.41 19.23
C ASN A 328 -25.25 13.24 20.74
N ARG A 329 -24.52 13.97 21.59
CA ARG A 329 -24.70 13.92 23.05
C ARG A 329 -26.13 14.33 23.49
N SER A 330 -26.97 14.78 22.55
CA SER A 330 -28.37 15.11 22.84
C SER A 330 -29.33 14.10 22.17
N PRO A 331 -30.56 13.97 22.72
CA PRO A 331 -31.48 12.83 22.47
C PRO A 331 -32.53 12.88 21.30
N TRP A 332 -33.35 11.84 21.15
CA TRP A 332 -34.58 11.85 20.31
C TRP A 332 -35.58 12.70 21.10
N TRP A 333 -36.86 12.80 20.70
CA TRP A 333 -37.63 13.94 21.22
C TRP A 333 -36.77 15.07 20.63
N GLN A 334 -35.86 15.61 21.44
CA GLN A 334 -34.92 16.65 21.08
C GLN A 334 -33.96 16.20 19.95
N ARG A 335 -32.80 16.85 19.81
CA ARG A 335 -31.92 16.72 18.61
C ARG A 335 -32.58 17.42 17.43
N GLY A 336 -32.67 16.81 16.24
CA GLY A 336 -33.64 17.38 15.32
C GLY A 336 -33.36 18.85 15.06
N LYS A 337 -34.19 19.69 15.70
CA LYS A 337 -34.14 21.16 15.67
C LYS A 337 -32.71 21.76 15.80
N ILE A 338 -31.77 21.00 16.39
CA ILE A 338 -30.36 21.40 16.43
C ILE A 338 -29.70 21.27 15.07
N ALA A 339 -30.03 20.22 14.36
CA ALA A 339 -29.54 20.07 13.00
C ALA A 339 -30.06 21.24 12.16
N ARG A 340 -31.33 21.56 12.33
CA ARG A 340 -31.96 22.64 11.56
C ARG A 340 -31.16 23.92 11.71
N ALA A 341 -30.47 24.03 12.85
CA ALA A 341 -29.70 25.22 13.23
C ALA A 341 -28.27 25.25 12.67
N LEU A 342 -27.46 24.26 13.07
CA LEU A 342 -26.12 24.06 12.54
C LEU A 342 -26.20 24.01 11.03
N ALA A 343 -27.29 23.41 10.55
CA ALA A 343 -27.60 23.45 9.15
C ALA A 343 -27.47 24.90 8.68
N GLY A 344 -28.14 25.81 9.40
CA GLY A 344 -28.20 27.21 9.02
C GLY A 344 -26.83 27.88 9.03
N LYS A 345 -26.17 27.81 10.16
CA LYS A 345 -24.85 28.38 10.31
C LYS A 345 -23.90 27.90 9.20
N LEU A 346 -24.03 26.63 8.83
CA LEU A 346 -23.16 26.01 7.84
C LEU A 346 -23.28 26.59 6.44
N ALA A 347 -24.52 26.84 6.02
CA ALA A 347 -24.72 27.46 4.74
C ALA A 347 -23.97 28.78 4.76
N ILE A 348 -24.16 29.57 5.81
CA ILE A 348 -23.48 30.86 5.92
C ILE A 348 -21.97 30.73 5.84
N ALA A 349 -21.40 29.86 6.68
CA ALA A 349 -19.96 29.70 6.70
C ALA A 349 -19.40 29.47 5.30
N ALA A 350 -20.19 28.81 4.45
CA ALA A 350 -19.74 28.43 3.12
C ALA A 350 -19.60 29.62 2.16
N ARG A 351 -20.61 30.49 2.13
CA ARG A 351 -20.59 31.67 1.27
C ARG A 351 -19.47 32.62 1.65
N VAL A 352 -19.41 32.95 2.94
CA VAL A 352 -18.30 33.74 3.46
C VAL A 352 -16.99 33.16 3.00
N ASP A 353 -16.86 31.84 3.15
CA ASP A 353 -15.68 31.08 2.78
C ASP A 353 -15.39 31.12 1.28
N TYR A 354 -16.43 30.96 0.48
CA TYR A 354 -16.27 31.04 -0.97
C TYR A 354 -15.80 32.43 -1.37
N PHE A 355 -16.57 33.43 -0.94
CA PHE A 355 -16.35 34.79 -1.39
C PHE A 355 -15.17 35.45 -0.68
N SER A 356 -15.18 35.38 0.65
CA SER A 356 -14.30 36.24 1.47
C SER A 356 -13.15 35.48 2.16
N GLY A 357 -13.50 34.55 3.04
CA GLY A 357 -12.49 33.80 3.75
C GLY A 357 -12.34 34.37 5.14
N GLU A 358 -12.85 35.59 5.32
CA GLU A 358 -12.76 36.33 6.56
C GLU A 358 -13.24 35.45 7.70
N TYR A 359 -12.53 35.46 8.82
CA TYR A 359 -12.85 34.46 9.81
C TYR A 359 -13.91 35.04 10.72
N ILE A 360 -15.16 34.78 10.36
CA ILE A 360 -16.33 35.28 11.06
C ILE A 360 -16.89 34.16 11.91
N ALA A 361 -16.15 33.07 11.91
CA ALA A 361 -16.66 31.80 12.40
C ALA A 361 -17.01 31.79 13.88
N GLU A 362 -16.33 32.63 14.65
CA GLU A 362 -16.51 32.64 16.11
C GLU A 362 -17.81 33.32 16.44
N GLU A 363 -18.37 34.04 15.47
CA GLU A 363 -19.63 34.76 15.63
C GLU A 363 -20.78 33.78 15.60
N LEU A 364 -21.01 33.16 14.43
CA LEU A 364 -22.08 32.16 14.31
C LEU A 364 -21.80 31.00 15.24
N LYS A 365 -20.53 30.65 15.41
CA LYS A 365 -20.21 29.61 16.34
C LYS A 365 -20.84 29.97 17.65
N LYS A 366 -20.76 31.25 18.01
CA LYS A 366 -21.35 31.71 19.27
C LYS A 366 -22.87 31.88 19.17
N GLU A 367 -23.33 32.37 18.03
CA GLU A 367 -24.76 32.53 17.76
C GLU A 367 -25.44 31.16 17.77
N LEU A 368 -24.82 30.17 17.15
CA LEU A 368 -25.27 28.79 17.30
C LEU A 368 -25.25 28.29 18.75
N GLU A 369 -24.12 28.35 19.43
CA GLU A 369 -24.02 27.71 20.74
C GLU A 369 -25.20 28.06 21.62
N ALA A 370 -25.36 29.35 21.89
CA ALA A 370 -26.47 29.81 22.69
C ALA A 370 -27.81 29.55 21.99
N ARG A 371 -27.77 29.05 20.77
CA ARG A 371 -29.00 28.84 20.01
C ARG A 371 -29.79 27.56 20.26
N ILE A 372 -31.08 27.76 20.13
CA ILE A 372 -32.12 26.78 20.45
C ILE A 372 -31.92 26.06 21.81
N ARG A 373 -31.62 26.87 22.83
CA ARG A 373 -31.86 26.45 24.20
C ARG A 373 -33.37 26.35 24.32
N LEU A 374 -33.86 25.50 25.24
CA LEU A 374 -35.13 24.80 24.94
C LEU A 374 -36.08 24.13 25.98
N VAL A 375 -37.01 23.40 25.33
CA VAL A 375 -37.95 22.42 25.87
C VAL A 375 -37.35 21.01 25.89
N LEU A 376 -38.00 20.04 26.56
CA LEU A 376 -37.34 18.76 26.95
C LEU A 376 -38.15 17.44 26.92
N PHE B 14 39.38 -20.28 -18.79
CA PHE B 14 39.80 -19.12 -18.01
C PHE B 14 39.15 -19.20 -16.66
N ILE B 15 37.85 -18.97 -16.61
CA ILE B 15 37.20 -18.67 -15.35
C ILE B 15 36.17 -19.67 -14.82
N SER B 16 36.53 -20.34 -13.73
CA SER B 16 35.67 -21.33 -13.09
C SER B 16 35.55 -21.09 -11.60
N GLU B 17 34.47 -21.60 -11.01
CA GLU B 17 34.15 -21.34 -9.62
C GLU B 17 34.37 -22.60 -8.79
N ASN B 18 34.83 -22.40 -7.57
CA ASN B 18 35.17 -23.48 -6.63
C ASN B 18 34.14 -23.47 -5.51
N VAL B 19 34.37 -24.29 -4.49
CA VAL B 19 33.61 -24.27 -3.25
C VAL B 19 34.27 -23.29 -2.23
N ARG B 20 35.34 -22.64 -2.70
CA ARG B 20 36.24 -21.77 -1.91
C ARG B 20 36.48 -20.40 -2.55
N GLY B 21 36.91 -20.38 -3.81
CA GLY B 21 37.03 -19.12 -4.52
C GLY B 21 36.78 -19.19 -6.02
N ILE B 22 36.69 -18.02 -6.63
CA ILE B 22 36.56 -17.91 -8.08
C ILE B 22 37.94 -17.83 -8.73
N TYR B 23 38.32 -18.86 -9.49
CA TYR B 23 39.63 -18.95 -10.15
C TYR B 23 39.60 -18.65 -11.64
N ALA B 24 40.60 -17.90 -12.09
CA ALA B 24 40.81 -17.63 -13.50
C ALA B 24 42.16 -18.21 -13.87
N PHE B 25 42.17 -19.07 -14.89
CA PHE B 25 43.36 -19.80 -15.29
C PHE B 25 43.88 -19.32 -16.64
N ASP B 26 45.20 -19.40 -16.80
CA ASP B 26 45.86 -19.12 -18.09
C ASP B 26 45.40 -20.10 -19.19
N GLU B 27 45.55 -19.68 -20.45
CA GLU B 27 45.20 -20.53 -21.58
C GLU B 27 45.89 -21.90 -21.53
N ASN B 28 47.06 -22.02 -20.90
CA ASN B 28 47.64 -23.36 -20.89
C ASN B 28 47.09 -24.21 -19.76
N GLY B 29 47.79 -24.22 -18.61
CA GLY B 29 47.29 -24.81 -17.38
C GLY B 29 47.24 -23.86 -16.21
N ASN B 30 47.89 -22.72 -16.40
CA ASN B 30 48.40 -21.95 -15.28
C ASN B 30 47.44 -21.10 -14.48
N LEU B 31 47.84 -20.80 -13.25
CA LEU B 31 47.01 -20.08 -12.29
C LEU B 31 46.47 -18.69 -12.70
N ILE B 32 47.34 -17.76 -13.05
CA ILE B 32 46.96 -16.33 -13.06
C ILE B 32 46.60 -15.95 -11.60
N GLU B 33 45.37 -15.49 -11.35
CA GLU B 33 44.97 -15.17 -9.96
C GLU B 33 43.66 -15.80 -9.44
N LYS B 34 43.30 -15.44 -8.21
CA LYS B 34 42.12 -16.01 -7.57
C LYS B 34 41.53 -15.08 -6.50
N ARG B 35 40.20 -15.13 -6.36
CA ARG B 35 39.53 -14.36 -5.33
C ARG B 35 38.74 -15.31 -4.42
N TYR B 36 38.99 -15.23 -3.12
CA TYR B 36 38.23 -16.05 -2.18
C TYR B 36 36.85 -15.47 -1.84
N PHE B 37 35.92 -16.35 -1.52
CA PHE B 37 34.58 -15.91 -1.22
C PHE B 37 34.66 -15.12 0.08
N THR B 38 34.23 -13.87 0.01
CA THR B 38 34.34 -12.95 1.14
C THR B 38 33.19 -13.02 2.18
N ASP B 39 32.00 -13.34 1.71
CA ASP B 39 30.86 -13.72 2.56
C ASP B 39 30.80 -15.24 2.70
N LYS B 40 29.64 -15.73 3.15
CA LYS B 40 29.37 -17.17 3.23
C LYS B 40 29.28 -17.81 1.85
N PRO B 41 30.17 -18.76 1.57
CA PRO B 41 30.37 -19.35 0.25
C PRO B 41 29.08 -19.94 -0.29
N GLU B 42 28.31 -20.51 0.61
CA GLU B 42 26.98 -21.00 0.30
C GLU B 42 26.16 -19.93 -0.46
N LYS B 43 26.28 -18.70 0.03
CA LYS B 43 25.53 -17.52 -0.45
C LYS B 43 26.00 -17.07 -1.83
N VAL B 44 27.31 -16.82 -1.96
CA VAL B 44 27.89 -16.38 -3.23
C VAL B 44 27.58 -17.34 -4.35
N LEU B 45 27.80 -18.62 -4.05
CA LEU B 45 27.67 -19.68 -5.03
C LEU B 45 26.27 -19.76 -5.56
N ASP B 46 25.29 -19.65 -4.67
CA ASP B 46 23.91 -19.65 -5.13
C ASP B 46 23.74 -18.72 -6.34
N GLN B 47 24.23 -17.49 -6.23
CA GLN B 47 24.17 -16.54 -7.35
C GLN B 47 25.02 -16.97 -8.53
N LEU B 48 26.28 -17.31 -8.25
CA LEU B 48 27.16 -17.70 -9.33
C LEU B 48 26.69 -18.95 -10.07
N LEU B 49 26.37 -20.01 -9.35
CA LEU B 49 25.90 -21.24 -9.99
C LEU B 49 24.67 -21.00 -10.85
N LYS B 50 23.79 -20.10 -10.39
CA LYS B 50 22.54 -19.79 -11.09
C LYS B 50 22.73 -19.13 -12.45
N GLY B 51 23.93 -18.58 -12.65
CA GLY B 51 24.24 -17.80 -13.84
C GLY B 51 24.41 -16.34 -13.47
N GLU B 52 24.11 -16.02 -12.22
CA GLU B 52 24.23 -14.64 -11.74
C GLU B 52 25.68 -14.19 -11.51
N ILE B 53 25.91 -12.90 -11.72
CA ILE B 53 27.24 -12.28 -11.68
C ILE B 53 27.34 -11.47 -10.39
N THR B 54 28.36 -11.73 -9.56
CA THR B 54 28.58 -10.91 -8.35
C THR B 54 29.88 -10.15 -8.41
N LYS B 55 30.15 -9.45 -7.31
CA LYS B 55 31.27 -8.52 -7.21
C LYS B 55 32.58 -9.23 -7.10
N ASP B 56 32.60 -10.29 -6.30
CA ASP B 56 33.76 -11.16 -6.18
C ASP B 56 34.24 -11.49 -7.60
N LEU B 57 33.30 -11.74 -8.52
CA LEU B 57 33.63 -11.91 -9.94
C LEU B 57 34.18 -10.65 -10.62
N GLU B 58 33.45 -9.53 -10.48
CA GLU B 58 33.79 -8.27 -11.14
C GLU B 58 35.08 -7.67 -10.61
N GLU B 59 35.33 -7.85 -9.32
CA GLU B 59 36.62 -7.50 -8.74
C GLU B 59 37.73 -8.28 -9.45
N LEU B 60 37.40 -9.49 -9.87
CA LEU B 60 38.41 -10.28 -10.55
C LEU B 60 38.67 -9.73 -11.93
N LEU B 61 37.66 -9.78 -12.81
CA LEU B 61 37.84 -9.42 -14.23
C LEU B 61 38.56 -8.07 -14.45
N ASN B 62 38.30 -7.09 -13.59
CA ASN B 62 38.90 -5.76 -13.74
C ASN B 62 40.39 -5.95 -13.56
N SER B 63 40.73 -6.72 -12.53
CA SER B 63 42.09 -7.16 -12.26
C SER B 63 42.69 -7.96 -13.44
N LEU B 64 41.84 -8.68 -14.17
CA LEU B 64 42.31 -9.43 -15.35
C LEU B 64 42.55 -8.53 -16.57
N LYS B 65 41.70 -7.50 -16.71
CA LYS B 65 41.87 -6.45 -17.71
C LYS B 65 43.19 -5.79 -17.38
N GLU B 66 43.39 -5.56 -16.08
CA GLU B 66 44.58 -4.91 -15.56
C GLU B 66 45.88 -5.52 -16.07
N LYS B 67 45.90 -6.84 -16.18
CA LYS B 67 47.07 -7.54 -16.68
C LYS B 67 46.99 -7.73 -18.22
N GLY B 68 46.01 -7.07 -18.80
CA GLY B 68 45.77 -7.04 -20.24
C GLY B 68 44.99 -8.18 -20.88
N TYR B 69 43.88 -8.57 -20.27
CA TYR B 69 43.03 -9.59 -20.86
C TYR B 69 41.68 -9.09 -21.33
N ASP B 70 41.51 -9.00 -22.64
CA ASP B 70 40.17 -8.88 -23.23
C ASP B 70 39.54 -10.28 -23.37
N GLU B 71 40.41 -11.30 -23.51
CA GLU B 71 40.01 -12.70 -23.61
C GLU B 71 39.16 -13.13 -22.40
N PHE B 72 37.94 -13.63 -22.67
CA PHE B 72 37.09 -14.13 -21.58
C PHE B 72 36.22 -15.39 -21.85
N VAL B 73 36.35 -16.39 -20.97
CA VAL B 73 35.52 -17.58 -21.04
C VAL B 73 34.97 -18.07 -19.68
N PHE B 74 33.72 -18.52 -19.69
CA PHE B 74 33.00 -18.92 -18.49
C PHE B 74 32.31 -20.24 -18.72
N GLU B 75 31.92 -20.92 -17.64
CA GLU B 75 31.24 -22.20 -17.77
C GLU B 75 29.71 -22.07 -17.89
N HIS B 76 29.16 -20.88 -17.63
CA HIS B 76 27.71 -20.69 -17.68
C HIS B 76 27.40 -19.68 -18.77
N PRO B 77 26.26 -19.88 -19.46
CA PRO B 77 25.77 -19.00 -20.54
C PRO B 77 25.45 -17.56 -20.11
N GLU B 78 24.95 -17.39 -18.89
CA GLU B 78 24.61 -16.06 -18.39
C GLU B 78 25.82 -15.33 -17.82
N LEU B 79 26.82 -16.08 -17.35
CA LEU B 79 28.00 -15.45 -16.78
C LEU B 79 28.75 -14.73 -17.85
N SER B 80 28.69 -15.29 -19.06
CA SER B 80 29.28 -14.67 -20.24
C SER B 80 28.39 -13.62 -20.91
N ARG B 81 27.09 -13.89 -21.02
CA ARG B 81 26.15 -12.99 -21.73
C ARG B 81 25.95 -11.67 -20.99
N ARG B 82 25.93 -11.74 -19.67
CA ARG B 82 25.82 -10.54 -18.86
C ARG B 82 27.21 -10.10 -18.41
N ALA B 83 28.24 -10.79 -18.89
CA ALA B 83 29.60 -10.32 -18.76
C ALA B 83 29.90 -9.32 -19.89
N LYS B 84 29.30 -9.59 -21.06
CA LYS B 84 29.28 -8.66 -22.20
C LYS B 84 28.39 -7.44 -21.90
N GLU B 85 27.31 -7.68 -21.15
CA GLU B 85 26.43 -6.63 -20.64
C GLU B 85 27.20 -5.82 -19.55
N LEU B 86 28.43 -6.26 -19.28
CA LEU B 86 29.43 -5.53 -18.50
C LEU B 86 30.57 -4.84 -19.25
N GLY B 87 30.50 -4.64 -20.58
CA GLY B 87 31.71 -4.67 -21.38
C GLY B 87 32.15 -6.04 -21.90
N PHE B 88 33.13 -6.65 -21.24
CA PHE B 88 34.07 -7.65 -21.79
C PHE B 88 33.58 -8.81 -22.66
N SER B 89 34.35 -9.06 -23.72
CA SER B 89 33.96 -10.02 -24.73
C SER B 89 34.33 -11.36 -24.16
N ALA B 90 33.30 -12.13 -23.82
CA ALA B 90 33.46 -13.41 -23.17
C ALA B 90 32.85 -14.46 -24.09
N THR B 91 32.88 -15.70 -23.65
CA THR B 91 32.13 -16.74 -24.34
C THR B 91 31.78 -17.83 -23.33
N THR B 92 30.76 -18.61 -23.64
CA THR B 92 30.42 -19.74 -22.80
C THR B 92 31.07 -21.00 -23.36
N GLU B 93 31.82 -21.71 -22.53
CA GLU B 93 32.22 -23.10 -22.78
C GLU B 93 32.18 -23.95 -21.49
N PHE B 94 31.48 -25.09 -21.53
CA PHE B 94 31.56 -26.05 -20.43
C PHE B 94 32.91 -26.72 -20.44
N PRO B 95 33.03 -27.93 -19.90
CA PRO B 95 34.10 -28.16 -18.92
C PRO B 95 35.40 -27.55 -19.43
N ASN B 96 35.43 -26.21 -19.36
CA ASN B 96 36.53 -25.40 -19.86
C ASN B 96 37.82 -25.60 -19.08
N ILE B 97 38.92 -25.13 -19.66
CA ILE B 97 40.26 -25.39 -19.15
C ILE B 97 40.30 -25.26 -17.62
N ALA B 98 39.55 -24.30 -17.09
CA ALA B 98 39.54 -23.97 -15.67
C ALA B 98 38.78 -24.98 -14.80
N GLY B 99 37.49 -25.15 -15.07
CA GLY B 99 36.70 -26.14 -14.35
C GLY B 99 37.42 -27.48 -14.35
N GLU B 100 38.03 -27.80 -15.49
CA GLU B 100 38.76 -29.04 -15.63
C GLU B 100 39.96 -29.09 -14.69
N ARG B 101 40.70 -27.97 -14.61
CA ARG B 101 41.83 -27.86 -13.70
C ARG B 101 41.43 -28.12 -12.26
N LEU B 102 40.44 -27.36 -11.79
CA LEU B 102 40.01 -27.45 -10.39
C LEU B 102 39.43 -28.82 -10.05
N ARG B 103 38.47 -29.29 -10.86
CA ARG B 103 37.81 -30.56 -10.56
C ARG B 103 38.71 -31.75 -10.82
N SER B 104 39.80 -31.52 -11.55
CA SER B 104 40.74 -32.59 -11.83
C SER B 104 41.47 -33.01 -10.57
N ASN B 105 42.07 -32.06 -9.88
CA ASN B 105 42.86 -32.41 -8.72
C ASN B 105 42.72 -31.38 -7.61
N PRO B 106 41.60 -31.43 -6.88
CA PRO B 106 41.17 -30.31 -6.06
C PRO B 106 42.13 -30.05 -4.92
N GLU B 107 42.72 -31.09 -4.38
CA GLU B 107 43.60 -30.88 -3.26
C GLU B 107 44.81 -30.02 -3.62
N GLU B 108 45.05 -29.82 -4.91
CA GLU B 108 46.08 -28.86 -5.32
C GLU B 108 45.71 -27.57 -4.64
N PHE B 109 44.48 -27.12 -4.90
CA PHE B 109 43.96 -25.84 -4.40
C PHE B 109 43.42 -25.86 -2.97
N LEU B 110 42.80 -26.97 -2.58
CA LEU B 110 42.11 -27.12 -1.29
C LEU B 110 42.77 -27.88 -0.11
N GLY B 111 44.02 -28.29 -0.25
CA GLY B 111 44.66 -29.06 0.79
C GLY B 111 44.24 -30.52 0.71
N GLU B 112 44.56 -31.31 1.73
CA GLU B 112 44.22 -32.74 1.72
C GLU B 112 42.78 -33.05 2.20
N ASN B 113 42.21 -32.13 2.96
CA ASN B 113 40.89 -32.34 3.52
C ASN B 113 39.78 -31.76 2.65
N TRP B 114 40.17 -31.43 1.41
CA TRP B 114 39.31 -30.80 0.40
C TRP B 114 37.91 -31.39 0.25
N PHE B 115 37.77 -32.69 0.43
CA PHE B 115 36.42 -33.22 0.38
C PHE B 115 35.58 -32.75 1.58
N GLU B 116 36.12 -32.89 2.79
CA GLU B 116 35.39 -32.52 3.99
C GLU B 116 34.85 -31.11 3.78
N GLU B 117 35.59 -30.33 3.00
CA GLU B 117 35.19 -28.99 2.60
C GLU B 117 34.04 -29.02 1.57
N TYR B 118 34.27 -29.62 0.40
CA TYR B 118 33.22 -29.67 -0.61
C TYR B 118 31.91 -30.13 0.04
N TYR B 119 32.08 -30.91 1.10
CA TYR B 119 30.98 -31.40 1.88
C TYR B 119 30.22 -30.30 2.63
N LYS B 120 30.92 -29.55 3.49
CA LYS B 120 30.28 -28.53 4.34
C LYS B 120 29.56 -27.46 3.52
N VAL B 121 30.29 -26.84 2.60
CA VAL B 121 29.75 -25.83 1.72
C VAL B 121 28.57 -26.41 0.96
N GLY B 122 28.63 -27.72 0.74
CA GLY B 122 27.62 -28.44 -0.02
C GLY B 122 26.35 -28.73 0.75
N VAL B 123 26.49 -29.30 1.94
CA VAL B 123 25.29 -29.57 2.72
C VAL B 123 24.72 -28.21 3.12
N ALA B 124 25.63 -27.26 3.35
CA ALA B 124 25.26 -25.90 3.75
C ALA B 124 24.47 -25.17 2.67
N LEU B 125 24.93 -25.24 1.44
CA LEU B 125 24.20 -24.61 0.35
C LEU B 125 22.83 -25.24 0.20
N THR B 126 22.67 -26.49 0.61
CA THR B 126 21.43 -27.13 0.27
C THR B 126 20.35 -26.75 1.23
N ARG B 127 20.69 -26.75 2.53
CA ARG B 127 19.74 -26.50 3.62
C ARG B 127 19.18 -25.08 3.51
N MET B 128 19.98 -24.24 2.87
CA MET B 128 19.58 -22.89 2.42
C MET B 128 18.43 -22.96 1.42
N ARG B 129 18.60 -23.73 0.35
CA ARG B 129 17.61 -23.79 -0.74
C ARG B 129 16.36 -24.64 -0.46
N ILE B 130 16.43 -25.51 0.54
CA ILE B 130 15.29 -26.35 0.89
C ILE B 130 14.52 -25.75 2.06
N GLN B 131 13.22 -25.57 1.83
CA GLN B 131 12.32 -25.07 2.87
C GLN B 131 12.08 -26.07 4.00
N GLU B 132 11.94 -25.57 5.22
CA GLU B 132 11.80 -26.47 6.36
C GLU B 132 10.48 -27.23 6.28
N GLN B 133 10.46 -28.39 6.93
CA GLN B 133 9.31 -29.28 6.93
C GLN B 133 8.09 -28.51 7.39
N SER B 134 7.05 -28.51 6.58
CA SER B 134 5.80 -27.93 7.01
C SER B 134 4.64 -28.64 6.37
N GLY B 135 3.51 -28.66 7.06
CA GLY B 135 2.31 -29.24 6.50
C GLY B 135 1.22 -28.25 6.20
N ALA B 136 1.51 -26.97 6.41
CA ALA B 136 0.53 -25.95 6.11
C ALA B 136 0.82 -25.29 4.77
N ARG B 137 1.95 -25.65 4.15
CA ARG B 137 2.43 -24.79 3.09
C ARG B 137 1.53 -24.85 1.89
N ASP B 138 0.63 -25.81 1.83
CA ASP B 138 -0.27 -25.84 0.70
C ASP B 138 -1.27 -24.72 0.86
N LYS B 139 -1.63 -24.43 2.10
CA LYS B 139 -2.64 -23.42 2.38
C LYS B 139 -2.00 -22.03 2.46
N MET B 140 -0.68 -21.99 2.59
CA MET B 140 0.08 -20.75 2.56
C MET B 140 0.14 -20.22 1.16
N VAL B 141 0.20 -21.11 0.18
CA VAL B 141 0.25 -20.67 -1.19
C VAL B 141 -1.14 -20.17 -1.54
N ILE B 142 -2.15 -20.74 -0.89
CA ILE B 142 -3.54 -20.42 -1.20
C ILE B 142 -3.91 -19.03 -0.71
N GLN B 143 -3.28 -18.59 0.38
CA GLN B 143 -3.46 -17.22 0.83
C GLN B 143 -2.75 -16.43 -0.23
N ALA B 144 -1.43 -16.62 -0.31
CA ALA B 144 -0.56 -15.85 -1.19
C ALA B 144 -1.07 -15.71 -2.60
N ILE B 145 -1.86 -16.66 -3.07
CA ILE B 145 -2.43 -16.50 -4.40
C ILE B 145 -3.63 -15.55 -4.38
N GLU B 146 -4.46 -15.68 -3.36
CA GLU B 146 -5.57 -14.76 -3.21
C GLU B 146 -5.05 -13.40 -2.74
N ALA B 147 -4.10 -13.45 -1.81
CA ALA B 147 -3.50 -12.25 -1.23
C ALA B 147 -2.84 -11.41 -2.32
N LEU B 148 -2.65 -11.98 -3.49
CA LEU B 148 -2.20 -11.17 -4.61
C LEU B 148 -3.34 -10.71 -5.54
N ASP B 149 -4.52 -11.30 -5.35
CA ASP B 149 -5.74 -10.87 -6.05
C ASP B 149 -6.34 -9.66 -5.33
N ASP B 150 -6.13 -9.63 -4.01
CA ASP B 150 -6.50 -8.47 -3.23
C ASP B 150 -5.59 -7.34 -3.65
N VAL B 151 -4.28 -7.56 -3.63
CA VAL B 151 -3.37 -6.52 -4.04
C VAL B 151 -3.72 -6.07 -5.44
N ASP B 152 -4.49 -6.85 -6.16
CA ASP B 152 -5.00 -6.41 -7.45
C ASP B 152 -6.28 -5.56 -7.46
N LYS B 153 -7.14 -5.71 -6.45
CA LYS B 153 -8.26 -4.76 -6.31
C LYS B 153 -7.68 -3.42 -5.91
N VAL B 154 -6.91 -3.50 -4.84
CA VAL B 154 -6.23 -2.40 -4.20
C VAL B 154 -5.50 -1.49 -5.20
N ILE B 155 -4.80 -2.07 -6.16
CA ILE B 155 -4.04 -1.24 -7.11
C ILE B 155 -4.89 -0.51 -8.16
N ASN B 156 -5.79 -1.21 -8.82
CA ASN B 156 -6.70 -0.55 -9.75
C ASN B 156 -7.43 0.57 -9.06
N LEU B 157 -7.72 0.38 -7.77
CA LEU B 157 -8.44 1.36 -6.95
C LEU B 157 -7.61 2.59 -6.57
N LEU B 158 -6.37 2.37 -6.15
CA LEU B 158 -5.53 3.49 -5.76
C LEU B 158 -4.92 4.13 -6.99
N VAL B 159 -5.07 3.50 -8.15
CA VAL B 159 -4.72 4.21 -9.37
C VAL B 159 -5.90 5.07 -9.80
N ALA B 160 -7.10 4.52 -9.66
CA ALA B 160 -8.30 5.26 -10.00
C ALA B 160 -8.29 6.63 -9.33
N ARG B 161 -7.91 6.66 -8.06
CA ARG B 161 -7.71 7.92 -7.35
C ARG B 161 -6.63 8.81 -7.96
N LEU B 162 -5.38 8.34 -7.96
CA LEU B 162 -4.28 9.13 -8.46
C LEU B 162 -4.47 9.53 -9.92
N ARG B 163 -5.42 8.91 -10.63
CA ARG B 163 -5.66 9.29 -12.01
C ARG B 163 -6.43 10.61 -12.18
N GLU B 164 -7.59 10.73 -11.54
CA GLU B 164 -8.37 11.94 -11.67
C GLU B 164 -7.89 13.06 -10.76
N TRP B 165 -7.38 12.72 -9.59
CA TRP B 165 -6.85 13.73 -8.69
C TRP B 165 -5.69 14.42 -9.40
N TYR B 166 -4.70 13.66 -9.88
CA TYR B 166 -3.59 14.33 -10.55
C TYR B 166 -3.98 14.95 -11.89
N SER B 167 -5.17 14.64 -12.37
CA SER B 167 -5.66 15.23 -13.62
C SER B 167 -6.22 16.64 -13.43
N LEU B 168 -6.50 17.01 -12.19
CA LEU B 168 -6.87 18.37 -11.88
C LEU B 168 -5.74 19.24 -12.39
N HIS B 169 -4.52 18.82 -12.10
CA HIS B 169 -3.35 19.60 -12.38
C HIS B 169 -2.85 19.42 -13.81
N PHE B 170 -3.17 18.25 -14.37
CA PHE B 170 -2.77 17.86 -15.74
C PHE B 170 -3.81 16.92 -16.37
N PRO B 171 -4.94 17.45 -16.85
CA PRO B 171 -6.01 16.55 -17.30
C PRO B 171 -5.55 15.67 -18.44
N GLU B 172 -4.85 16.29 -19.39
CA GLU B 172 -4.42 15.65 -20.63
C GLU B 172 -3.85 14.26 -20.42
N LEU B 173 -2.79 14.19 -19.62
CA LEU B 173 -1.95 13.01 -19.57
C LEU B 173 -2.66 11.74 -19.10
N ASP B 174 -3.92 11.86 -18.68
CA ASP B 174 -4.75 10.69 -18.33
C ASP B 174 -4.89 9.69 -19.47
N GLU B 175 -5.49 10.10 -20.59
CA GLU B 175 -5.33 9.24 -21.75
C GLU B 175 -4.19 9.89 -22.54
N LEU B 176 -2.98 9.49 -22.17
CA LEU B 176 -1.73 9.80 -22.87
C LEU B 176 -0.82 8.64 -22.58
N LEU B 177 -0.69 8.38 -21.28
CA LEU B 177 0.04 7.24 -20.74
C LEU B 177 -0.96 6.32 -20.10
N PRO B 178 -1.71 5.55 -20.90
CA PRO B 178 -2.72 4.65 -20.34
C PRO B 178 -2.10 3.43 -19.64
N LYS B 179 -0.82 3.17 -19.87
CA LYS B 179 -0.17 2.05 -19.21
C LYS B 179 0.11 2.52 -17.76
N HIS B 180 -0.52 1.88 -16.78
CA HIS B 180 -0.51 2.36 -15.39
C HIS B 180 0.86 2.50 -14.74
N PRO B 181 1.67 1.45 -14.78
CA PRO B 181 2.93 1.51 -14.07
C PRO B 181 3.76 2.75 -14.44
N GLN B 182 3.57 3.26 -15.65
CA GLN B 182 4.29 4.48 -16.06
C GLN B 182 3.62 5.82 -15.63
N TYR B 183 2.30 5.90 -15.77
CA TYR B 183 1.56 7.09 -15.32
C TYR B 183 2.07 7.36 -13.91
N VAL B 184 1.90 6.37 -13.06
CA VAL B 184 2.39 6.38 -11.70
C VAL B 184 3.80 6.95 -11.56
N ALA B 185 4.79 6.28 -12.14
CA ALA B 185 6.18 6.72 -11.98
C ALA B 185 6.41 8.10 -12.55
N PHE B 186 5.54 8.53 -13.46
CA PHE B 186 5.54 9.93 -13.86
C PHE B 186 5.30 10.82 -12.64
N VAL B 187 4.09 10.72 -12.10
CA VAL B 187 3.70 11.44 -10.90
C VAL B 187 4.78 11.31 -9.80
N LYS B 188 5.38 10.14 -9.65
CA LYS B 188 6.30 9.87 -8.55
C LYS B 188 7.68 10.53 -8.65
N THR B 189 8.13 10.79 -9.87
CA THR B 189 9.46 11.38 -10.08
C THR B 189 9.36 12.76 -10.72
N VAL B 190 8.71 12.80 -11.87
CA VAL B 190 8.44 14.06 -12.51
C VAL B 190 7.84 15.06 -11.53
N GLY B 191 6.83 14.66 -10.77
CA GLY B 191 6.21 15.60 -9.85
C GLY B 191 5.45 16.74 -10.51
N HIS B 192 5.86 17.98 -10.25
CA HIS B 192 5.07 19.11 -10.71
C HIS B 192 5.06 19.24 -12.24
N ARG B 193 3.94 19.69 -12.76
CA ARG B 193 3.70 19.78 -14.19
C ARG B 193 4.83 20.51 -14.94
N ASP B 194 5.58 21.34 -14.24
CA ASP B 194 6.68 22.05 -14.87
C ASP B 194 8.06 21.40 -14.64
N ASN B 195 8.12 20.30 -13.91
CA ASN B 195 9.39 19.60 -13.68
C ASN B 195 9.77 18.75 -14.89
N ILE B 196 8.75 18.41 -15.67
CA ILE B 196 8.89 17.56 -16.84
C ILE B 196 9.75 18.18 -17.95
N ASN B 197 10.73 17.43 -18.42
CA ASN B 197 11.56 17.87 -19.53
C ASN B 197 12.02 16.66 -20.32
N GLU B 198 12.43 16.87 -21.56
CA GLU B 198 12.74 15.74 -22.43
C GLU B 198 13.58 14.70 -21.69
N GLU B 199 14.68 15.14 -21.09
CA GLU B 199 15.62 14.22 -20.47
C GLU B 199 14.96 13.23 -19.49
N VAL B 200 14.21 13.76 -18.53
CA VAL B 200 13.61 12.92 -17.50
C VAL B 200 12.30 12.27 -17.97
N LEU B 201 11.84 12.67 -19.16
CA LEU B 201 10.66 12.07 -19.78
C LEU B 201 11.02 10.75 -20.44
N ARG B 202 12.23 10.68 -20.98
CA ARG B 202 12.70 9.44 -21.60
C ARG B 202 13.18 8.44 -20.55
N GLU B 203 13.81 8.94 -19.50
CA GLU B 203 14.31 8.09 -18.44
C GLU B 203 13.17 7.27 -17.86
N LEU B 204 11.95 7.61 -18.26
CA LEU B 204 10.73 6.93 -17.83
C LEU B 204 10.17 5.80 -18.73
N GLY B 205 10.92 5.32 -19.74
CA GLY B 205 10.31 4.63 -20.89
C GLY B 205 10.10 5.60 -22.04
N LEU B 206 8.91 5.65 -22.64
CA LEU B 206 8.60 6.85 -23.44
C LEU B 206 9.28 7.04 -24.79
N SER B 207 8.56 6.65 -25.83
CA SER B 207 9.10 6.80 -27.17
C SER B 207 9.46 8.26 -27.42
N GLU B 208 9.95 8.51 -28.63
CA GLU B 208 10.53 9.79 -29.02
C GLU B 208 9.42 10.78 -29.39
N GLU B 209 8.29 10.19 -29.72
CA GLU B 209 7.04 10.89 -29.89
C GLU B 209 6.32 11.07 -28.56
N LYS B 210 6.38 10.07 -27.69
CA LYS B 210 5.62 10.19 -26.45
C LYS B 210 6.15 11.40 -25.70
N ILE B 211 7.46 11.61 -25.79
CA ILE B 211 8.15 12.71 -25.12
C ILE B 211 7.73 14.06 -25.67
N LYS B 212 6.90 14.03 -26.72
CA LYS B 212 6.33 15.23 -27.34
C LYS B 212 4.83 15.29 -27.10
N LYS B 213 4.11 14.25 -27.52
CA LYS B 213 2.65 14.22 -27.44
C LYS B 213 2.16 14.74 -26.08
N ILE B 214 2.91 14.46 -25.02
CA ILE B 214 2.72 15.11 -23.71
C ILE B 214 3.39 16.51 -23.58
N LEU B 215 4.67 16.63 -23.95
CA LEU B 215 5.43 17.89 -23.74
C LEU B 215 4.73 19.05 -24.40
N GLU B 216 3.85 18.75 -25.34
CA GLU B 216 3.08 19.76 -26.02
C GLU B 216 1.97 20.17 -25.09
N ALA B 217 1.32 19.17 -24.49
CA ALA B 217 0.25 19.43 -23.52
C ALA B 217 0.77 20.12 -22.25
N LYS B 218 1.95 19.73 -21.76
CA LYS B 218 2.53 20.41 -20.59
C LYS B 218 2.56 21.94 -20.79
N GLU B 219 2.88 22.35 -22.02
CA GLU B 219 3.20 23.73 -22.39
C GLU B 219 1.95 24.59 -22.46
N LYS B 220 0.84 23.97 -22.83
CA LYS B 220 -0.48 24.58 -22.70
C LYS B 220 -1.42 23.52 -22.22
N THR B 221 -2.24 23.84 -21.23
CA THR B 221 -3.10 22.84 -20.62
C THR B 221 -4.31 23.52 -19.96
N MET B 222 -5.38 22.77 -19.72
CA MET B 222 -6.57 23.29 -19.08
C MET B 222 -6.35 23.14 -17.60
N GLY B 223 -5.14 22.72 -17.26
CA GLY B 223 -4.78 22.33 -15.92
C GLY B 223 -4.92 23.39 -14.84
N ALA B 224 -5.45 22.96 -13.71
CA ALA B 224 -5.52 23.76 -12.50
C ALA B 224 -4.10 23.90 -11.97
N TRP B 225 -3.95 24.57 -10.84
CA TRP B 225 -2.60 24.79 -10.33
C TRP B 225 -2.37 24.27 -8.92
N MET B 226 -1.26 23.56 -8.73
CA MET B 226 -0.88 23.03 -7.44
C MET B 226 0.50 23.56 -7.02
N ASP B 227 0.75 23.57 -5.73
CA ASP B 227 2.02 24.06 -5.21
C ASP B 227 2.70 22.92 -4.48
N GLN B 228 3.87 23.20 -3.88
CA GLN B 228 4.72 22.17 -3.29
C GLN B 228 4.00 21.30 -2.26
N THR B 229 2.80 21.71 -1.89
CA THR B 229 2.01 20.96 -0.92
C THR B 229 0.96 20.04 -1.52
N ASP B 230 0.06 20.57 -2.33
CA ASP B 230 -0.86 19.70 -3.07
C ASP B 230 -0.14 18.54 -3.74
N ILE B 231 0.94 18.85 -4.50
CA ILE B 231 1.78 17.84 -5.17
C ILE B 231 2.28 16.83 -4.17
N GLU B 232 3.02 17.31 -3.19
CA GLU B 232 3.73 16.47 -2.26
C GLU B 232 2.86 15.39 -1.65
N VAL B 233 1.55 15.54 -1.61
CA VAL B 233 0.70 14.44 -1.15
C VAL B 233 0.42 13.43 -2.25
N VAL B 234 0.08 13.95 -3.42
CA VAL B 234 -0.32 13.10 -4.54
C VAL B 234 0.87 12.22 -4.97
N ARG B 235 2.04 12.84 -5.04
CA ARG B 235 3.29 12.13 -5.22
C ARG B 235 3.54 11.19 -4.05
N GLN B 236 2.76 11.30 -2.98
CA GLN B 236 2.91 10.33 -1.91
C GLN B 236 1.92 9.18 -2.04
N LEU B 237 0.92 9.36 -2.89
CA LEU B 237 0.01 8.28 -3.19
C LEU B 237 0.73 7.43 -4.22
N ALA B 238 1.51 8.10 -5.06
CA ALA B 238 2.26 7.45 -6.12
C ALA B 238 3.40 6.63 -5.56
N GLU B 239 4.03 7.09 -4.49
CA GLU B 239 5.05 6.28 -3.85
C GLU B 239 4.44 5.03 -3.21
N GLU B 240 3.15 5.05 -2.93
CA GLU B 240 2.49 3.84 -2.45
C GLU B 240 2.06 2.86 -3.53
N ILE B 241 1.45 3.36 -4.59
CA ILE B 241 1.16 2.47 -5.71
C ILE B 241 2.46 1.72 -6.01
N ASP B 242 3.56 2.46 -6.01
CA ASP B 242 4.85 1.93 -6.42
C ASP B 242 5.43 0.90 -5.45
N ARG B 243 5.00 0.91 -4.20
CA ARG B 243 5.43 -0.13 -3.30
C ARG B 243 4.46 -1.28 -3.27
N LEU B 244 3.27 -1.05 -3.82
CA LEU B 244 2.27 -2.09 -3.96
C LEU B 244 2.63 -2.99 -5.13
N TYR B 245 3.07 -2.37 -6.22
CA TYR B 245 3.61 -3.10 -7.33
C TYR B 245 4.73 -3.96 -6.79
N GLN B 246 5.70 -3.34 -6.16
CA GLN B 246 6.76 -4.08 -5.54
C GLN B 246 6.23 -5.22 -4.66
N LEU B 247 5.12 -4.99 -3.97
CA LEU B 247 4.59 -6.04 -3.12
C LEU B 247 4.03 -7.14 -3.98
N ARG B 248 3.70 -6.82 -5.24
CA ARG B 248 3.25 -7.88 -6.15
C ARG B 248 4.43 -8.78 -6.51
N LYS B 249 5.51 -8.19 -7.02
CA LYS B 249 6.66 -8.95 -7.44
C LYS B 249 6.97 -9.98 -6.36
N LYS B 250 7.28 -9.52 -5.16
CA LYS B 250 7.59 -10.46 -4.07
C LYS B 250 6.49 -11.44 -3.63
N LEU B 251 5.26 -11.25 -4.09
CA LEU B 251 4.23 -12.22 -3.80
C LEU B 251 4.25 -13.41 -4.78
N GLU B 252 4.36 -13.14 -6.07
CA GLU B 252 4.49 -14.23 -7.00
C GLU B 252 5.84 -14.90 -6.84
N ASP B 253 6.88 -14.10 -6.63
CA ASP B 253 8.21 -14.63 -6.36
C ASP B 253 8.14 -15.69 -5.27
N TYR B 254 7.32 -15.42 -4.26
CA TYR B 254 7.08 -16.41 -3.23
C TYR B 254 6.37 -17.65 -3.79
N ILE B 255 5.23 -17.45 -4.43
CA ILE B 255 4.49 -18.55 -5.02
C ILE B 255 5.40 -19.46 -5.83
N ASP B 256 6.20 -18.86 -6.68
CA ASP B 256 7.01 -19.64 -7.62
C ASP B 256 8.15 -20.35 -6.90
N ARG B 257 8.39 -20.00 -5.65
CA ARG B 257 9.35 -20.76 -4.85
C ARG B 257 8.78 -21.78 -3.88
N ALA B 258 7.51 -21.68 -3.60
CA ALA B 258 6.96 -22.61 -2.64
C ALA B 258 6.25 -23.65 -3.42
N MET B 259 6.14 -23.42 -4.71
CA MET B 259 5.50 -24.43 -5.49
C MET B 259 6.50 -25.59 -5.53
N ASP B 260 7.78 -25.21 -5.53
CA ASP B 260 8.89 -26.15 -5.50
C ASP B 260 8.68 -27.17 -4.39
N ASP B 261 8.24 -26.68 -3.23
CA ASP B 261 8.09 -27.51 -2.04
C ASP B 261 6.69 -28.04 -1.85
N VAL B 262 5.80 -27.80 -2.81
CA VAL B 262 4.39 -28.21 -2.67
C VAL B 262 3.91 -29.05 -3.86
N ALA B 263 4.04 -28.51 -5.06
CA ALA B 263 3.67 -29.28 -6.22
C ALA B 263 4.68 -29.06 -7.34
N PRO B 264 5.87 -29.68 -7.22
CA PRO B 264 6.92 -29.49 -8.22
C PRO B 264 6.40 -29.75 -9.61
N ASN B 265 5.52 -30.73 -9.76
CA ASN B 265 5.00 -31.16 -11.07
C ASN B 265 3.96 -30.16 -11.56
N LEU B 266 2.87 -30.00 -10.82
CA LEU B 266 1.80 -29.09 -11.22
C LEU B 266 2.46 -27.83 -11.72
N LYS B 267 3.37 -27.34 -10.91
CA LYS B 267 4.19 -26.20 -11.25
C LYS B 267 4.91 -26.40 -12.60
N ALA B 268 5.52 -27.57 -12.81
CA ALA B 268 6.30 -27.80 -14.03
C ALA B 268 5.42 -28.09 -15.22
N LEU B 269 4.14 -28.30 -14.94
CA LEU B 269 3.19 -28.68 -15.96
C LEU B 269 2.42 -27.47 -16.54
N VAL B 270 1.64 -26.82 -15.68
CA VAL B 270 0.89 -25.62 -16.05
C VAL B 270 1.49 -24.27 -15.60
N GLY B 271 2.56 -24.31 -14.81
CA GLY B 271 3.15 -23.08 -14.29
C GLY B 271 2.80 -22.80 -12.84
N ALA B 272 3.72 -22.15 -12.11
CA ALA B 272 3.58 -21.97 -10.68
C ALA B 272 2.32 -21.21 -10.28
N LYS B 273 1.90 -20.25 -11.10
CA LYS B 273 0.74 -19.44 -10.74
C LYS B 273 -0.55 -20.25 -10.90
N LEU B 274 -0.84 -20.70 -12.13
CA LEU B 274 -2.00 -21.54 -12.41
C LEU B 274 -2.04 -22.84 -11.59
N ALA B 275 -0.86 -23.30 -11.21
CA ALA B 275 -0.77 -24.40 -10.26
C ALA B 275 -1.43 -23.97 -8.96
N ALA B 276 -0.90 -22.91 -8.36
CA ALA B 276 -1.37 -22.43 -7.07
C ALA B 276 -2.84 -22.07 -7.15
N ARG B 277 -3.25 -21.55 -8.30
CA ARG B 277 -4.65 -21.23 -8.52
C ARG B 277 -5.51 -22.50 -8.40
N LEU B 278 -5.20 -23.52 -9.20
CA LEU B 278 -5.91 -24.78 -9.12
C LEU B 278 -5.91 -25.38 -7.71
N ILE B 279 -4.77 -25.27 -7.02
CA ILE B 279 -4.70 -25.63 -5.61
C ILE B 279 -5.68 -24.79 -4.79
N SER B 280 -6.01 -23.61 -5.29
CA SER B 280 -6.88 -22.70 -4.54
C SER B 280 -8.34 -23.12 -4.60
N LEU B 281 -8.96 -23.16 -5.77
CA LEU B 281 -10.36 -23.54 -5.71
C LEU B 281 -10.28 -25.04 -5.74
N ALA B 282 -10.01 -25.58 -4.55
CA ALA B 282 -9.78 -26.99 -4.31
C ALA B 282 -10.22 -27.21 -2.89
N GLY B 283 -9.59 -26.38 -2.06
CA GLY B 283 -9.52 -26.50 -0.62
C GLY B 283 -8.10 -26.79 -0.17
N GLY B 284 -7.26 -27.06 -1.16
CA GLY B 284 -5.84 -27.28 -0.93
C GLY B 284 -5.33 -28.35 -1.87
N LEU B 285 -4.15 -28.88 -1.60
CA LEU B 285 -3.60 -29.98 -2.40
C LEU B 285 -4.33 -31.30 -2.15
N ARG B 286 -4.48 -31.66 -0.88
CA ARG B 286 -5.11 -32.93 -0.57
C ARG B 286 -6.42 -33.10 -1.32
N GLU B 287 -7.24 -32.06 -1.36
CA GLU B 287 -8.50 -32.10 -2.10
C GLU B 287 -8.28 -32.13 -3.60
N LEU B 288 -7.31 -31.35 -4.09
CA LEU B 288 -7.04 -31.28 -5.53
C LEU B 288 -6.65 -32.66 -6.00
N ALA B 289 -5.73 -33.27 -5.26
CA ALA B 289 -5.28 -34.64 -5.51
C ALA B 289 -6.41 -35.67 -5.40
N MET B 290 -7.30 -35.45 -4.44
CA MET B 290 -8.25 -36.44 -4.00
C MET B 290 -9.47 -36.59 -4.93
N MET B 291 -9.48 -35.88 -6.05
CA MET B 291 -10.70 -35.80 -6.85
C MET B 291 -10.44 -36.09 -8.32
N PRO B 292 -11.51 -36.37 -9.08
CA PRO B 292 -11.41 -36.78 -10.49
C PRO B 292 -10.76 -35.76 -11.42
N SER B 293 -10.63 -36.13 -12.69
CA SER B 293 -10.13 -35.21 -13.69
C SER B 293 -11.29 -34.40 -14.24
N SER B 294 -12.51 -34.87 -13.97
CA SER B 294 -13.69 -34.18 -14.47
C SER B 294 -14.03 -33.01 -13.59
N THR B 295 -13.71 -33.16 -12.32
CA THR B 295 -13.93 -32.12 -11.33
C THR B 295 -12.73 -31.22 -11.40
N ILE B 296 -11.89 -31.44 -12.39
CA ILE B 296 -10.73 -30.58 -12.59
C ILE B 296 -10.87 -29.71 -13.84
N GLN B 297 -10.99 -30.30 -15.03
CA GLN B 297 -11.07 -29.47 -16.23
C GLN B 297 -12.01 -28.29 -16.03
N VAL B 298 -13.22 -28.53 -15.54
CA VAL B 298 -14.08 -27.42 -15.14
C VAL B 298 -13.87 -27.15 -13.64
N LEU B 299 -13.21 -26.03 -13.33
CA LEU B 299 -12.93 -25.60 -11.96
C LEU B 299 -13.39 -24.16 -11.72
N GLY B 300 -12.84 -23.26 -12.53
CA GLY B 300 -13.12 -21.85 -12.41
C GLY B 300 -14.37 -21.53 -13.17
N ALA B 301 -15.26 -22.52 -13.29
CA ALA B 301 -16.38 -22.35 -14.18
C ALA B 301 -17.50 -21.66 -13.43
N GLU B 302 -17.64 -20.38 -13.73
CA GLU B 302 -18.72 -19.50 -13.34
C GLU B 302 -19.05 -18.74 -14.61
N LYS B 303 -18.04 -18.01 -15.08
CA LYS B 303 -18.07 -17.26 -16.34
C LYS B 303 -17.54 -18.05 -17.55
N ALA B 304 -18.42 -18.29 -18.52
CA ALA B 304 -18.02 -18.65 -19.88
C ALA B 304 -18.41 -17.43 -20.69
N LEU B 305 -19.71 -17.29 -20.90
CA LEU B 305 -20.30 -16.03 -21.33
C LEU B 305 -21.81 -16.19 -21.52
N PHE B 306 -22.47 -15.07 -21.81
CA PHE B 306 -23.93 -14.89 -21.78
C PHE B 306 -24.64 -15.50 -22.97
N ARG B 307 -25.75 -14.85 -23.34
CA ARG B 307 -26.75 -15.28 -24.31
C ARG B 307 -28.09 -15.72 -23.76
N HIS B 308 -28.24 -16.05 -22.47
CA HIS B 308 -29.55 -15.85 -21.85
C HIS B 308 -29.76 -14.77 -20.75
N LEU B 309 -28.70 -14.07 -20.34
CA LEU B 309 -28.88 -13.07 -19.28
C LEU B 309 -30.07 -12.18 -19.65
N ARG B 310 -29.92 -11.36 -20.70
CA ARG B 310 -31.08 -10.82 -21.45
C ARG B 310 -31.50 -11.34 -22.87
N THR B 311 -30.77 -12.24 -23.53
CA THR B 311 -31.10 -12.45 -24.95
C THR B 311 -31.88 -13.74 -25.29
N GLY B 312 -31.14 -14.81 -25.58
CA GLY B 312 -31.61 -16.19 -25.54
C GLY B 312 -30.54 -16.98 -26.26
N ALA B 313 -30.31 -18.22 -25.80
CA ALA B 313 -29.17 -19.02 -26.30
C ALA B 313 -28.87 -20.18 -25.35
N LYS B 314 -27.77 -20.87 -25.61
CA LYS B 314 -27.38 -22.02 -24.78
C LYS B 314 -26.15 -21.78 -23.89
N PRO B 315 -26.13 -22.44 -22.71
CA PRO B 315 -25.38 -22.20 -21.47
C PRO B 315 -23.84 -22.45 -21.26
N PRO B 316 -23.16 -23.33 -22.02
CA PRO B 316 -22.00 -24.05 -21.44
C PRO B 316 -20.81 -23.25 -20.88
N LYS B 317 -19.78 -23.98 -20.45
CA LYS B 317 -18.85 -23.54 -19.40
C LYS B 317 -17.33 -23.43 -19.71
N HIS B 318 -16.66 -22.53 -18.97
CA HIS B 318 -15.20 -22.29 -19.05
C HIS B 318 -14.54 -22.41 -17.66
N GLY B 319 -13.71 -23.44 -17.47
CA GLY B 319 -13.01 -23.63 -16.22
C GLY B 319 -11.63 -23.02 -16.28
N VAL B 320 -10.91 -23.05 -15.18
CA VAL B 320 -9.68 -22.27 -15.08
C VAL B 320 -8.64 -22.62 -16.11
N ILE B 321 -8.37 -23.91 -16.22
CA ILE B 321 -7.13 -24.37 -16.83
C ILE B 321 -6.96 -23.95 -18.32
N TYR B 322 -7.97 -23.26 -18.85
CA TYR B 322 -8.01 -22.87 -20.27
C TYR B 322 -6.95 -21.86 -20.74
N GLN B 323 -6.22 -21.29 -19.80
CA GLN B 323 -5.17 -20.33 -20.12
C GLN B 323 -3.87 -21.03 -20.51
N TYR B 324 -3.90 -22.37 -20.59
CA TYR B 324 -2.76 -23.14 -21.07
C TYR B 324 -2.51 -22.73 -22.53
N PRO B 325 -1.34 -22.14 -22.81
CA PRO B 325 -1.08 -21.51 -24.12
C PRO B 325 -1.48 -22.43 -25.26
N ALA B 326 -1.39 -23.73 -25.02
CA ALA B 326 -1.79 -24.73 -25.99
C ALA B 326 -3.33 -24.83 -26.11
N ILE B 327 -4.05 -24.74 -25.00
CA ILE B 327 -5.50 -24.71 -25.09
C ILE B 327 -5.99 -23.42 -25.71
N ASN B 328 -5.18 -22.37 -25.54
CA ASN B 328 -5.56 -21.03 -25.94
C ASN B 328 -5.36 -20.67 -27.40
N ARG B 329 -4.19 -21.01 -27.95
CA ARG B 329 -3.90 -20.72 -29.35
C ARG B 329 -4.64 -21.67 -30.29
N SER B 330 -5.11 -22.79 -29.73
CA SER B 330 -5.96 -23.78 -30.38
C SER B 330 -7.41 -23.28 -30.35
N PRO B 331 -8.17 -23.53 -31.43
CA PRO B 331 -9.48 -22.94 -31.81
C PRO B 331 -10.82 -23.48 -31.27
N TRP B 332 -11.89 -22.96 -31.88
CA TRP B 332 -13.25 -23.51 -31.87
C TRP B 332 -13.23 -24.79 -32.76
N TRP B 333 -14.35 -25.53 -32.90
CA TRP B 333 -14.25 -26.95 -33.30
C TRP B 333 -13.42 -27.49 -32.15
N GLN B 334 -12.13 -27.64 -32.44
CA GLN B 334 -11.13 -28.20 -31.55
C GLN B 334 -11.16 -27.43 -30.22
N ARG B 335 -10.09 -27.57 -29.45
CA ARG B 335 -10.06 -27.25 -28.01
C ARG B 335 -10.69 -28.31 -27.12
N GLY B 336 -11.75 -27.98 -26.37
CA GLY B 336 -12.06 -28.64 -25.11
C GLY B 336 -11.77 -30.13 -24.98
N LYS B 337 -11.76 -30.87 -26.08
CA LYS B 337 -11.10 -32.18 -26.11
C LYS B 337 -9.68 -32.06 -25.49
N ILE B 338 -9.02 -30.90 -25.67
CA ILE B 338 -7.67 -30.65 -25.13
C ILE B 338 -7.68 -30.32 -23.64
N ALA B 339 -8.82 -29.83 -23.17
CA ALA B 339 -9.03 -29.57 -21.76
C ALA B 339 -9.17 -30.88 -21.01
N ARG B 340 -9.98 -31.78 -21.60
CA ARG B 340 -10.23 -33.13 -21.07
C ARG B 340 -8.91 -33.79 -20.69
N ALA B 341 -7.92 -33.58 -21.55
CA ALA B 341 -6.60 -34.16 -21.40
C ALA B 341 -5.83 -33.52 -20.27
N LEU B 342 -5.51 -32.23 -20.41
CA LEU B 342 -4.70 -31.54 -19.42
C LEU B 342 -5.27 -31.73 -18.03
N ALA B 343 -6.59 -31.94 -17.97
CA ALA B 343 -7.27 -32.19 -16.70
C ALA B 343 -6.76 -33.45 -16.04
N GLY B 344 -6.59 -34.49 -16.86
CA GLY B 344 -6.11 -35.78 -16.40
C GLY B 344 -4.68 -35.75 -15.93
N LYS B 345 -3.77 -35.30 -16.79
CA LYS B 345 -2.37 -35.21 -16.40
C LYS B 345 -2.23 -34.34 -15.16
N LEU B 346 -3.24 -33.52 -14.92
CA LEU B 346 -3.24 -32.70 -13.73
C LEU B 346 -3.55 -33.55 -12.53
N ALA B 347 -4.56 -34.41 -12.65
CA ALA B 347 -4.95 -35.24 -11.52
C ALA B 347 -3.78 -36.13 -11.10
N ILE B 348 -2.98 -36.57 -12.08
CA ILE B 348 -1.82 -37.42 -11.79
C ILE B 348 -0.75 -36.63 -11.08
N ALA B 349 -0.48 -35.44 -11.61
CA ALA B 349 0.47 -34.48 -11.03
C ALA B 349 0.15 -34.13 -9.58
N ALA B 350 -1.14 -33.95 -9.29
CA ALA B 350 -1.62 -33.68 -7.96
C ALA B 350 -1.23 -34.77 -6.95
N ARG B 351 -1.44 -36.03 -7.34
CA ARG B 351 -1.25 -37.20 -6.46
C ARG B 351 0.20 -37.48 -6.14
N VAL B 352 1.05 -37.48 -7.17
CA VAL B 352 2.47 -37.71 -6.94
C VAL B 352 2.99 -36.52 -6.16
N ASP B 353 2.48 -35.35 -6.52
CA ASP B 353 2.85 -34.14 -5.80
C ASP B 353 2.47 -34.24 -4.35
N TYR B 354 1.26 -34.71 -4.06
CA TYR B 354 0.80 -34.87 -2.67
C TYR B 354 1.67 -35.87 -1.89
N PHE B 355 1.72 -37.09 -2.42
CA PHE B 355 2.31 -38.23 -1.73
C PHE B 355 3.82 -38.28 -1.80
N SER B 356 4.38 -37.94 -2.96
CA SER B 356 5.79 -38.27 -3.22
C SER B 356 6.70 -37.06 -3.34
N GLY B 357 6.49 -36.26 -4.35
CA GLY B 357 7.40 -35.16 -4.65
C GLY B 357 8.33 -35.49 -5.79
N GLU B 358 8.45 -36.77 -6.12
CA GLU B 358 9.28 -37.23 -7.22
C GLU B 358 8.93 -36.45 -8.47
N TYR B 359 9.95 -36.02 -9.22
CA TYR B 359 9.66 -35.21 -10.37
C TYR B 359 9.45 -36.20 -11.49
N ILE B 360 8.19 -36.46 -11.78
CA ILE B 360 7.77 -37.29 -12.90
C ILE B 360 7.25 -36.42 -14.02
N ALA B 361 7.31 -35.12 -13.85
CA ALA B 361 6.58 -34.20 -14.72
C ALA B 361 6.81 -34.39 -16.22
N GLU B 362 8.08 -34.37 -16.64
CA GLU B 362 8.45 -34.38 -18.05
C GLU B 362 7.94 -35.60 -18.79
N GLU B 363 7.80 -36.69 -18.05
CA GLU B 363 7.14 -37.88 -18.52
C GLU B 363 5.74 -37.55 -19.06
N LEU B 364 4.80 -37.18 -18.17
CA LEU B 364 3.45 -36.87 -18.61
C LEU B 364 3.35 -35.49 -19.28
N LYS B 365 4.37 -34.67 -19.14
CA LYS B 365 4.36 -33.47 -19.95
C LYS B 365 4.43 -33.91 -21.40
N LYS B 366 5.30 -34.89 -21.67
CA LYS B 366 5.49 -35.47 -23.00
C LYS B 366 4.35 -36.40 -23.39
N GLU B 367 3.79 -37.10 -22.39
CA GLU B 367 2.61 -37.91 -22.61
C GLU B 367 1.48 -37.01 -23.08
N LEU B 368 1.43 -35.78 -22.57
CA LEU B 368 0.39 -34.86 -22.99
C LEU B 368 0.69 -34.20 -24.36
N GLU B 369 1.91 -33.71 -24.56
CA GLU B 369 2.24 -32.99 -25.80
C GLU B 369 1.82 -33.82 -26.97
N ALA B 370 2.52 -34.93 -27.11
CA ALA B 370 2.22 -35.87 -28.15
C ALA B 370 0.74 -36.26 -28.05
N ARG B 371 0.12 -36.01 -26.91
CA ARG B 371 -1.26 -36.43 -26.81
C ARG B 371 -2.23 -35.65 -27.67
N ILE B 372 -3.29 -36.38 -28.00
CA ILE B 372 -4.47 -35.89 -28.68
C ILE B 372 -4.18 -34.92 -29.85
N ARG B 373 -3.11 -35.23 -30.60
CA ARG B 373 -2.95 -34.71 -31.96
C ARG B 373 -4.06 -35.43 -32.72
N LEU B 374 -4.50 -34.89 -33.87
CA LEU B 374 -5.95 -34.98 -34.18
C LEU B 374 -6.65 -34.83 -35.57
N VAL B 375 -7.97 -34.67 -35.41
CA VAL B 375 -9.02 -34.41 -36.40
C VAL B 375 -9.71 -33.00 -36.23
N LEU B 376 -9.87 -32.26 -37.35
CA LEU B 376 -10.03 -30.77 -37.36
C LEU B 376 -11.32 -30.09 -37.89
N LYS C 9 -24.52 50.64 0.05
CA LYS C 9 -23.49 50.49 -0.96
C LYS C 9 -22.97 49.05 -1.07
N PRO C 10 -23.70 48.05 -0.53
CA PRO C 10 -23.15 46.69 -0.59
C PRO C 10 -22.72 46.23 -2.02
N SER C 11 -21.67 45.40 -2.08
CA SER C 11 -20.94 45.02 -3.31
C SER C 11 -21.54 43.80 -4.01
N TYR C 12 -22.59 43.25 -3.42
CA TYR C 12 -23.32 42.13 -4.01
C TYR C 12 -24.52 42.63 -4.80
N VAL C 13 -24.62 43.95 -4.95
CA VAL C 13 -25.63 44.57 -5.80
C VAL C 13 -24.95 44.95 -7.13
N LYS C 14 -25.22 44.20 -8.20
CA LYS C 14 -24.66 44.56 -9.49
C LYS C 14 -25.18 45.90 -10.00
N PHE C 15 -26.45 45.91 -10.40
CA PHE C 15 -27.02 47.09 -11.03
C PHE C 15 -27.44 48.13 -10.00
N GLU C 16 -27.47 49.39 -10.43
CA GLU C 16 -27.96 50.48 -9.58
C GLU C 16 -29.47 50.65 -9.80
N VAL C 17 -30.24 50.40 -8.75
CA VAL C 17 -31.71 50.34 -8.86
C VAL C 17 -32.36 51.69 -8.63
N PRO C 18 -33.43 51.98 -9.38
CA PRO C 18 -34.20 53.20 -9.14
C PRO C 18 -34.79 53.26 -7.73
N LYS C 19 -34.82 54.46 -7.16
CA LYS C 19 -35.44 54.69 -5.87
C LYS C 19 -36.94 54.40 -5.97
N GLU C 20 -37.51 54.54 -7.15
CA GLU C 20 -38.85 53.99 -7.41
C GLU C 20 -38.97 52.52 -8.03
N LEU C 21 -38.34 52.25 -9.17
CA LEU C 21 -38.63 51.00 -9.87
C LEU C 21 -38.58 49.92 -8.85
N ALA C 22 -37.77 50.09 -7.81
CA ALA C 22 -37.85 49.23 -6.64
C ALA C 22 -39.22 49.11 -5.92
N GLU C 23 -39.77 50.15 -5.27
CA GLU C 23 -41.03 49.90 -4.54
C GLU C 23 -42.15 49.44 -5.45
N LYS C 24 -42.03 49.65 -6.75
CA LYS C 24 -43.11 49.18 -7.59
C LYS C 24 -43.13 47.68 -7.42
N ALA C 25 -41.93 47.13 -7.28
CA ALA C 25 -41.76 45.69 -7.08
C ALA C 25 -42.05 45.38 -5.63
N LEU C 26 -41.56 46.23 -4.75
CA LEU C 26 -41.83 46.09 -3.33
C LEU C 26 -43.35 46.10 -3.14
N GLN C 27 -44.05 46.83 -4.02
CA GLN C 27 -45.52 46.81 -4.06
C GLN C 27 -46.10 45.91 -5.15
N ALA C 28 -45.23 45.33 -5.98
CA ALA C 28 -45.68 44.39 -7.00
C ALA C 28 -45.88 43.02 -6.35
N VAL C 29 -45.18 42.82 -5.24
CA VAL C 29 -45.38 41.67 -4.36
C VAL C 29 -46.63 41.81 -3.51
N GLU C 30 -46.77 42.97 -2.85
CA GLU C 30 -47.73 43.12 -1.77
C GLU C 30 -49.08 42.55 -2.16
N ILE C 31 -49.47 42.83 -3.39
CA ILE C 31 -50.70 42.27 -3.95
C ILE C 31 -50.47 41.09 -4.92
N ALA C 32 -49.22 40.70 -5.07
CA ALA C 32 -48.89 39.49 -5.82
C ALA C 32 -49.06 38.27 -4.93
N ARG C 33 -49.41 38.52 -3.68
CA ARG C 33 -49.61 37.46 -2.69
C ARG C 33 -51.06 36.98 -2.71
N ASP C 34 -51.85 37.52 -3.64
CA ASP C 34 -53.28 37.25 -3.71
C ASP C 34 -53.62 36.44 -4.95
N THR C 35 -54.09 35.22 -4.71
CA THR C 35 -54.24 34.16 -5.72
C THR C 35 -53.05 34.08 -6.70
N GLY C 36 -51.88 33.89 -6.09
CA GLY C 36 -50.67 33.40 -6.72
C GLY C 36 -49.81 33.27 -5.48
N LYS C 37 -48.83 32.37 -5.46
CA LYS C 37 -48.03 32.25 -4.24
C LYS C 37 -46.75 33.08 -4.31
N ILE C 38 -46.01 33.08 -3.21
CA ILE C 38 -44.85 33.97 -3.05
C ILE C 38 -43.56 33.27 -2.58
N ARG C 39 -43.65 32.50 -1.49
CA ARG C 39 -42.45 31.90 -0.89
C ARG C 39 -41.55 32.92 -0.20
N LYS C 40 -42.05 33.36 0.96
CA LYS C 40 -41.41 34.31 1.84
C LYS C 40 -40.12 33.78 2.48
N GLY C 41 -39.11 34.64 2.61
CA GLY C 41 -37.85 34.28 3.26
C GLY C 41 -36.75 33.95 2.27
N THR C 42 -35.51 33.86 2.72
CA THR C 42 -34.37 33.62 1.82
C THR C 42 -34.08 32.14 1.56
N ASN C 43 -34.56 31.28 2.44
CA ASN C 43 -34.25 29.87 2.30
C ASN C 43 -35.11 29.28 1.21
N GLU C 44 -36.43 29.33 1.42
CA GLU C 44 -37.35 28.87 0.41
C GLU C 44 -37.32 29.76 -0.85
N THR C 45 -36.63 30.90 -0.78
CA THR C 45 -36.38 31.73 -1.98
C THR C 45 -35.35 31.05 -2.85
N THR C 46 -34.26 30.64 -2.23
CA THR C 46 -33.20 29.93 -2.91
C THR C 46 -33.74 28.61 -3.42
N LYS C 47 -34.60 27.99 -2.62
CA LYS C 47 -35.29 26.79 -3.05
C LYS C 47 -35.89 27.04 -4.43
N ALA C 48 -36.89 27.91 -4.52
CA ALA C 48 -37.53 28.17 -5.78
C ALA C 48 -36.56 28.45 -6.95
N VAL C 49 -35.47 29.20 -6.73
CA VAL C 49 -34.56 29.55 -7.83
C VAL C 49 -33.85 28.34 -8.47
N GLU C 50 -33.56 27.33 -7.66
CA GLU C 50 -32.87 26.12 -8.15
C GLU C 50 -33.80 25.16 -8.89
N ARG C 51 -35.10 25.29 -8.61
CA ARG C 51 -36.14 24.50 -9.26
C ARG C 51 -36.95 25.20 -10.39
N GLY C 52 -36.55 26.41 -10.75
CA GLY C 52 -37.22 27.15 -11.80
C GLY C 52 -38.50 27.83 -11.34
N GLN C 53 -38.95 27.50 -10.13
CA GLN C 53 -40.20 28.02 -9.58
C GLN C 53 -40.21 29.56 -9.45
N ALA C 54 -39.05 30.17 -9.64
CA ALA C 54 -38.91 31.61 -9.45
C ALA C 54 -39.24 32.36 -10.73
N LYS C 55 -40.14 33.34 -10.61
CA LYS C 55 -40.46 34.24 -11.71
C LYS C 55 -39.53 35.45 -11.65
N LEU C 56 -39.65 36.22 -10.57
CA LEU C 56 -38.72 37.31 -10.29
C LEU C 56 -38.23 37.15 -8.86
N VAL C 57 -36.93 37.23 -8.65
CA VAL C 57 -36.40 37.15 -7.30
C VAL C 57 -36.03 38.52 -6.81
N ILE C 58 -36.76 39.00 -5.81
CA ILE C 58 -36.50 40.32 -5.26
C ILE C 58 -35.71 40.19 -3.95
N ILE C 59 -34.77 41.11 -3.73
CA ILE C 59 -33.85 41.05 -2.59
C ILE C 59 -33.91 42.34 -1.78
N ALA C 60 -33.02 42.49 -0.81
CA ALA C 60 -32.86 43.73 -0.06
C ALA C 60 -31.40 44.18 -0.09
N GLU C 61 -31.14 45.47 0.13
CA GLU C 61 -29.78 45.97 0.14
C GLU C 61 -29.27 46.15 1.57
N ASP C 62 -30.16 45.91 2.53
CA ASP C 62 -29.83 46.05 3.93
C ASP C 62 -29.01 44.86 4.39
N VAL C 63 -29.48 43.67 4.01
CA VAL C 63 -29.18 42.42 4.72
C VAL C 63 -27.71 42.23 5.08
N ASP C 64 -27.46 41.88 6.34
CA ASP C 64 -26.11 41.62 6.82
C ASP C 64 -26.11 40.56 7.94
N PRO C 65 -25.07 39.69 7.96
CA PRO C 65 -23.86 39.70 7.11
C PRO C 65 -24.22 39.74 5.64
N GLU C 66 -23.42 40.42 4.84
CA GLU C 66 -23.80 40.70 3.47
C GLU C 66 -23.55 39.48 2.59
N GLU C 67 -23.08 38.41 3.23
CA GLU C 67 -22.89 37.13 2.55
C GLU C 67 -24.06 36.15 2.73
N ILE C 68 -25.16 36.61 3.35
CA ILE C 68 -26.30 35.73 3.61
C ILE C 68 -27.15 35.54 2.37
N VAL C 69 -27.35 36.58 1.60
CA VAL C 69 -27.84 36.44 0.23
C VAL C 69 -26.85 36.68 -0.91
N ALA C 70 -25.58 36.95 -0.60
CA ALA C 70 -24.66 37.41 -1.63
C ALA C 70 -24.61 36.41 -2.79
N HIS C 71 -25.18 35.23 -2.52
CA HIS C 71 -25.22 34.10 -3.46
C HIS C 71 -26.33 34.14 -4.51
N LEU C 72 -27.39 34.90 -4.25
CA LEU C 72 -28.54 34.91 -5.14
C LEU C 72 -28.20 35.45 -6.53
N PRO C 73 -27.43 36.53 -6.61
CA PRO C 73 -27.12 37.06 -7.94
C PRO C 73 -26.53 36.01 -8.90
N PRO C 74 -25.53 35.24 -8.44
CA PRO C 74 -24.85 34.29 -9.34
C PRO C 74 -25.75 33.11 -9.72
N LEU C 75 -26.57 32.69 -8.77
CA LEU C 75 -27.47 31.56 -8.93
C LEU C 75 -28.58 31.88 -9.92
N CYS C 76 -28.91 33.16 -10.02
CA CYS C 76 -29.95 33.60 -10.95
C CYS C 76 -29.46 33.73 -12.37
N GLU C 77 -28.35 34.43 -12.56
CA GLU C 77 -27.80 34.63 -13.90
C GLU C 77 -27.62 33.28 -14.55
N GLU C 78 -27.48 32.27 -13.68
CA GLU C 78 -27.37 30.86 -14.05
C GLU C 78 -28.72 30.27 -14.46
N LYS C 79 -29.67 30.29 -13.52
CA LYS C 79 -30.96 29.65 -13.74
C LYS C 79 -31.84 30.55 -14.60
N GLU C 80 -31.23 31.61 -15.13
CA GLU C 80 -31.87 32.50 -16.10
C GLU C 80 -33.09 33.21 -15.52
N ILE C 81 -32.90 33.83 -14.35
CA ILE C 81 -33.99 34.56 -13.70
C ILE C 81 -33.61 36.03 -13.43
N PRO C 82 -34.57 36.94 -13.64
CA PRO C 82 -34.39 38.37 -13.35
C PRO C 82 -34.51 38.69 -11.87
N TYR C 83 -33.76 39.69 -11.43
CA TYR C 83 -33.70 40.05 -10.01
C TYR C 83 -33.52 41.54 -9.77
N ILE C 84 -34.07 42.01 -8.64
CA ILE C 84 -34.18 43.42 -8.31
C ILE C 84 -33.99 43.64 -6.82
N TYR C 85 -33.23 44.65 -6.43
CA TYR C 85 -33.09 44.97 -5.00
C TYR C 85 -34.05 46.08 -4.54
N VAL C 86 -34.91 45.78 -3.57
CA VAL C 86 -35.69 46.82 -2.87
C VAL C 86 -34.94 47.30 -1.63
N PRO C 87 -34.49 48.57 -1.66
CA PRO C 87 -33.51 49.14 -0.73
C PRO C 87 -33.75 48.87 0.78
N SER C 88 -34.96 48.49 1.18
CA SER C 88 -35.15 48.05 2.57
C SER C 88 -35.74 46.64 2.68
N LYS C 89 -35.25 45.87 3.67
CA LYS C 89 -35.73 44.52 3.98
C LYS C 89 -36.97 44.50 4.86
N LYS C 90 -37.01 45.38 5.86
CA LYS C 90 -38.15 45.40 6.77
C LYS C 90 -39.42 45.64 5.98
N GLU C 91 -39.32 46.55 5.02
CA GLU C 91 -40.36 46.78 4.01
C GLU C 91 -40.79 45.43 3.41
N LEU C 92 -39.83 44.81 2.72
CA LEU C 92 -40.04 43.55 1.99
C LEU C 92 -40.68 42.44 2.82
N GLY C 93 -40.38 42.40 4.12
CA GLY C 93 -41.04 41.45 4.99
C GLY C 93 -42.53 41.70 5.01
N ALA C 94 -42.92 42.92 5.40
CA ALA C 94 -44.32 43.27 5.57
C ALA C 94 -45.10 43.17 4.27
N ALA C 95 -44.41 43.48 3.17
CA ALA C 95 -45.06 43.51 1.89
C ALA C 95 -45.25 42.08 1.40
N ALA C 96 -44.79 41.10 2.18
CA ALA C 96 -44.99 39.72 1.75
C ALA C 96 -46.14 39.06 2.50
N GLY C 97 -45.90 38.44 3.64
CA GLY C 97 -47.00 38.06 4.51
C GLY C 97 -47.02 38.66 5.89
N ILE C 98 -45.85 39.07 6.38
CA ILE C 98 -45.63 39.25 7.82
C ILE C 98 -44.64 40.38 8.10
N GLU C 99 -44.76 41.01 9.26
CA GLU C 99 -43.95 42.18 9.58
C GLU C 99 -42.44 41.91 9.61
N VAL C 100 -42.03 40.91 10.40
CA VAL C 100 -40.60 40.71 10.65
C VAL C 100 -39.85 40.61 9.32
N ALA C 101 -38.61 41.11 9.33
CA ALA C 101 -37.87 41.36 8.11
C ALA C 101 -37.75 40.15 7.16
N ALA C 102 -37.67 40.43 5.86
CA ALA C 102 -37.42 39.42 4.83
C ALA C 102 -36.24 39.84 3.93
N ALA C 103 -35.13 39.08 4.01
CA ALA C 103 -33.90 39.44 3.32
C ALA C 103 -34.05 39.40 1.80
N SER C 104 -34.85 38.45 1.33
CA SER C 104 -35.30 38.41 -0.06
C SER C 104 -36.53 37.53 -0.17
N VAL C 105 -37.30 37.74 -1.24
CA VAL C 105 -38.35 36.81 -1.61
C VAL C 105 -38.35 36.80 -3.12
N ALA C 106 -39.20 35.97 -3.70
CA ALA C 106 -39.34 35.93 -5.14
C ALA C 106 -40.78 35.62 -5.48
N ILE C 107 -41.11 35.63 -6.76
CA ILE C 107 -42.48 35.34 -7.14
C ILE C 107 -42.59 34.02 -7.88
N ILE C 108 -43.38 33.13 -7.30
CA ILE C 108 -43.93 32.01 -8.02
C ILE C 108 -45.32 32.49 -8.44
N GLU C 109 -45.75 32.12 -9.65
CA GLU C 109 -47.14 32.34 -10.09
C GLU C 109 -47.72 33.69 -9.64
N PRO C 110 -47.34 34.78 -10.34
CA PRO C 110 -47.62 36.12 -9.83
C PRO C 110 -49.04 36.21 -9.25
N GLY C 111 -50.01 35.58 -9.90
CA GLY C 111 -51.41 35.68 -9.49
C GLY C 111 -51.93 37.06 -9.80
N LYS C 112 -52.51 37.74 -8.81
CA LYS C 112 -52.76 39.16 -8.94
C LYS C 112 -51.41 39.81 -9.23
N ALA C 113 -51.32 40.62 -10.29
CA ALA C 113 -50.01 41.05 -10.85
C ALA C 113 -49.43 40.26 -12.06
N ARG C 114 -50.19 39.35 -12.66
CA ARG C 114 -49.68 38.50 -13.74
C ARG C 114 -48.75 39.24 -14.73
N ASP C 115 -49.28 40.21 -15.47
CA ASP C 115 -48.47 41.01 -16.40
C ASP C 115 -47.80 42.25 -15.77
N LEU C 116 -48.30 42.62 -14.58
CA LEU C 116 -47.77 43.73 -13.80
C LEU C 116 -46.34 43.38 -13.36
N VAL C 117 -45.95 42.15 -13.69
CA VAL C 117 -44.64 41.61 -13.40
C VAL C 117 -43.55 42.12 -14.33
N GLU C 118 -43.57 41.64 -15.57
CA GLU C 118 -42.41 41.73 -16.45
C GLU C 118 -42.01 43.16 -16.75
N GLU C 119 -42.79 44.11 -16.24
CA GLU C 119 -42.41 45.51 -16.29
C GLU C 119 -40.95 45.66 -15.81
N ILE C 120 -40.65 45.06 -14.67
CA ILE C 120 -39.30 45.07 -14.11
C ILE C 120 -38.37 44.18 -14.91
N ALA C 121 -38.95 43.19 -15.60
CA ALA C 121 -38.17 42.29 -16.43
C ALA C 121 -37.37 43.08 -17.45
N MET C 122 -38.06 43.76 -18.37
CA MET C 122 -37.39 44.54 -19.42
C MET C 122 -36.27 45.40 -18.87
N LYS C 123 -36.61 46.29 -17.95
CA LYS C 123 -35.62 47.15 -17.32
C LYS C 123 -34.39 46.35 -16.89
N VAL C 124 -34.60 45.37 -16.01
CA VAL C 124 -33.48 44.62 -15.42
C VAL C 124 -32.56 43.94 -16.46
N LYS C 125 -33.11 43.50 -17.60
CA LYS C 125 -32.28 42.89 -18.64
C LYS C 125 -31.37 43.91 -19.32
N GLU C 126 -31.86 45.15 -19.42
CA GLU C 126 -31.08 46.24 -19.98
C GLU C 126 -30.12 46.81 -18.95
N LEU C 127 -30.59 46.99 -17.71
CA LEU C 127 -29.77 47.55 -16.64
C LEU C 127 -28.47 46.79 -16.45
N MET C 128 -28.59 45.53 -16.04
CA MET C 128 -27.42 44.73 -15.72
C MET C 128 -26.51 44.53 -16.92
N LYS C 129 -25.24 44.87 -16.73
CA LYS C 129 -24.23 44.80 -17.77
C LYS C 129 -23.25 43.66 -17.47
N LYS D 9 5.22 -55.59 -4.98
CA LYS D 9 4.79 -55.40 -3.59
C LYS D 9 4.41 -53.95 -3.29
N PRO D 10 3.50 -53.39 -4.10
CA PRO D 10 3.16 -51.95 -4.11
C PRO D 10 2.95 -51.37 -2.71
N SER D 11 3.30 -50.10 -2.54
CA SER D 11 3.30 -49.51 -1.20
C SER D 11 1.99 -48.77 -0.87
N TYR D 12 1.03 -48.83 -1.78
CA TYR D 12 -0.29 -48.27 -1.52
C TYR D 12 -1.31 -49.31 -1.04
N VAL D 13 -0.86 -50.54 -0.81
CA VAL D 13 -1.73 -51.60 -0.29
C VAL D 13 -1.58 -51.76 1.23
N LYS D 14 -2.64 -51.40 1.95
CA LYS D 14 -2.63 -51.50 3.40
C LYS D 14 -2.42 -52.94 3.85
N PHE D 15 -3.39 -53.79 3.56
CA PHE D 15 -3.37 -55.16 4.09
C PHE D 15 -2.96 -56.21 3.08
N GLU D 16 -2.89 -57.45 3.56
CA GLU D 16 -2.46 -58.58 2.76
C GLU D 16 -3.63 -59.48 2.39
N VAL D 17 -4.03 -59.41 1.12
CA VAL D 17 -5.22 -60.10 0.64
C VAL D 17 -4.87 -61.53 0.24
N PRO D 18 -5.79 -62.49 0.48
CA PRO D 18 -5.65 -63.84 -0.09
C PRO D 18 -6.01 -63.79 -1.56
N LYS D 19 -5.45 -64.69 -2.37
CA LYS D 19 -5.51 -64.57 -3.84
C LYS D 19 -6.81 -65.11 -4.44
N GLU D 20 -7.70 -65.52 -3.53
CA GLU D 20 -9.05 -66.04 -3.83
C GLU D 20 -10.10 -65.08 -3.25
N LEU D 21 -9.96 -64.78 -1.97
CA LEU D 21 -10.86 -63.83 -1.31
C LEU D 21 -11.04 -62.66 -2.26
N ALA D 22 -9.92 -62.28 -2.88
CA ALA D 22 -9.93 -61.38 -4.01
C ALA D 22 -10.80 -61.95 -5.14
N GLU D 23 -10.46 -63.15 -5.59
CA GLU D 23 -11.14 -63.82 -6.70
C GLU D 23 -12.66 -63.88 -6.54
N LYS D 24 -13.13 -64.03 -5.31
CA LYS D 24 -14.56 -64.06 -5.08
C LYS D 24 -15.13 -62.70 -5.38
N ALA D 25 -14.36 -61.67 -5.05
CA ALA D 25 -14.74 -60.31 -5.35
C ALA D 25 -14.56 -60.06 -6.84
N LEU D 26 -13.51 -60.64 -7.41
CA LEU D 26 -13.21 -60.45 -8.84
C LEU D 26 -14.34 -60.98 -9.72
N GLN D 27 -15.01 -62.03 -9.26
CA GLN D 27 -16.23 -62.48 -9.91
C GLN D 27 -17.50 -61.95 -9.22
N ALA D 28 -17.32 -61.28 -8.09
CA ALA D 28 -18.45 -60.74 -7.33
C ALA D 28 -19.05 -59.58 -8.09
N VAL D 29 -18.18 -58.88 -8.81
CA VAL D 29 -18.57 -57.84 -9.76
C VAL D 29 -18.98 -58.45 -11.09
N GLU D 30 -18.29 -59.52 -11.47
CA GLU D 30 -18.45 -60.11 -12.79
C GLU D 30 -19.94 -60.23 -13.06
N ILE D 31 -20.65 -60.85 -12.13
CA ILE D 31 -22.12 -60.96 -12.16
C ILE D 31 -22.86 -59.96 -11.26
N ALA D 32 -22.14 -59.03 -10.63
CA ALA D 32 -22.78 -57.90 -9.94
C ALA D 32 -23.06 -56.80 -10.95
N ARG D 33 -22.63 -57.03 -12.18
CA ARG D 33 -22.84 -56.11 -13.30
C ARG D 33 -24.27 -56.26 -13.77
N ASP D 34 -25.03 -57.19 -13.19
CA ASP D 34 -26.35 -57.50 -13.73
C ASP D 34 -27.52 -57.38 -12.73
N THR D 35 -28.52 -56.57 -13.11
CA THR D 35 -29.62 -56.09 -12.25
C THR D 35 -29.17 -55.12 -11.14
N GLY D 36 -28.04 -54.46 -11.37
CA GLY D 36 -27.54 -53.38 -10.55
C GLY D 36 -26.28 -52.84 -11.20
N LYS D 37 -25.90 -51.59 -10.94
CA LYS D 37 -24.76 -51.03 -11.68
C LYS D 37 -23.44 -51.02 -10.88
N ILE D 38 -22.37 -50.62 -11.55
CA ILE D 38 -20.98 -50.84 -11.14
C ILE D 38 -20.10 -49.59 -11.23
N ARG D 39 -20.10 -48.94 -12.40
CA ARG D 39 -19.17 -47.84 -12.70
C ARG D 39 -17.70 -48.24 -12.87
N LYS D 40 -17.44 -48.79 -14.06
CA LYS D 40 -16.09 -49.12 -14.57
C LYS D 40 -15.08 -47.96 -14.49
N GLY D 41 -13.83 -48.25 -14.13
CA GLY D 41 -12.77 -47.25 -14.22
C GLY D 41 -12.42 -46.57 -12.92
N THR D 42 -11.31 -45.81 -12.90
CA THR D 42 -10.87 -45.08 -11.69
C THR D 42 -11.31 -43.61 -11.58
N ASN D 43 -11.79 -43.02 -12.67
CA ASN D 43 -12.22 -41.64 -12.64
C ASN D 43 -13.65 -41.56 -12.09
N GLU D 44 -14.50 -42.45 -12.60
CA GLU D 44 -15.89 -42.49 -12.15
C GLU D 44 -16.06 -43.43 -10.97
N THR D 45 -14.98 -44.10 -10.59
CA THR D 45 -14.93 -44.83 -9.33
C THR D 45 -14.72 -43.85 -8.20
N THR D 46 -13.76 -42.95 -8.37
CA THR D 46 -13.53 -41.89 -7.41
C THR D 46 -14.77 -41.02 -7.35
N LYS D 47 -15.49 -40.96 -8.48
CA LYS D 47 -16.79 -40.34 -8.54
C LYS D 47 -17.60 -40.89 -7.38
N ALA D 48 -18.03 -42.14 -7.52
CA ALA D 48 -18.93 -42.74 -6.57
C ALA D 48 -18.44 -42.60 -5.14
N VAL D 49 -17.13 -42.67 -4.91
CA VAL D 49 -16.61 -42.69 -3.55
C VAL D 49 -16.92 -41.40 -2.78
N GLU D 50 -16.78 -40.25 -3.46
CA GLU D 50 -16.99 -38.97 -2.81
C GLU D 50 -18.46 -38.74 -2.50
N ARG D 51 -19.32 -39.33 -3.33
CA ARG D 51 -20.76 -39.18 -3.21
C ARG D 51 -21.44 -40.32 -2.44
N GLY D 52 -20.66 -41.28 -1.94
CA GLY D 52 -21.19 -42.37 -1.11
C GLY D 52 -21.91 -43.50 -1.85
N GLN D 53 -22.05 -43.35 -3.15
CA GLN D 53 -22.63 -44.38 -4.02
C GLN D 53 -21.81 -45.65 -3.97
N ALA D 54 -20.66 -45.58 -3.30
CA ALA D 54 -19.76 -46.72 -3.22
C ALA D 54 -20.18 -47.69 -2.15
N LYS D 55 -20.40 -48.94 -2.56
CA LYS D 55 -20.65 -50.03 -1.64
C LYS D 55 -19.31 -50.61 -1.20
N LEU D 56 -18.57 -51.15 -2.17
CA LEU D 56 -17.21 -51.63 -1.93
C LEU D 56 -16.34 -51.16 -3.07
N VAL D 57 -15.17 -50.64 -2.74
CA VAL D 57 -14.26 -50.19 -3.78
C VAL D 57 -13.16 -51.23 -3.97
N ILE D 58 -13.18 -51.88 -5.12
CA ILE D 58 -12.19 -52.91 -5.40
C ILE D 58 -11.09 -52.33 -6.27
N ILE D 59 -9.84 -52.66 -5.95
CA ILE D 59 -8.69 -52.10 -6.68
C ILE D 59 -7.74 -53.17 -7.23
N ALA D 60 -6.67 -52.73 -7.86
CA ALA D 60 -5.69 -53.62 -8.48
C ALA D 60 -4.32 -53.41 -7.85
N GLU D 61 -3.51 -54.46 -7.81
CA GLU D 61 -2.14 -54.36 -7.28
C GLU D 61 -1.10 -54.08 -8.38
N ASP D 62 -1.54 -54.17 -9.64
CA ASP D 62 -0.69 -53.99 -10.83
C ASP D 62 -0.40 -52.53 -11.13
N VAL D 63 -1.44 -51.73 -10.98
CA VAL D 63 -1.49 -50.41 -11.58
C VAL D 63 -0.25 -49.55 -11.31
N ASP D 64 0.30 -48.99 -12.40
CA ASP D 64 1.47 -48.11 -12.36
C ASP D 64 1.30 -47.03 -13.44
N PRO D 65 1.67 -45.77 -13.15
CA PRO D 65 2.31 -45.25 -11.93
C PRO D 65 1.51 -45.61 -10.68
N GLU D 66 2.22 -46.08 -9.65
CA GLU D 66 1.59 -46.59 -8.44
C GLU D 66 0.81 -45.50 -7.70
N GLU D 67 0.90 -44.26 -8.17
CA GLU D 67 0.18 -43.14 -7.57
C GLU D 67 -1.15 -42.81 -8.23
N ILE D 68 -1.55 -43.59 -9.23
CA ILE D 68 -2.73 -43.21 -9.99
C ILE D 68 -4.00 -43.52 -9.20
N VAL D 69 -4.00 -44.65 -8.51
CA VAL D 69 -5.01 -44.89 -7.50
C VAL D 69 -4.54 -44.82 -6.05
N ALA D 70 -3.28 -44.46 -5.81
CA ALA D 70 -2.75 -44.46 -4.44
C ALA D 70 -3.55 -43.59 -3.47
N HIS D 71 -4.45 -42.78 -4.03
CA HIS D 71 -5.32 -41.91 -3.26
C HIS D 71 -6.59 -42.58 -2.72
N LEU D 72 -7.01 -43.68 -3.33
CA LEU D 72 -8.27 -44.32 -2.97
C LEU D 72 -8.40 -44.79 -1.52
N PRO D 73 -7.37 -45.48 -0.99
CA PRO D 73 -7.46 -45.96 0.39
C PRO D 73 -7.76 -44.87 1.40
N PRO D 74 -7.05 -43.73 1.32
CA PRO D 74 -7.36 -42.67 2.29
C PRO D 74 -8.76 -42.14 2.07
N LEU D 75 -9.15 -41.94 0.82
CA LEU D 75 -10.46 -41.39 0.50
C LEU D 75 -11.57 -42.30 0.98
N CYS D 76 -11.31 -43.59 0.94
CA CYS D 76 -12.31 -44.57 1.35
C CYS D 76 -12.48 -44.61 2.86
N GLU D 77 -11.36 -44.74 3.60
CA GLU D 77 -11.39 -44.75 5.06
C GLU D 77 -12.22 -43.58 5.57
N GLU D 78 -11.98 -42.41 4.98
CA GLU D 78 -12.69 -41.17 5.28
C GLU D 78 -14.19 -41.27 5.03
N LYS D 79 -14.56 -41.77 3.86
CA LYS D 79 -15.95 -41.89 3.47
C LYS D 79 -16.60 -43.18 4.00
N GLU D 80 -15.85 -43.91 4.83
CA GLU D 80 -16.39 -45.06 5.55
C GLU D 80 -16.82 -46.22 4.63
N ILE D 81 -15.98 -46.53 3.63
CA ILE D 81 -16.27 -47.61 2.68
C ILE D 81 -15.15 -48.66 2.66
N PRO D 82 -15.52 -49.95 2.56
CA PRO D 82 -14.59 -51.09 2.42
C PRO D 82 -13.98 -51.20 1.02
N TYR D 83 -12.71 -51.57 0.97
CA TYR D 83 -12.03 -51.72 -0.32
C TYR D 83 -11.27 -53.04 -0.39
N ILE D 84 -10.88 -53.41 -1.60
CA ILE D 84 -10.18 -54.68 -1.83
C ILE D 84 -9.22 -54.59 -3.01
N TYR D 85 -8.11 -55.29 -2.91
CA TYR D 85 -7.15 -55.37 -4.01
C TYR D 85 -7.21 -56.72 -4.71
N VAL D 86 -7.74 -56.74 -5.92
CA VAL D 86 -7.70 -57.95 -6.72
C VAL D 86 -6.40 -57.92 -7.51
N PRO D 87 -5.46 -58.83 -7.16
CA PRO D 87 -4.08 -58.71 -7.61
C PRO D 87 -3.86 -58.45 -9.11
N SER D 88 -4.81 -58.78 -9.99
CA SER D 88 -4.64 -58.44 -11.41
C SER D 88 -5.68 -57.47 -11.95
N LYS D 89 -5.20 -56.47 -12.69
CA LYS D 89 -6.07 -55.45 -13.23
C LYS D 89 -6.63 -55.72 -14.63
N LYS D 90 -6.07 -56.68 -15.36
CA LYS D 90 -6.60 -56.96 -16.69
C LYS D 90 -7.85 -57.81 -16.52
N GLU D 91 -7.79 -58.69 -15.53
CA GLU D 91 -8.94 -59.52 -15.16
C GLU D 91 -10.08 -58.65 -14.63
N LEU D 92 -9.73 -57.63 -13.84
CA LEU D 92 -10.72 -56.70 -13.30
C LEU D 92 -11.42 -55.91 -14.41
N GLY D 93 -10.70 -55.58 -15.48
CA GLY D 93 -11.30 -54.91 -16.60
C GLY D 93 -12.41 -55.77 -17.21
N ALA D 94 -12.06 -56.99 -17.61
CA ALA D 94 -12.99 -57.88 -18.28
C ALA D 94 -14.12 -58.32 -17.36
N ALA D 95 -13.84 -58.32 -16.06
CA ALA D 95 -14.82 -58.75 -15.08
C ALA D 95 -15.79 -57.62 -14.80
N ALA D 96 -15.60 -56.49 -15.46
CA ALA D 96 -16.57 -55.43 -15.29
C ALA D 96 -17.51 -55.31 -16.49
N GLY D 97 -17.15 -54.54 -17.52
CA GLY D 97 -17.91 -54.58 -18.76
C GLY D 97 -17.14 -54.97 -19.99
N ILE D 98 -15.83 -54.78 -19.92
CA ILE D 98 -15.03 -54.73 -21.15
C ILE D 98 -13.64 -55.24 -20.84
N GLU D 99 -12.95 -55.70 -21.87
CA GLU D 99 -11.58 -56.17 -21.74
C GLU D 99 -10.64 -55.13 -21.13
N VAL D 100 -10.45 -54.01 -21.83
CA VAL D 100 -9.33 -53.11 -21.53
C VAL D 100 -9.26 -52.75 -20.06
N ALA D 101 -8.03 -52.65 -19.56
CA ALA D 101 -7.75 -52.70 -18.13
C ALA D 101 -8.55 -51.71 -17.30
N ALA D 102 -8.84 -52.13 -16.08
CA ALA D 102 -9.48 -51.27 -15.09
C ALA D 102 -8.60 -51.25 -13.84
N ALA D 103 -8.01 -50.10 -13.55
CA ALA D 103 -7.10 -49.99 -12.42
C ALA D 103 -7.84 -50.31 -11.13
N SER D 104 -9.08 -49.87 -11.06
CA SER D 104 -9.94 -50.13 -9.92
C SER D 104 -11.39 -50.00 -10.32
N VAL D 105 -12.26 -50.68 -9.60
CA VAL D 105 -13.69 -50.39 -9.74
C VAL D 105 -14.40 -50.47 -8.39
N ALA D 106 -15.67 -50.12 -8.37
CA ALA D 106 -16.44 -50.11 -7.16
C ALA D 106 -17.82 -50.51 -7.60
N ILE D 107 -18.70 -50.84 -6.65
CA ILE D 107 -20.07 -51.16 -7.00
C ILE D 107 -21.12 -50.30 -6.28
N ILE D 108 -22.02 -49.75 -7.08
CA ILE D 108 -23.14 -48.97 -6.60
C ILE D 108 -24.34 -49.85 -6.89
N GLU D 109 -25.11 -50.20 -5.87
CA GLU D 109 -26.23 -51.15 -6.02
C GLU D 109 -25.88 -52.52 -6.64
N PRO D 110 -25.34 -53.44 -5.80
CA PRO D 110 -24.83 -54.76 -6.21
C PRO D 110 -25.75 -55.50 -7.18
N GLY D 111 -27.06 -55.48 -6.94
CA GLY D 111 -28.02 -56.21 -7.75
C GLY D 111 -27.89 -57.69 -7.54
N LYS D 112 -27.73 -58.46 -8.61
CA LYS D 112 -27.35 -59.86 -8.49
C LYS D 112 -26.03 -59.87 -7.70
N ALA D 113 -25.96 -60.64 -6.62
CA ALA D 113 -24.87 -60.51 -5.63
C ALA D 113 -25.09 -59.59 -4.41
N ARG D 114 -26.30 -59.08 -4.24
CA ARG D 114 -26.64 -58.18 -3.12
C ARG D 114 -26.01 -58.63 -1.78
N ASP D 115 -26.43 -59.78 -1.26
CA ASP D 115 -25.88 -60.36 -0.03
C ASP D 115 -24.51 -60.90 -0.38
N LEU D 116 -24.27 -61.12 -1.66
CA LEU D 116 -23.04 -61.71 -2.18
C LEU D 116 -21.76 -60.82 -1.97
N VAL D 117 -21.95 -59.61 -1.45
CA VAL D 117 -20.85 -58.65 -1.19
C VAL D 117 -20.21 -58.62 0.22
N GLU D 118 -20.96 -58.24 1.24
CA GLU D 118 -20.42 -57.86 2.56
C GLU D 118 -19.61 -58.97 3.21
N GLU D 119 -19.61 -60.13 2.56
CA GLU D 119 -18.68 -61.17 2.90
C GLU D 119 -17.36 -60.47 3.02
N ILE D 120 -16.89 -59.94 1.88
CA ILE D 120 -15.65 -59.20 1.87
C ILE D 120 -15.63 -58.12 2.96
N ALA D 121 -16.77 -57.51 3.22
CA ALA D 121 -16.83 -56.50 4.26
C ALA D 121 -16.35 -57.06 5.58
N MET D 122 -17.08 -58.04 6.13
CA MET D 122 -16.74 -58.53 7.47
C MET D 122 -15.26 -58.89 7.50
N LYS D 123 -14.71 -59.32 6.36
CA LYS D 123 -13.30 -59.73 6.30
C LYS D 123 -12.32 -58.56 6.15
N VAL D 124 -12.69 -57.49 5.45
CA VAL D 124 -11.78 -56.37 5.33
C VAL D 124 -11.68 -55.59 6.65
N LYS D 125 -12.80 -55.51 7.37
CA LYS D 125 -12.92 -54.68 8.58
C LYS D 125 -11.94 -55.03 9.71
N GLU D 126 -11.64 -56.32 9.87
CA GLU D 126 -10.62 -56.79 10.81
C GLU D 126 -9.22 -56.78 10.17
N LEU D 127 -9.06 -57.50 9.06
CA LEU D 127 -7.75 -57.68 8.42
C LEU D 127 -6.96 -56.38 8.28
N MET D 128 -7.65 -55.28 7.98
CA MET D 128 -7.03 -53.97 7.98
C MET D 128 -7.03 -53.41 9.41
N LYS D 129 -5.86 -53.04 9.92
CA LYS D 129 -5.73 -52.49 11.28
C LYS D 129 -5.38 -51.00 11.33
N MET E 8 -9.76 69.88 -11.70
CA MET E 8 -10.01 70.91 -10.71
C MET E 8 -9.01 70.81 -9.55
N VAL E 9 -8.70 69.58 -9.13
CA VAL E 9 -8.26 69.25 -7.77
C VAL E 9 -7.14 70.08 -7.09
N GLU E 10 -7.43 70.47 -5.85
CA GLU E 10 -6.49 71.19 -5.00
C GLU E 10 -6.17 70.32 -3.79
N VAL E 11 -4.91 70.23 -3.42
CA VAL E 11 -4.51 69.37 -2.30
C VAL E 11 -3.62 70.07 -1.31
N LYS E 12 -4.12 70.22 -0.09
CA LYS E 12 -3.38 70.87 0.97
C LYS E 12 -3.47 70.09 2.30
N LYS E 13 -2.46 70.25 3.15
CA LYS E 13 -2.33 69.47 4.38
C LYS E 13 -3.52 69.52 5.36
N HIS E 14 -3.84 68.37 5.96
CA HIS E 14 -4.93 68.17 6.92
C HIS E 14 -4.32 68.42 8.28
N LYS E 15 -5.14 68.40 9.32
CA LYS E 15 -4.68 68.75 10.65
C LYS E 15 -3.71 67.70 11.20
N PHE E 16 -3.87 66.48 10.70
CA PHE E 16 -3.11 65.29 11.12
C PHE E 16 -1.83 65.05 10.31
N PRO E 17 -0.71 64.86 11.01
CA PRO E 17 0.55 64.71 10.28
C PRO E 17 0.39 63.49 9.43
N GLY E 18 0.62 63.62 8.13
CA GLY E 18 0.46 62.51 7.22
C GLY E 18 -0.90 62.37 6.57
N VAL E 19 -1.88 63.20 6.91
CA VAL E 19 -3.15 63.18 6.18
C VAL E 19 -3.30 64.46 5.37
N TYR E 20 -4.02 64.38 4.25
CA TYR E 20 -4.14 65.50 3.35
C TYR E 20 -5.60 65.63 2.91
N VAL E 21 -5.99 66.85 2.51
CA VAL E 21 -7.34 67.12 2.02
C VAL E 21 -7.34 67.56 0.56
N VAL E 22 -8.44 67.25 -0.12
CA VAL E 22 -8.57 67.57 -1.52
C VAL E 22 -9.93 68.22 -1.80
N ILE E 23 -9.93 69.22 -2.67
CA ILE E 23 -11.16 69.81 -3.14
C ILE E 23 -11.29 69.39 -4.58
N ASP E 24 -12.23 68.50 -4.80
CA ASP E 24 -12.27 67.65 -5.99
C ASP E 24 -12.90 68.34 -7.20
N ASP E 25 -13.32 67.51 -8.16
CA ASP E 25 -13.91 67.98 -9.40
C ASP E 25 -14.74 69.23 -9.11
N ASP E 26 -15.75 69.11 -8.25
CA ASP E 26 -16.75 70.17 -8.11
C ASP E 26 -16.60 71.13 -6.92
N GLY E 27 -17.20 70.79 -5.78
CA GLY E 27 -17.11 71.60 -4.59
C GLY E 27 -16.50 70.99 -3.35
N SER E 28 -16.36 69.66 -3.33
CA SER E 28 -16.37 68.92 -2.05
C SER E 28 -15.04 68.47 -1.48
N GLU E 29 -15.14 67.88 -0.30
CA GLU E 29 -13.95 67.52 0.47
C GLU E 29 -13.81 66.02 0.71
N LYS E 30 -12.61 65.51 0.39
CA LYS E 30 -12.25 64.14 0.73
C LYS E 30 -10.86 64.18 1.36
N ILE E 31 -10.49 63.09 2.02
CA ILE E 31 -9.14 62.97 2.57
C ILE E 31 -8.27 62.16 1.64
N ALA E 32 -7.00 62.00 1.99
CA ALA E 32 -6.07 61.27 1.14
C ALA E 32 -4.68 61.19 1.79
N THR E 33 -3.84 60.24 1.35
CA THR E 33 -2.47 60.13 1.83
C THR E 33 -1.43 60.16 0.74
N LYS E 34 -0.19 60.42 1.10
CA LYS E 34 0.84 60.48 0.10
C LYS E 34 1.30 59.06 -0.14
N ASN E 35 1.05 58.54 -1.34
CA ASN E 35 1.40 57.15 -1.65
C ASN E 35 2.86 56.90 -1.35
N LEU E 36 3.12 55.84 -0.58
CA LEU E 36 4.47 55.60 -0.08
C LEU E 36 5.41 55.15 -1.21
N VAL E 37 4.86 54.42 -2.16
CA VAL E 37 5.63 53.95 -3.29
C VAL E 37 4.93 54.25 -4.60
N PRO E 38 5.26 55.41 -5.20
CA PRO E 38 4.58 55.91 -6.39
C PRO E 38 4.50 54.81 -7.44
N GLY E 39 3.30 54.65 -8.00
CA GLY E 39 3.05 53.66 -9.03
C GLY E 39 2.24 52.53 -8.48
N GLN E 40 2.25 52.40 -7.16
CA GLN E 40 1.54 51.30 -6.52
C GLN E 40 0.08 51.62 -6.27
N ARG E 41 -0.78 50.64 -6.52
CA ARG E 41 -2.21 50.77 -6.35
C ARG E 41 -2.71 49.54 -5.58
N VAL E 42 -3.21 49.74 -4.36
CA VAL E 42 -3.56 48.58 -3.52
C VAL E 42 -4.98 48.06 -3.74
N TYR E 43 -5.97 48.76 -3.21
CA TYR E 43 -7.35 48.34 -3.33
C TYR E 43 -8.10 48.94 -4.51
N GLY E 44 -7.36 49.51 -5.46
CA GLY E 44 -8.00 50.06 -6.62
C GLY E 44 -8.79 51.30 -6.21
N GLU E 45 -8.05 52.27 -5.68
CA GLU E 45 -8.59 53.49 -5.18
C GLU E 45 -8.02 54.63 -6.05
N ARG E 46 -8.70 55.78 -6.03
CA ARG E 46 -8.35 56.88 -6.93
C ARG E 46 -7.12 57.61 -6.45
N VAL E 47 -6.07 57.59 -7.25
CA VAL E 47 -4.87 58.30 -6.89
C VAL E 47 -4.79 59.52 -7.78
N ILE E 48 -4.55 60.65 -7.14
CA ILE E 48 -4.44 61.92 -7.83
C ILE E 48 -3.00 62.41 -7.71
N LYS E 49 -2.59 63.25 -8.64
CA LYS E 49 -1.22 63.69 -8.70
C LYS E 49 -1.14 65.15 -8.29
N TRP E 50 0.01 65.54 -7.77
CA TRP E 50 0.20 66.89 -7.24
C TRP E 50 1.63 67.30 -7.56
N GLU E 51 2.16 68.33 -6.89
CA GLU E 51 3.40 68.88 -7.36
C GLU E 51 4.45 67.86 -6.99
N GLY E 52 4.90 67.15 -8.03
CA GLY E 52 5.91 66.10 -7.97
C GLY E 52 5.49 64.68 -7.58
N GLU E 53 4.46 64.55 -6.74
CA GLU E 53 4.11 63.25 -6.14
C GLU E 53 2.66 62.88 -6.36
N GLU E 54 2.29 61.70 -5.88
CA GLU E 54 0.90 61.27 -5.95
C GLU E 54 0.25 61.17 -4.56
N TYR E 55 -1.06 61.36 -4.53
CA TYR E 55 -1.78 61.30 -3.28
C TYR E 55 -2.87 60.23 -3.45
N ARG E 56 -2.93 59.32 -2.50
CA ARG E 56 -3.85 58.21 -2.58
C ARG E 56 -5.13 58.58 -1.88
N ILE E 57 -6.19 58.73 -2.64
CA ILE E 57 -7.45 59.12 -2.05
C ILE E 57 -7.77 58.09 -0.98
N TRP E 58 -8.57 58.45 0.01
CA TRP E 58 -8.92 57.48 1.03
C TRP E 58 -10.44 57.46 1.25
N ASN E 59 -11.12 56.42 0.80
CA ASN E 59 -12.57 56.46 0.95
C ASN E 59 -13.13 55.81 2.20
N PRO E 60 -13.83 56.60 2.99
CA PRO E 60 -14.47 56.25 4.26
C PRO E 60 -15.40 55.03 4.17
N HIS E 61 -15.93 54.72 2.99
CA HIS E 61 -16.85 53.60 2.87
C HIS E 61 -16.13 52.24 2.87
N ARG E 62 -14.82 52.32 2.67
CA ARG E 62 -13.95 51.16 2.56
C ARG E 62 -13.16 50.94 3.88
N SER E 63 -12.37 51.94 4.27
CA SER E 63 -11.64 51.89 5.53
C SER E 63 -12.46 52.55 6.63
N LYS E 64 -12.77 51.81 7.70
CA LYS E 64 -13.46 52.37 8.87
C LYS E 64 -12.72 53.59 9.43
N LEU E 65 -11.44 53.41 9.73
CA LEU E 65 -10.59 54.51 10.19
C LEU E 65 -10.54 55.61 9.14
N GLY E 66 -10.93 55.29 7.91
CA GLY E 66 -11.22 56.34 6.96
C GLY E 66 -12.43 57.14 7.41
N ALA E 67 -13.55 56.46 7.61
CA ALA E 67 -14.74 57.12 8.12
C ALA E 67 -14.51 57.85 9.44
N ALA E 68 -13.89 57.15 10.39
CA ALA E 68 -13.65 57.71 11.69
C ALA E 68 -12.88 59.02 11.54
N ILE E 69 -12.04 59.13 10.51
CA ILE E 69 -11.32 60.38 10.27
C ILE E 69 -12.16 61.47 9.55
N VAL E 70 -13.13 61.07 8.74
CA VAL E 70 -14.09 62.05 8.21
C VAL E 70 -15.14 62.45 9.24
N ASN E 71 -15.33 61.63 10.26
CA ASN E 71 -16.28 61.96 11.33
C ASN E 71 -15.63 62.81 12.43
N GLY E 72 -14.40 63.25 12.18
CA GLY E 72 -13.66 64.09 13.11
C GLY E 72 -13.06 63.34 14.28
N LEU E 73 -12.37 62.25 13.97
CA LEU E 73 -11.68 61.48 15.00
C LEU E 73 -10.84 62.52 15.73
N LYS E 74 -10.93 62.52 17.05
CA LYS E 74 -10.35 63.63 17.77
C LYS E 74 -8.84 63.52 17.78
N ASN E 75 -8.32 62.57 18.53
CA ASN E 75 -6.88 62.31 18.50
C ASN E 75 -6.53 60.95 17.83
N PHE E 76 -5.39 60.94 17.15
CA PHE E 76 -5.01 59.91 16.22
C PHE E 76 -3.50 59.64 16.34
N PRO E 77 -3.12 58.73 17.28
CA PRO E 77 -1.76 58.33 17.70
C PRO E 77 -0.86 57.81 16.58
N ILE E 78 -1.45 57.52 15.42
CA ILE E 78 -0.70 56.97 14.32
C ILE E 78 -0.12 58.09 13.43
N LYS E 79 1.17 58.32 13.60
CA LYS E 79 1.83 59.47 12.99
C LYS E 79 3.21 59.08 12.49
N PRO E 80 3.82 59.96 11.69
CA PRO E 80 5.10 59.57 11.09
C PRO E 80 6.13 59.11 12.13
N GLY E 81 6.66 57.92 11.90
CA GLY E 81 7.68 57.30 12.75
C GLY E 81 7.16 56.23 13.69
N LYS E 82 5.87 56.26 13.96
CA LYS E 82 5.30 55.40 15.00
C LYS E 82 5.23 53.93 14.56
N SER E 83 5.59 53.03 15.47
CA SER E 83 5.50 51.61 15.17
C SER E 83 4.18 51.04 15.65
N VAL E 84 3.32 50.63 14.72
CA VAL E 84 2.01 50.12 15.10
C VAL E 84 1.82 48.60 14.90
N LEU E 85 1.18 47.98 15.88
CA LEU E 85 0.74 46.61 15.74
C LEU E 85 -0.63 46.68 15.11
N TYR E 86 -0.74 46.26 13.86
CA TYR E 86 -2.07 46.19 13.24
C TYR E 86 -2.67 44.78 13.36
N LEU E 87 -3.71 44.60 14.18
CA LEU E 87 -4.39 43.28 14.29
C LEU E 87 -5.62 43.19 13.39
N GLY E 88 -5.69 42.19 12.51
CA GLY E 88 -6.79 42.11 11.56
C GLY E 88 -6.59 42.90 10.28
N ILE E 89 -5.41 42.73 9.69
CA ILE E 89 -4.92 43.53 8.56
C ILE E 89 -5.44 43.17 7.16
N ALA E 90 -6.16 42.05 7.03
CA ALA E 90 -6.91 41.72 5.81
C ALA E 90 -6.14 41.82 4.50
N SER E 91 -6.83 42.26 3.46
CA SER E 91 -6.25 42.42 2.12
C SER E 91 -5.12 43.43 2.19
N GLY E 92 -5.29 44.40 3.07
CA GLY E 92 -4.42 45.55 3.15
C GLY E 92 -5.07 46.87 2.77
N THR E 93 -6.31 46.86 2.29
CA THR E 93 -6.97 48.11 1.96
C THR E 93 -6.91 49.05 3.15
N THR E 94 -7.12 48.50 4.34
CA THR E 94 -7.32 49.30 5.55
C THR E 94 -6.05 49.81 6.28
N ALA E 95 -4.96 49.05 6.18
CA ALA E 95 -3.63 49.48 6.63
C ALA E 95 -2.72 49.96 5.49
N SER E 96 -3.26 49.98 4.29
CA SER E 96 -2.46 50.42 3.15
C SER E 96 -2.16 51.85 3.42
N HIS E 97 -3.13 52.51 4.06
CA HIS E 97 -3.05 53.93 4.33
C HIS E 97 -2.13 54.29 5.49
N VAL E 98 -2.35 53.68 6.64
CA VAL E 98 -1.50 53.98 7.78
C VAL E 98 -0.04 53.75 7.43
N SER E 99 0.20 52.92 6.42
CA SER E 99 1.56 52.72 5.97
C SER E 99 2.10 54.00 5.36
N ASP E 100 1.22 54.75 4.71
CA ASP E 100 1.59 55.99 4.03
C ASP E 100 1.97 57.08 5.04
N ILE E 101 1.13 57.20 6.07
CA ILE E 101 1.34 58.09 7.20
C ILE E 101 2.60 57.72 7.99
N VAL E 102 2.64 56.48 8.49
CA VAL E 102 3.73 55.99 9.32
C VAL E 102 5.05 56.30 8.64
N GLY E 103 5.15 55.97 7.35
CA GLY E 103 6.29 56.34 6.53
C GLY E 103 7.46 55.40 6.64
N TRP E 104 8.62 55.81 6.14
CA TRP E 104 9.77 54.90 6.11
C TRP E 104 10.32 54.45 7.47
N GLU E 105 10.36 55.34 8.45
CA GLU E 105 10.88 54.95 9.75
C GLU E 105 9.79 54.34 10.58
N GLY E 106 8.60 54.22 10.00
CA GLY E 106 7.49 53.61 10.70
C GLY E 106 7.39 52.13 10.38
N LYS E 107 6.79 51.36 11.28
CA LYS E 107 6.76 49.90 11.13
C LYS E 107 5.41 49.29 11.50
N ILE E 108 4.72 48.68 10.56
CA ILE E 108 3.46 48.04 10.90
C ILE E 108 3.67 46.54 10.97
N TYR E 109 3.12 45.90 11.98
CA TYR E 109 3.06 44.43 12.03
C TYR E 109 1.61 44.00 11.79
N GLY E 110 1.29 43.52 10.58
CA GLY E 110 -0.06 43.01 10.28
C GLY E 110 -0.34 41.56 10.64
N ILE E 111 -1.52 41.30 11.15
CA ILE E 111 -1.86 39.95 11.48
C ILE E 111 -3.22 39.57 10.93
N GLU E 112 -3.25 38.84 9.81
CA GLU E 112 -4.43 38.06 9.39
C GLU E 112 -4.48 36.62 9.92
N PHE E 113 -5.69 36.10 9.96
CA PHE E 113 -5.91 34.74 10.37
C PHE E 113 -6.19 33.88 9.13
N SER E 114 -7.25 34.24 8.40
CA SER E 114 -7.57 33.60 7.12
C SER E 114 -6.39 33.80 6.19
N PRO E 115 -5.74 32.69 5.78
CA PRO E 115 -4.48 32.76 5.04
C PRO E 115 -4.73 33.23 3.63
N ARG E 116 -5.94 33.02 3.15
CA ARG E 116 -6.24 33.36 1.77
C ARG E 116 -6.19 34.85 1.54
N VAL E 117 -6.85 35.62 2.41
CA VAL E 117 -6.85 37.08 2.33
C VAL E 117 -5.44 37.62 2.55
N LEU E 118 -4.76 37.17 3.60
CA LEU E 118 -3.43 37.68 3.87
C LEU E 118 -2.56 37.64 2.62
N ARG E 119 -2.65 36.52 1.91
CA ARG E 119 -1.87 36.27 0.69
C ARG E 119 -1.97 37.45 -0.27
N GLU E 120 -3.13 38.11 -0.25
CA GLU E 120 -3.37 39.20 -1.19
C GLU E 120 -2.60 40.45 -0.76
N LEU E 121 -2.14 40.46 0.48
CA LEU E 121 -1.24 41.50 0.98
C LEU E 121 0.19 41.25 0.52
N VAL E 122 0.63 40.02 0.71
CA VAL E 122 2.03 39.63 0.61
C VAL E 122 2.84 40.15 -0.59
N PRO E 123 2.20 40.20 -1.77
CA PRO E 123 2.89 40.78 -2.92
C PRO E 123 3.25 42.25 -2.64
N ILE E 124 2.27 43.01 -2.14
CA ILE E 124 2.41 44.43 -1.87
C ILE E 124 3.65 44.84 -1.04
N VAL E 125 3.95 44.08 -0.01
CA VAL E 125 4.94 44.45 0.99
C VAL E 125 6.35 44.18 0.55
N GLU E 126 6.51 43.84 -0.73
CA GLU E 126 7.82 43.79 -1.36
C GLU E 126 8.26 45.22 -1.63
N GLU E 127 7.44 45.90 -2.42
CA GLU E 127 7.53 47.32 -2.67
C GLU E 127 7.46 48.11 -1.37
N ARG E 128 6.36 47.93 -0.65
CA ARG E 128 6.08 48.78 0.48
C ARG E 128 6.57 48.00 1.69
N ARG E 129 7.83 48.24 2.05
CA ARG E 129 8.52 47.31 2.92
C ARG E 129 8.54 47.60 4.40
N ASN E 130 7.66 48.52 4.80
CA ASN E 130 7.46 48.84 6.22
C ASN E 130 6.38 47.99 6.90
N ILE E 131 5.62 47.21 6.13
CA ILE E 131 4.64 46.28 6.67
C ILE E 131 5.21 44.86 6.71
N ILE E 132 4.92 44.11 7.77
CA ILE E 132 5.30 42.72 7.85
C ILE E 132 4.06 41.83 7.96
N PRO E 133 3.68 41.14 6.88
CA PRO E 133 2.47 40.32 7.00
C PRO E 133 2.74 39.08 7.80
N ILE E 134 1.91 38.78 8.78
CA ILE E 134 2.15 37.64 9.66
C ILE E 134 0.89 36.79 9.80
N LEU E 135 0.91 35.55 9.32
CA LEU E 135 -0.20 34.68 9.61
C LEU E 135 -0.25 34.37 11.13
N GLY E 136 -1.42 34.57 11.75
CA GLY E 136 -1.54 34.39 13.19
C GLY E 136 -2.93 34.57 13.78
N ASP E 137 -3.10 34.20 15.05
CA ASP E 137 -4.41 34.37 15.66
C ASP E 137 -4.30 35.29 16.84
N ALA E 138 -4.97 36.45 16.74
CA ALA E 138 -4.90 37.47 17.79
C ALA E 138 -5.25 36.92 19.17
N THR E 139 -6.20 35.99 19.21
CA THR E 139 -6.55 35.27 20.44
C THR E 139 -5.30 34.80 21.17
N LYS E 140 -4.36 34.23 20.40
CA LYS E 140 -3.07 33.83 20.97
C LYS E 140 -1.97 34.75 20.49
N PRO E 141 -1.52 35.65 21.37
CA PRO E 141 -0.52 36.68 21.10
C PRO E 141 0.85 36.06 21.01
N GLU E 142 1.05 34.97 21.75
CA GLU E 142 2.35 34.31 21.78
C GLU E 142 2.68 33.59 20.48
N GLU E 143 1.64 33.21 19.74
CA GLU E 143 1.84 32.51 18.49
C GLU E 143 2.72 33.32 17.53
N TYR E 144 2.66 34.65 17.63
CA TYR E 144 3.64 35.59 17.03
C TYR E 144 4.71 36.19 17.96
N ARG E 145 4.83 35.64 19.17
CA ARG E 145 5.74 36.17 20.18
C ARG E 145 7.12 36.60 19.67
N ALA E 146 7.71 35.87 18.75
CA ALA E 146 9.05 36.23 18.23
C ALA E 146 9.12 36.97 16.89
N LEU E 147 7.99 37.35 16.30
CA LEU E 147 8.01 38.10 15.04
C LEU E 147 7.81 39.58 15.21
N VAL E 148 7.60 40.03 16.44
CA VAL E 148 7.26 41.43 16.67
C VAL E 148 8.17 42.09 17.71
N THR E 149 8.07 43.42 17.82
CA THR E 149 8.82 44.16 18.81
C THR E 149 7.86 45.19 19.39
N LYS E 150 8.14 45.77 20.55
CA LYS E 150 7.16 46.60 21.25
C LYS E 150 6.69 47.75 20.37
N VAL E 151 5.38 47.97 20.33
CA VAL E 151 4.83 49.00 19.46
C VAL E 151 4.46 50.29 20.22
N ASP E 152 4.17 51.35 19.47
CA ASP E 152 3.62 52.60 19.99
C ASP E 152 2.10 52.69 19.99
N VAL E 153 1.48 52.05 19.04
CA VAL E 153 0.02 52.03 18.91
C VAL E 153 -0.35 50.58 18.65
N ILE E 154 -1.52 50.14 19.09
CA ILE E 154 -2.07 48.86 18.65
C ILE E 154 -3.32 49.25 17.93
N PHE E 155 -3.65 48.53 16.86
CA PHE E 155 -4.93 48.76 16.17
C PHE E 155 -5.63 47.44 15.89
N GLU E 156 -6.80 47.25 16.50
CA GLU E 156 -7.55 46.00 16.35
C GLU E 156 -8.87 46.15 15.62
N ASP E 157 -9.05 45.40 14.52
CA ASP E 157 -10.30 45.42 13.76
C ASP E 157 -11.17 44.17 13.97
N VAL E 158 -10.83 43.07 13.28
CA VAL E 158 -11.22 41.70 13.69
C VAL E 158 -12.64 41.45 14.23
N ALA E 159 -13.70 41.48 13.42
CA ALA E 159 -15.00 41.44 14.08
C ALA E 159 -15.11 40.10 14.75
N GLN E 160 -15.01 40.13 16.09
CA GLN E 160 -14.96 38.94 16.90
C GLN E 160 -15.47 39.23 18.29
N PRO E 161 -16.13 38.25 18.93
CA PRO E 161 -16.77 38.58 20.20
C PRO E 161 -15.81 39.03 21.28
N THR E 162 -14.74 38.28 21.51
CA THR E 162 -13.90 38.61 22.64
C THR E 162 -13.15 39.94 22.44
N GLN E 163 -13.30 40.53 21.25
CA GLN E 163 -12.32 41.50 20.74
C GLN E 163 -11.91 42.50 21.80
N ALA E 164 -12.85 42.83 22.67
CA ALA E 164 -12.55 43.70 23.80
C ALA E 164 -11.31 43.16 24.48
N LYS E 165 -11.38 41.89 24.89
CA LYS E 165 -10.25 41.20 25.48
C LYS E 165 -9.04 41.20 24.56
N ILE E 166 -9.27 40.89 23.30
CA ILE E 166 -8.17 40.67 22.40
C ILE E 166 -7.17 41.79 22.62
N LEU E 167 -7.69 43.02 22.71
CA LEU E 167 -6.89 44.23 22.77
C LEU E 167 -6.06 44.34 24.05
N ILE E 168 -6.73 44.17 25.18
CA ILE E 168 -6.07 44.12 26.48
C ILE E 168 -4.90 43.13 26.46
N ASP E 169 -5.15 41.98 25.86
CA ASP E 169 -4.22 40.89 25.86
C ASP E 169 -2.92 41.24 25.15
N ASN E 170 -3.07 41.84 23.97
CA ASN E 170 -1.93 42.25 23.17
C ASN E 170 -1.21 43.43 23.74
N ALA E 171 -2.00 44.34 24.33
CA ALA E 171 -1.49 45.56 24.94
C ALA E 171 -0.52 45.26 26.08
N LYS E 172 -0.60 44.06 26.65
CA LYS E 172 0.31 43.66 27.71
C LYS E 172 1.64 43.15 27.20
N ALA E 173 1.64 42.45 26.07
CA ALA E 173 2.87 41.87 25.53
C ALA E 173 3.70 42.92 24.81
N TYR E 174 2.98 43.75 24.06
CA TYR E 174 3.55 44.49 22.95
C TYR E 174 3.50 46.00 23.09
N LEU E 175 2.27 46.52 23.14
CA LEU E 175 2.04 47.95 23.39
C LEU E 175 2.84 48.44 24.60
N LYS E 176 3.40 49.64 24.51
CA LYS E 176 4.40 50.08 25.51
C LYS E 176 3.88 51.23 26.34
N ARG E 177 4.49 51.48 27.50
CA ARG E 177 3.87 52.41 28.47
C ARG E 177 3.41 53.71 27.81
N GLY E 178 2.19 54.11 28.16
CA GLY E 178 1.66 55.34 27.63
C GLY E 178 1.45 55.28 26.13
N GLY E 179 1.52 54.07 25.59
CA GLY E 179 1.20 53.89 24.19
C GLY E 179 -0.30 53.81 24.02
N TYR E 180 -0.83 54.35 22.95
CA TYR E 180 -2.28 54.33 22.76
C TYR E 180 -2.66 53.10 21.97
N GLY E 181 -3.96 52.89 21.81
CA GLY E 181 -4.44 51.85 20.94
C GLY E 181 -5.84 52.22 20.55
N MET E 182 -6.31 51.78 19.38
CA MET E 182 -7.66 52.08 18.96
C MET E 182 -8.34 50.89 18.31
N ILE E 183 -9.51 50.51 18.81
CA ILE E 183 -10.22 49.36 18.29
C ILE E 183 -11.55 49.76 17.67
N ALA E 184 -11.94 49.10 16.58
CA ALA E 184 -13.25 49.30 15.95
C ALA E 184 -14.20 48.13 16.27
N VAL E 185 -15.32 48.45 16.93
CA VAL E 185 -16.27 47.44 17.40
C VAL E 185 -17.56 47.40 16.56
N LYS E 186 -18.03 46.21 16.17
CA LYS E 186 -19.24 46.11 15.34
C LYS E 186 -20.55 45.89 16.11
N SER E 187 -20.43 45.55 17.38
CA SER E 187 -21.54 45.49 18.35
C SER E 187 -22.50 44.31 18.24
N ARG E 188 -22.60 43.67 17.09
CA ARG E 188 -23.14 42.31 17.06
C ARG E 188 -21.99 41.29 16.90
N SER E 189 -20.79 41.85 16.77
CA SER E 189 -19.59 41.05 16.81
C SER E 189 -19.55 40.42 18.17
N ILE E 190 -19.95 41.19 19.18
CA ILE E 190 -19.93 40.76 20.57
C ILE E 190 -21.27 40.13 21.00
N ASP E 191 -22.32 40.94 21.02
CA ASP E 191 -23.66 40.41 21.29
C ASP E 191 -24.68 40.82 20.22
N VAL E 192 -25.19 39.84 19.49
CA VAL E 192 -26.11 40.13 18.40
C VAL E 192 -27.46 40.57 18.92
N THR E 193 -27.84 40.03 20.06
CA THR E 193 -29.15 40.31 20.64
C THR E 193 -29.21 41.72 21.24
N LYS E 194 -28.42 41.98 22.26
CA LYS E 194 -28.63 43.20 23.05
C LYS E 194 -28.20 44.52 22.42
N GLU E 195 -28.87 45.57 22.87
CA GLU E 195 -28.83 46.93 22.35
C GLU E 195 -27.41 47.52 22.16
N PRO E 196 -27.13 48.00 20.94
CA PRO E 196 -25.78 48.50 20.63
C PRO E 196 -25.22 49.51 21.63
N GLU E 197 -25.96 50.55 21.98
CA GLU E 197 -25.39 51.49 22.92
C GLU E 197 -25.16 50.82 24.27
N GLN E 198 -25.77 49.67 24.47
CA GLN E 198 -25.51 48.88 25.67
C GLN E 198 -24.17 48.16 25.57
N VAL E 199 -24.01 47.30 24.58
CA VAL E 199 -22.74 46.62 24.44
C VAL E 199 -21.58 47.63 24.36
N PHE E 200 -21.76 48.70 23.60
CA PHE E 200 -20.74 49.74 23.49
C PHE E 200 -20.25 50.16 24.88
N LYS E 201 -21.19 50.17 25.82
CA LYS E 201 -20.91 50.57 27.20
C LYS E 201 -20.13 49.49 27.91
N GLU E 202 -20.75 48.31 27.98
CA GLU E 202 -20.19 47.14 28.66
C GLU E 202 -18.81 46.87 28.13
N VAL E 203 -18.59 47.27 26.88
CA VAL E 203 -17.28 47.21 26.27
C VAL E 203 -16.39 48.32 26.80
N GLU E 204 -16.94 49.52 26.90
CA GLU E 204 -16.18 50.65 27.43
C GLU E 204 -15.70 50.27 28.82
N ARG E 205 -16.60 49.71 29.61
CA ARG E 205 -16.24 49.28 30.96
C ARG E 205 -15.15 48.22 30.89
N GLU E 206 -15.28 47.28 29.97
CA GLU E 206 -14.35 46.16 29.93
C GLU E 206 -12.93 46.65 29.69
N LEU E 207 -12.79 47.71 28.90
CA LEU E 207 -11.47 48.26 28.55
C LEU E 207 -10.90 49.08 29.69
N SER E 208 -11.78 49.90 30.29
CA SER E 208 -11.39 50.84 31.33
C SER E 208 -10.80 50.13 32.52
N GLU E 209 -10.97 48.81 32.56
CA GLU E 209 -10.39 47.99 33.61
C GLU E 209 -8.88 47.96 33.46
N TYR E 210 -8.41 48.15 32.22
CA TYR E 210 -7.00 48.11 31.84
C TYR E 210 -6.51 49.48 31.31
N PHE E 211 -7.20 50.01 30.31
CA PHE E 211 -6.88 51.33 29.73
C PHE E 211 -7.55 52.54 30.37
N GLU E 212 -7.23 53.71 29.82
CA GLU E 212 -7.94 54.97 30.06
C GLU E 212 -8.76 55.25 28.82
N VAL E 213 -10.08 55.18 28.90
CA VAL E 213 -10.80 55.22 27.63
C VAL E 213 -10.94 56.68 27.26
N ILE E 214 -10.20 57.08 26.24
CA ILE E 214 -10.07 58.48 25.94
C ILE E 214 -11.02 58.88 24.81
N GLU E 215 -11.75 57.92 24.27
CA GLU E 215 -12.69 58.26 23.21
C GLU E 215 -13.55 57.11 22.66
N ARG E 216 -14.75 57.48 22.22
CA ARG E 216 -15.65 56.61 21.50
C ARG E 216 -16.14 57.52 20.41
N LEU E 217 -16.29 57.00 19.20
CA LEU E 217 -16.82 57.81 18.14
C LEU E 217 -17.69 56.99 17.18
N ASN E 218 -18.99 57.23 17.14
CA ASN E 218 -19.83 56.43 16.26
C ASN E 218 -19.47 56.56 14.77
N LEU E 219 -19.48 55.45 14.05
CA LEU E 219 -19.01 55.38 12.66
C LEU E 219 -20.08 55.64 11.60
N GLU E 220 -21.27 56.02 12.04
CA GLU E 220 -22.31 56.42 11.11
C GLU E 220 -21.87 57.67 10.38
N PRO E 221 -22.49 57.96 9.23
CA PRO E 221 -23.46 57.14 8.52
C PRO E 221 -22.80 55.98 7.76
N TYR E 222 -21.47 56.07 7.54
CA TYR E 222 -20.74 55.15 6.67
C TYR E 222 -20.97 53.69 6.98
N GLU E 223 -20.42 53.26 8.11
CA GLU E 223 -20.70 51.94 8.65
C GLU E 223 -21.82 52.06 9.68
N LYS E 224 -22.74 51.11 9.63
CA LYS E 224 -23.84 51.02 10.58
C LYS E 224 -23.31 50.53 11.91
N ASP E 225 -23.81 51.07 13.02
CA ASP E 225 -23.64 50.46 14.34
C ASP E 225 -22.24 49.96 14.67
N HIS E 226 -21.21 50.66 14.18
CA HIS E 226 -19.86 50.37 14.61
C HIS E 226 -19.47 51.56 15.43
N ALA E 227 -18.33 51.50 16.10
CA ALA E 227 -17.74 52.70 16.69
C ALA E 227 -16.27 52.50 16.93
N LEU E 228 -15.49 53.53 16.75
CA LEU E 228 -14.09 53.46 17.14
C LEU E 228 -13.98 53.79 18.64
N PHE E 229 -12.98 53.23 19.33
CA PHE E 229 -12.65 53.66 20.68
C PHE E 229 -11.18 53.97 20.67
N VAL E 230 -10.75 54.99 21.40
CA VAL E 230 -9.31 55.11 21.67
C VAL E 230 -9.07 54.89 23.14
N VAL E 231 -8.03 54.16 23.48
CA VAL E 231 -7.71 53.92 24.88
C VAL E 231 -6.24 54.27 25.02
N ARG E 232 -5.76 54.52 26.22
CA ARG E 232 -4.33 54.71 26.36
C ARG E 232 -3.82 53.80 27.46
N LYS E 233 -2.52 53.51 27.46
CA LYS E 233 -1.98 52.52 28.36
C LYS E 233 -1.29 53.23 29.51
N PRO E 234 -1.77 53.00 30.74
CA PRO E 234 -1.23 53.61 31.97
C PRO E 234 0.28 53.48 32.00
N MET F 8 18.93 -68.61 12.42
CA MET F 8 19.56 -69.41 11.35
C MET F 8 20.60 -68.64 10.51
N VAL F 9 20.46 -67.32 10.41
CA VAL F 9 21.21 -66.56 9.42
C VAL F 9 22.71 -66.81 9.38
N GLU F 10 23.19 -67.04 8.16
CA GLU F 10 24.60 -67.13 7.84
C GLU F 10 24.97 -66.01 6.88
N VAL F 11 26.18 -65.50 7.02
CA VAL F 11 26.62 -64.38 6.21
C VAL F 11 28.05 -64.58 5.73
N LYS F 12 28.23 -64.60 4.41
CA LYS F 12 29.56 -64.85 3.87
C LYS F 12 29.77 -63.97 2.65
N LYS F 13 31.03 -63.67 2.36
CA LYS F 13 31.38 -62.75 1.28
C LYS F 13 30.75 -63.10 -0.10
N HIS F 14 30.26 -62.08 -0.77
CA HIS F 14 29.62 -62.20 -2.07
C HIS F 14 30.74 -61.88 -3.06
N LYS F 15 30.51 -62.04 -4.36
CA LYS F 15 31.62 -61.90 -5.29
C LYS F 15 32.16 -60.48 -5.30
N PHE F 16 31.25 -59.50 -5.24
CA PHE F 16 31.64 -58.09 -5.30
C PHE F 16 32.16 -57.54 -3.98
N PRO F 17 33.22 -56.71 -4.04
CA PRO F 17 33.72 -56.10 -2.80
C PRO F 17 32.63 -55.23 -2.20
N GLY F 18 32.33 -55.42 -0.91
CA GLY F 18 31.25 -54.69 -0.31
C GLY F 18 29.87 -55.25 -0.59
N VAL F 19 29.79 -56.51 -0.98
CA VAL F 19 28.49 -57.17 -1.01
C VAL F 19 28.58 -58.49 -0.27
N TYR F 20 27.51 -58.83 0.44
CA TYR F 20 27.45 -60.02 1.26
C TYR F 20 26.18 -60.80 0.99
N VAL F 21 26.29 -62.11 1.11
CA VAL F 21 25.19 -63.00 0.84
C VAL F 21 24.74 -63.54 2.19
N VAL F 22 23.44 -63.78 2.32
CA VAL F 22 22.92 -64.31 3.56
C VAL F 22 22.07 -65.51 3.25
N ILE F 23 22.22 -66.56 4.04
CA ILE F 23 21.25 -67.65 3.98
C ILE F 23 20.35 -67.43 5.16
N ASP F 24 19.20 -66.83 4.86
CA ASP F 24 18.34 -66.26 5.89
C ASP F 24 17.52 -67.36 6.47
N ASP F 25 16.43 -67.00 7.14
CA ASP F 25 15.73 -67.95 7.98
C ASP F 25 15.77 -69.30 7.27
N ASP F 26 15.03 -69.43 6.18
CA ASP F 26 14.68 -70.77 5.77
C ASP F 26 15.81 -71.42 4.99
N GLY F 27 15.81 -71.27 3.67
CA GLY F 27 16.93 -71.75 2.88
C GLY F 27 17.66 -70.72 2.05
N SER F 28 17.04 -69.55 1.95
CA SER F 28 17.21 -68.73 0.75
C SER F 28 18.39 -67.80 0.75
N GLU F 29 18.57 -67.13 -0.37
CA GLU F 29 19.70 -66.27 -0.56
C GLU F 29 19.23 -64.86 -0.83
N LYS F 30 19.76 -63.90 -0.07
CA LYS F 30 19.60 -62.47 -0.37
C LYS F 30 20.95 -61.74 -0.24
N ILE F 31 21.06 -60.57 -0.86
CA ILE F 31 22.29 -59.79 -0.77
C ILE F 31 22.11 -58.76 0.30
N ALA F 32 23.19 -58.07 0.66
CA ALA F 32 23.20 -57.22 1.84
C ALA F 32 24.55 -56.55 1.98
N THR F 33 24.62 -55.42 2.70
CA THR F 33 25.82 -54.58 2.65
C THR F 33 26.15 -54.13 4.01
N LYS F 34 27.43 -53.94 4.30
CA LYS F 34 27.83 -53.55 5.65
C LYS F 34 27.39 -52.12 6.02
N ASN F 35 26.62 -51.99 7.10
CA ASN F 35 26.15 -50.68 7.50
C ASN F 35 27.36 -49.85 7.89
N LEU F 36 27.46 -48.70 7.24
CA LEU F 36 28.57 -47.76 7.40
C LEU F 36 28.53 -47.12 8.76
N VAL F 37 27.32 -46.83 9.21
CA VAL F 37 27.11 -46.19 10.49
C VAL F 37 26.18 -47.02 11.33
N PRO F 38 26.74 -47.94 12.11
CA PRO F 38 25.84 -48.79 12.87
C PRO F 38 24.82 -47.92 13.61
N GLY F 39 23.58 -48.41 13.71
CA GLY F 39 22.51 -47.76 14.44
C GLY F 39 21.53 -47.03 13.54
N GLN F 40 21.99 -46.58 12.38
CA GLN F 40 21.12 -45.88 11.46
C GLN F 40 20.20 -46.91 10.85
N ARG F 41 19.05 -46.46 10.40
CA ARG F 41 18.26 -47.25 9.47
C ARG F 41 17.63 -46.27 8.51
N VAL F 42 17.92 -46.42 7.22
CA VAL F 42 17.55 -45.39 6.26
C VAL F 42 16.09 -45.51 5.82
N TYR F 43 15.82 -46.51 4.99
CA TYR F 43 14.50 -46.74 4.44
C TYR F 43 13.67 -47.79 5.19
N GLY F 44 14.13 -48.20 6.37
CA GLY F 44 13.36 -49.14 7.17
C GLY F 44 13.39 -50.53 6.59
N GLU F 45 14.60 -51.06 6.54
CA GLU F 45 14.96 -52.27 5.81
C GLU F 45 15.49 -53.22 6.85
N ARG F 46 15.71 -54.48 6.52
CA ARG F 46 16.04 -55.46 7.56
C ARG F 46 17.53 -55.46 7.82
N VAL F 47 17.94 -54.92 8.97
CA VAL F 47 19.32 -55.09 9.39
C VAL F 47 19.41 -56.48 9.98
N ILE F 48 20.61 -57.03 10.05
CA ILE F 48 20.81 -58.33 10.65
C ILE F 48 22.16 -58.21 11.31
N LYS F 49 22.39 -59.00 12.34
CA LYS F 49 23.62 -58.84 13.08
C LYS F 49 24.52 -60.07 12.84
N TRP F 50 25.84 -59.85 12.83
CA TRP F 50 26.84 -60.87 12.50
C TRP F 50 28.03 -60.63 13.41
N GLU F 51 29.18 -61.20 13.10
CA GLU F 51 30.22 -61.19 14.12
C GLU F 51 30.69 -59.76 14.28
N GLY F 52 30.36 -59.20 15.45
CA GLY F 52 30.66 -57.81 15.76
C GLY F 52 29.86 -56.75 15.02
N GLU F 53 29.09 -57.12 13.99
CA GLU F 53 28.66 -56.10 13.02
C GLU F 53 27.31 -56.30 12.37
N GLU F 54 26.75 -55.18 11.90
CA GLU F 54 25.43 -55.21 11.27
C GLU F 54 25.46 -54.97 9.75
N TYR F 55 24.76 -55.85 9.06
CA TYR F 55 24.69 -55.86 7.62
C TYR F 55 23.27 -55.49 7.20
N ARG F 56 23.11 -54.40 6.47
CA ARG F 56 21.79 -54.00 5.99
C ARG F 56 21.40 -54.86 4.82
N ILE F 57 20.27 -55.56 4.91
CA ILE F 57 19.76 -56.27 3.75
C ILE F 57 19.45 -55.28 2.68
N TRP F 58 19.40 -55.74 1.46
CA TRP F 58 19.18 -54.85 0.37
C TRP F 58 18.17 -55.57 -0.47
N ASN F 59 16.98 -55.02 -0.57
CA ASN F 59 15.92 -55.74 -1.28
C ASN F 59 15.74 -55.32 -2.75
N PRO F 60 15.87 -56.29 -3.63
CA PRO F 60 15.79 -56.14 -5.07
C PRO F 60 14.53 -55.46 -5.47
N HIS F 61 13.49 -55.52 -4.65
CA HIS F 61 12.24 -54.92 -5.06
C HIS F 61 12.23 -53.40 -4.87
N ARG F 62 13.17 -52.94 -4.05
CA ARG F 62 13.27 -51.56 -3.61
C ARG F 62 14.25 -50.75 -4.45
N SER F 63 15.49 -51.21 -4.46
CA SER F 63 16.54 -50.64 -5.31
C SER F 63 16.70 -51.45 -6.61
N LYS F 64 16.68 -50.80 -7.75
CA LYS F 64 16.97 -51.48 -9.01
C LYS F 64 18.36 -52.07 -8.95
N LEU F 65 19.32 -51.27 -8.54
CA LEU F 65 20.71 -51.67 -8.60
C LEU F 65 20.88 -52.90 -7.73
N GLY F 66 19.98 -53.06 -6.78
CA GLY F 66 19.89 -54.29 -6.04
C GLY F 66 19.37 -55.40 -6.93
N ALA F 67 18.22 -55.17 -7.54
CA ALA F 67 17.70 -56.15 -8.51
C ALA F 67 18.71 -56.43 -9.63
N ALA F 68 19.38 -55.40 -10.12
CA ALA F 68 20.41 -55.59 -11.12
C ALA F 68 21.36 -56.71 -10.70
N ILE F 69 21.88 -56.62 -9.49
CA ILE F 69 22.87 -57.56 -8.97
C ILE F 69 22.32 -58.92 -8.63
N VAL F 70 21.03 -59.02 -8.36
CA VAL F 70 20.43 -60.33 -8.08
C VAL F 70 20.15 -61.05 -9.41
N ASN F 71 20.10 -60.27 -10.48
CA ASN F 71 19.92 -60.82 -11.81
C ASN F 71 21.26 -61.13 -12.45
N GLY F 72 22.30 -61.08 -11.63
CA GLY F 72 23.66 -61.38 -12.03
C GLY F 72 24.37 -60.32 -12.84
N LEU F 73 24.30 -59.08 -12.37
CA LEU F 73 25.03 -58.03 -13.05
C LEU F 73 26.51 -58.47 -13.17
N LYS F 74 27.02 -58.42 -14.39
CA LYS F 74 28.34 -58.94 -14.67
C LYS F 74 29.40 -58.06 -14.00
N ASN F 75 29.54 -56.81 -14.45
CA ASN F 75 30.56 -55.94 -13.89
C ASN F 75 30.05 -54.60 -13.34
N PHE F 76 30.63 -54.23 -12.19
CA PHE F 76 30.08 -53.32 -11.21
C PHE F 76 31.20 -52.42 -10.70
N PRO F 77 31.39 -51.26 -11.36
CA PRO F 77 32.47 -50.27 -11.16
C PRO F 77 32.48 -49.66 -9.77
N ILE F 78 31.39 -49.84 -9.02
CA ILE F 78 31.21 -49.16 -7.75
C ILE F 78 31.79 -50.02 -6.64
N LYS F 79 32.92 -49.57 -6.13
CA LYS F 79 33.69 -50.41 -5.24
C LYS F 79 34.41 -49.54 -4.25
N PRO F 80 34.81 -50.12 -3.10
CA PRO F 80 35.29 -49.30 -2.00
C PRO F 80 36.37 -48.30 -2.43
N GLY F 81 36.18 -47.02 -2.10
CA GLY F 81 37.18 -46.01 -2.32
C GLY F 81 36.85 -45.12 -3.49
N LYS F 82 35.85 -45.54 -4.26
CA LYS F 82 35.55 -44.89 -5.54
C LYS F 82 34.62 -43.69 -5.40
N SER F 83 34.87 -42.66 -6.20
CA SER F 83 34.08 -41.45 -6.19
C SER F 83 33.01 -41.47 -7.29
N VAL F 84 31.75 -41.59 -6.90
CA VAL F 84 30.64 -41.69 -7.85
C VAL F 84 29.72 -40.51 -7.82
N LEU F 85 29.26 -40.09 -9.00
CA LEU F 85 28.27 -39.03 -9.12
C LEU F 85 26.91 -39.68 -9.24
N TYR F 86 25.97 -39.34 -8.39
CA TYR F 86 24.69 -40.04 -8.43
C TYR F 86 23.56 -39.09 -8.84
N LEU F 87 22.95 -39.32 -10.00
CA LEU F 87 21.85 -38.47 -10.43
C LEU F 87 20.53 -39.12 -10.10
N GLY F 88 19.66 -38.37 -9.43
CA GLY F 88 18.39 -38.88 -8.94
C GLY F 88 18.48 -39.69 -7.66
N ILE F 89 19.16 -39.13 -6.65
CA ILE F 89 19.40 -39.83 -5.41
C ILE F 89 18.19 -39.98 -4.49
N ALA F 90 17.18 -39.15 -4.71
CA ALA F 90 15.91 -39.19 -3.98
C ALA F 90 16.03 -39.30 -2.44
N SER F 91 15.13 -40.07 -1.83
CA SER F 91 15.20 -40.27 -0.39
C SER F 91 16.60 -40.73 -0.01
N GLY F 92 17.17 -41.59 -0.86
CA GLY F 92 18.43 -42.25 -0.55
C GLY F 92 18.34 -43.73 -0.26
N THR F 93 17.15 -44.31 -0.43
CA THR F 93 16.95 -45.74 -0.26
C THR F 93 17.95 -46.50 -1.14
N THR F 94 18.08 -46.03 -2.37
CA THR F 94 18.90 -46.69 -3.39
C THR F 94 20.39 -46.34 -3.27
N ALA F 95 20.68 -45.10 -2.94
CA ALA F 95 22.06 -44.64 -2.81
C ALA F 95 22.65 -44.86 -1.42
N SER F 96 21.80 -45.32 -0.51
CA SER F 96 22.22 -45.45 0.88
C SER F 96 23.18 -46.61 0.94
N HIS F 97 22.86 -47.62 0.12
CA HIS F 97 23.59 -48.86 0.09
C HIS F 97 24.95 -48.72 -0.55
N VAL F 98 25.01 -48.04 -1.68
CA VAL F 98 26.28 -47.77 -2.29
C VAL F 98 27.22 -47.03 -1.33
N SER F 99 26.66 -46.25 -0.43
CA SER F 99 27.48 -45.58 0.56
C SER F 99 28.22 -46.58 1.41
N ASP F 100 27.55 -47.69 1.70
CA ASP F 100 28.09 -48.74 2.57
C ASP F 100 29.30 -49.35 1.87
N ILE F 101 29.09 -49.67 0.60
CA ILE F 101 30.11 -50.18 -0.33
C ILE F 101 31.30 -49.24 -0.46
N VAL F 102 31.02 -48.07 -1.03
CA VAL F 102 32.03 -47.08 -1.31
C VAL F 102 32.96 -46.83 -0.10
N GLY F 103 32.39 -46.64 1.08
CA GLY F 103 33.20 -46.55 2.29
C GLY F 103 33.68 -45.15 2.57
N TRP F 104 34.52 -45.00 3.60
CA TRP F 104 34.92 -43.68 4.07
C TRP F 104 35.81 -42.87 3.13
N GLU F 105 36.78 -43.53 2.51
CA GLU F 105 37.59 -42.84 1.51
C GLU F 105 36.85 -42.85 0.18
N GLY F 106 35.61 -43.33 0.22
CA GLY F 106 34.72 -43.20 -0.92
C GLY F 106 33.94 -41.91 -0.79
N LYS F 107 33.39 -41.43 -1.90
CA LYS F 107 32.69 -40.16 -1.94
C LYS F 107 31.50 -40.25 -2.90
N ILE F 108 30.33 -39.80 -2.48
CA ILE F 108 29.16 -39.80 -3.38
C ILE F 108 28.56 -38.41 -3.56
N TYR F 109 28.29 -38.02 -4.80
CA TYR F 109 27.65 -36.74 -5.00
C TYR F 109 26.22 -37.00 -5.45
N GLY F 110 25.30 -36.88 -4.49
CA GLY F 110 23.89 -37.12 -4.78
C GLY F 110 23.16 -35.89 -5.27
N ILE F 111 22.29 -36.08 -6.27
CA ILE F 111 21.58 -34.98 -6.89
C ILE F 111 20.12 -35.32 -7.09
N GLU F 112 19.25 -34.66 -6.33
CA GLU F 112 17.82 -34.85 -6.50
C GLU F 112 17.37 -33.50 -7.03
N PHE F 113 16.10 -33.36 -7.36
CA PHE F 113 15.63 -32.14 -7.97
C PHE F 113 14.41 -31.57 -7.22
N SER F 114 13.37 -32.39 -7.07
CA SER F 114 12.34 -32.11 -6.06
C SER F 114 12.98 -31.89 -4.68
N PRO F 115 12.75 -30.72 -4.03
CA PRO F 115 13.36 -30.34 -2.75
C PRO F 115 12.79 -31.09 -1.54
N ARG F 116 11.54 -31.55 -1.65
CA ARG F 116 10.89 -32.24 -0.53
C ARG F 116 11.53 -33.60 -0.27
N VAL F 117 11.83 -34.33 -1.35
CA VAL F 117 12.44 -35.65 -1.23
C VAL F 117 13.87 -35.56 -0.78
N LEU F 118 14.67 -34.78 -1.47
CA LEU F 118 16.06 -34.65 -1.07
C LEU F 118 16.17 -34.30 0.41
N ARG F 119 15.22 -33.51 0.91
CA ARG F 119 15.20 -33.14 2.32
C ARG F 119 15.33 -34.36 3.20
N GLU F 120 14.47 -35.35 2.95
CA GLU F 120 14.39 -36.56 3.76
C GLU F 120 15.77 -37.29 3.80
N LEU F 121 16.67 -36.89 2.91
CA LEU F 121 18.06 -37.37 2.92
C LEU F 121 19.03 -36.58 3.82
N VAL F 122 18.86 -35.27 3.86
CA VAL F 122 19.81 -34.34 4.49
C VAL F 122 20.20 -34.65 5.93
N PRO F 123 19.27 -35.16 6.73
CA PRO F 123 19.60 -35.58 8.10
C PRO F 123 20.49 -36.83 8.15
N ILE F 124 20.32 -37.71 7.16
CA ILE F 124 21.11 -38.93 7.05
C ILE F 124 22.57 -38.57 6.92
N VAL F 125 22.85 -37.59 6.09
CA VAL F 125 24.23 -37.30 5.73
C VAL F 125 25.03 -36.76 6.87
N GLU F 126 24.40 -36.60 8.04
CA GLU F 126 25.17 -36.21 9.23
C GLU F 126 25.91 -37.38 9.83
N GLU F 127 25.21 -38.51 9.97
CA GLU F 127 25.78 -39.76 10.47
C GLU F 127 26.73 -40.35 9.42
N ARG F 128 26.17 -40.45 8.21
CA ARG F 128 26.80 -41.09 7.09
C ARG F 128 27.36 -39.97 6.24
N ARG F 129 28.62 -39.63 6.45
CA ARG F 129 29.12 -38.36 5.90
C ARG F 129 29.89 -38.40 4.58
N ASN F 130 29.87 -39.54 3.92
CA ASN F 130 30.47 -39.62 2.60
C ASN F 130 29.54 -39.18 1.48
N ILE F 131 28.33 -38.72 1.83
CA ILE F 131 27.36 -38.23 0.83
C ILE F 131 27.16 -36.73 0.90
N ILE F 132 26.87 -36.12 -0.24
CA ILE F 132 26.66 -34.67 -0.37
C ILE F 132 25.36 -34.40 -1.11
N PRO F 133 24.26 -34.19 -0.37
CA PRO F 133 23.00 -33.89 -1.05
C PRO F 133 23.09 -32.53 -1.73
N ILE F 134 22.76 -32.45 -3.01
CA ILE F 134 22.88 -31.24 -3.79
C ILE F 134 21.60 -31.00 -4.58
N LEU F 135 20.83 -29.97 -4.26
CA LEU F 135 19.60 -29.81 -5.02
C LEU F 135 19.92 -29.23 -6.40
N GLY F 136 19.65 -30.04 -7.42
CA GLY F 136 20.06 -29.71 -8.78
C GLY F 136 19.15 -30.31 -9.84
N ASP F 137 19.52 -30.08 -11.09
CA ASP F 137 18.77 -30.58 -12.21
C ASP F 137 19.89 -31.13 -13.05
N ALA F 138 19.73 -32.40 -13.45
CA ALA F 138 20.76 -33.13 -14.18
C ALA F 138 20.88 -32.51 -15.56
N THR F 139 19.74 -32.13 -16.10
CA THR F 139 19.65 -31.39 -17.34
C THR F 139 20.58 -30.18 -17.36
N LYS F 140 20.86 -29.58 -16.21
CA LYS F 140 21.86 -28.55 -16.18
C LYS F 140 23.04 -29.07 -15.41
N PRO F 141 24.07 -29.52 -16.13
CA PRO F 141 25.21 -30.01 -15.35
C PRO F 141 25.91 -28.87 -14.63
N GLU F 142 25.93 -27.69 -15.24
CA GLU F 142 26.80 -26.60 -14.75
C GLU F 142 26.27 -25.98 -13.48
N GLU F 143 24.96 -26.03 -13.28
CA GLU F 143 24.37 -25.51 -12.05
C GLU F 143 25.10 -26.07 -10.82
N TYR F 144 25.59 -27.31 -10.91
CA TYR F 144 26.49 -27.87 -9.88
C TYR F 144 27.99 -27.85 -10.16
N ARG F 145 28.41 -27.17 -11.23
CA ARG F 145 29.80 -27.20 -11.67
C ARG F 145 30.80 -27.03 -10.52
N ALA F 146 30.41 -26.27 -9.51
CA ALA F 146 31.31 -25.93 -8.42
C ALA F 146 31.11 -26.77 -7.16
N LEU F 147 30.14 -27.68 -7.19
CA LEU F 147 29.92 -28.56 -6.04
C LEU F 147 30.46 -29.98 -6.16
N VAL F 148 30.93 -30.35 -7.35
CA VAL F 148 31.39 -31.72 -7.59
C VAL F 148 32.84 -31.74 -8.07
N THR F 149 33.49 -32.89 -7.92
CA THR F 149 34.81 -33.06 -8.51
C THR F 149 34.76 -34.25 -9.45
N LYS F 150 35.65 -34.29 -10.43
CA LYS F 150 35.53 -35.30 -11.46
C LYS F 150 35.34 -36.61 -10.74
N VAL F 151 34.38 -37.40 -11.21
CA VAL F 151 34.09 -38.68 -10.60
C VAL F 151 34.63 -39.88 -11.37
N ASP F 152 34.49 -41.04 -10.73
CA ASP F 152 34.97 -42.29 -11.24
C ASP F 152 33.75 -42.96 -11.93
N VAL F 153 32.70 -43.28 -11.18
CA VAL F 153 31.43 -43.67 -11.80
C VAL F 153 30.39 -42.54 -11.79
N ILE F 154 29.63 -42.42 -12.88
CA ILE F 154 28.43 -41.60 -12.92
C ILE F 154 27.27 -42.56 -12.70
N PHE F 155 26.25 -42.16 -11.98
CA PHE F 155 25.11 -43.05 -11.84
C PHE F 155 23.83 -42.28 -12.11
N GLU F 156 23.03 -42.73 -13.09
CA GLU F 156 21.83 -42.01 -13.47
C GLU F 156 20.54 -42.82 -13.33
N ASP F 157 19.63 -42.36 -12.46
CA ASP F 157 18.33 -43.02 -12.39
C ASP F 157 17.24 -42.22 -13.13
N VAL F 158 16.71 -41.20 -12.47
CA VAL F 158 15.99 -40.09 -13.12
C VAL F 158 15.01 -40.38 -14.27
N ALA F 159 13.83 -40.90 -14.02
CA ALA F 159 13.08 -41.33 -15.19
C ALA F 159 12.56 -40.09 -15.94
N GLN F 160 13.21 -39.80 -17.06
CA GLN F 160 12.93 -38.63 -17.90
C GLN F 160 13.33 -38.97 -19.32
N PRO F 161 12.65 -38.39 -20.31
CA PRO F 161 12.90 -38.79 -21.69
C PRO F 161 14.35 -38.60 -22.12
N THR F 162 14.88 -37.44 -21.83
CA THR F 162 16.22 -37.09 -22.30
C THR F 162 17.37 -37.85 -21.58
N GLN F 163 17.02 -38.78 -20.69
CA GLN F 163 17.99 -39.43 -19.79
C GLN F 163 19.25 -39.98 -20.47
N ALA F 164 19.08 -40.36 -21.74
CA ALA F 164 20.21 -40.83 -22.53
C ALA F 164 21.24 -39.71 -22.69
N LYS F 165 20.74 -38.53 -23.02
CA LYS F 165 21.63 -37.40 -23.21
C LYS F 165 22.08 -36.89 -21.85
N ILE F 166 21.21 -36.97 -20.85
CA ILE F 166 21.57 -36.57 -19.49
C ILE F 166 22.91 -37.21 -19.09
N LEU F 167 23.02 -38.52 -19.33
CA LEU F 167 24.25 -39.24 -18.95
C LEU F 167 25.46 -38.72 -19.72
N ILE F 168 25.31 -38.60 -21.04
CA ILE F 168 26.39 -38.13 -21.90
C ILE F 168 26.87 -36.73 -21.53
N ASP F 169 25.94 -35.85 -21.19
CA ASP F 169 26.28 -34.50 -20.75
C ASP F 169 27.14 -34.58 -19.49
N ASN F 170 26.58 -35.18 -18.44
CA ASN F 170 27.28 -35.16 -17.18
C ASN F 170 28.65 -35.75 -17.39
N ALA F 171 28.67 -36.75 -18.27
CA ALA F 171 29.85 -37.58 -18.53
C ALA F 171 31.03 -36.77 -19.04
N LYS F 172 30.75 -35.81 -19.93
CA LYS F 172 31.78 -34.89 -20.42
C LYS F 172 32.22 -33.91 -19.33
N ALA F 173 31.28 -33.50 -18.49
CA ALA F 173 31.55 -32.53 -17.43
C ALA F 173 32.47 -33.11 -16.37
N TYR F 174 32.15 -34.34 -15.97
CA TYR F 174 32.60 -34.92 -14.70
C TYR F 174 33.32 -36.26 -14.78
N LEU F 175 32.68 -37.25 -15.40
CA LEU F 175 33.26 -38.58 -15.54
C LEU F 175 34.67 -38.55 -16.11
N LYS F 176 35.60 -39.22 -15.44
CA LYS F 176 37.01 -39.15 -15.79
C LYS F 176 37.37 -40.24 -16.77
N ARG F 177 38.34 -39.95 -17.63
CA ARG F 177 38.69 -40.81 -18.75
C ARG F 177 38.78 -42.24 -18.26
N GLY F 178 38.12 -43.15 -18.97
CA GLY F 178 38.19 -44.57 -18.67
C GLY F 178 37.47 -45.05 -17.42
N GLY F 179 36.64 -44.20 -16.82
CA GLY F 179 35.80 -44.63 -15.73
C GLY F 179 34.45 -45.00 -16.32
N TYR F 180 33.66 -45.76 -15.57
CA TYR F 180 32.37 -46.16 -16.14
C TYR F 180 31.25 -45.27 -15.66
N GLY F 181 30.04 -45.69 -15.95
CA GLY F 181 28.86 -45.02 -15.46
C GLY F 181 27.83 -46.03 -15.85
N MET F 182 26.69 -46.04 -15.19
CA MET F 182 25.68 -47.01 -15.55
C MET F 182 24.30 -46.41 -15.32
N ILE F 183 23.36 -46.67 -16.24
CA ILE F 183 22.04 -46.05 -16.14
C ILE F 183 20.92 -47.08 -16.14
N ALA F 184 19.92 -46.88 -15.30
CA ALA F 184 18.69 -47.66 -15.35
C ALA F 184 17.67 -46.95 -16.27
N VAL F 185 17.11 -47.68 -17.22
CA VAL F 185 16.15 -47.10 -18.15
C VAL F 185 14.80 -47.72 -17.97
N LYS F 186 13.74 -46.91 -17.93
CA LYS F 186 12.37 -47.41 -17.77
C LYS F 186 11.53 -47.50 -19.07
N SER F 187 12.10 -46.98 -20.15
CA SER F 187 11.60 -47.15 -21.50
C SER F 187 10.34 -46.40 -21.93
N ARG F 188 9.47 -46.05 -20.99
CA ARG F 188 8.32 -45.21 -21.32
C ARG F 188 8.69 -43.82 -20.88
N SER F 189 9.71 -43.79 -20.03
CA SER F 189 10.39 -42.59 -19.64
C SER F 189 10.72 -41.92 -20.93
N ILE F 190 11.15 -42.74 -21.91
CA ILE F 190 11.61 -42.22 -23.18
C ILE F 190 10.46 -42.11 -24.18
N ASP F 191 9.88 -43.25 -24.53
CA ASP F 191 8.69 -43.21 -25.36
C ASP F 191 7.62 -44.23 -24.95
N VAL F 192 6.47 -43.74 -24.52
CA VAL F 192 5.43 -44.60 -23.97
C VAL F 192 4.74 -45.41 -25.07
N THR F 193 4.78 -44.91 -26.30
CA THR F 193 4.14 -45.60 -27.42
C THR F 193 4.94 -46.78 -27.99
N LYS F 194 6.14 -46.53 -28.50
CA LYS F 194 6.87 -47.58 -29.21
C LYS F 194 7.55 -48.67 -28.35
N GLU F 195 7.70 -49.86 -28.94
CA GLU F 195 8.02 -51.13 -28.29
C GLU F 195 9.28 -51.22 -27.39
N PRO F 196 9.15 -51.81 -26.20
CA PRO F 196 10.25 -51.69 -25.24
C PRO F 196 11.62 -52.00 -25.82
N GLU F 197 11.79 -53.09 -26.54
CA GLU F 197 13.16 -53.36 -26.96
C GLU F 197 13.65 -52.23 -27.84
N GLN F 198 12.83 -51.84 -28.79
CA GLN F 198 13.21 -50.82 -29.73
C GLN F 198 13.71 -49.54 -29.05
N VAL F 199 13.02 -49.07 -28.01
CA VAL F 199 13.53 -47.88 -27.32
C VAL F 199 14.85 -48.25 -26.65
N PHE F 200 14.88 -49.42 -26.02
CA PHE F 200 16.09 -49.90 -25.34
C PHE F 200 17.23 -49.91 -26.32
N LYS F 201 16.97 -50.44 -27.51
CA LYS F 201 17.98 -50.58 -28.56
C LYS F 201 18.42 -49.21 -29.04
N GLU F 202 17.47 -48.30 -29.25
CA GLU F 202 17.76 -46.93 -29.64
C GLU F 202 18.68 -46.30 -28.61
N VAL F 203 18.25 -46.38 -27.35
CA VAL F 203 19.04 -45.82 -26.25
C VAL F 203 20.49 -46.25 -26.29
N GLU F 204 20.72 -47.54 -26.58
CA GLU F 204 22.06 -48.09 -26.65
C GLU F 204 22.87 -47.37 -27.74
N ARG F 205 22.24 -47.13 -28.88
CA ARG F 205 22.93 -46.51 -29.99
C ARG F 205 23.28 -45.09 -29.63
N GLU F 206 22.32 -44.41 -29.02
CA GLU F 206 22.54 -43.01 -28.72
C GLU F 206 23.73 -42.89 -27.79
N LEU F 207 23.94 -43.95 -27.02
CA LEU F 207 25.02 -43.98 -26.04
C LEU F 207 26.35 -44.30 -26.70
N SER F 208 26.33 -45.32 -27.53
CA SER F 208 27.54 -45.87 -28.16
C SER F 208 28.24 -44.87 -29.07
N GLU F 209 27.51 -43.79 -29.36
CA GLU F 209 27.98 -42.61 -30.09
C GLU F 209 29.02 -41.81 -29.27
N TYR F 210 28.98 -41.98 -27.93
CA TYR F 210 29.92 -41.36 -26.95
C TYR F 210 30.76 -42.37 -26.17
N PHE F 211 30.07 -43.34 -25.55
CA PHE F 211 30.73 -44.43 -24.84
C PHE F 211 31.02 -45.70 -25.67
N GLU F 212 31.41 -46.73 -24.93
CA GLU F 212 31.23 -48.10 -25.36
C GLU F 212 30.19 -48.67 -24.42
N VAL F 213 29.14 -49.27 -24.96
CA VAL F 213 28.11 -49.85 -24.11
C VAL F 213 28.52 -51.30 -23.82
N ILE F 214 29.00 -51.56 -22.60
CA ILE F 214 29.61 -52.85 -22.35
C ILE F 214 28.63 -53.82 -21.76
N GLU F 215 27.37 -53.41 -21.64
CA GLU F 215 26.37 -54.32 -21.13
C GLU F 215 24.98 -53.73 -21.12
N ARG F 216 23.99 -54.61 -21.16
CA ARG F 216 22.61 -54.24 -20.97
C ARG F 216 22.09 -55.39 -20.15
N LEU F 217 21.23 -55.12 -19.17
CA LEU F 217 20.65 -56.20 -18.36
C LEU F 217 19.20 -55.89 -18.03
N ASN F 218 18.26 -56.73 -18.45
CA ASN F 218 16.89 -56.42 -18.09
C ASN F 218 16.55 -56.79 -16.64
N LEU F 219 15.74 -55.95 -15.99
CA LEU F 219 15.50 -56.01 -14.55
C LEU F 219 14.35 -56.90 -14.10
N GLU F 220 13.73 -57.64 -15.01
CA GLU F 220 12.67 -58.58 -14.63
C GLU F 220 13.20 -59.63 -13.66
N PRO F 221 12.33 -60.22 -12.83
CA PRO F 221 10.90 -60.06 -12.54
C PRO F 221 10.59 -58.83 -11.69
N TYR F 222 11.60 -58.32 -11.01
CA TYR F 222 11.39 -57.25 -10.07
C TYR F 222 10.66 -56.11 -10.74
N GLU F 223 11.39 -55.39 -11.57
CA GLU F 223 10.84 -54.22 -12.19
C GLU F 223 10.56 -54.50 -13.66
N LYS F 224 9.47 -53.97 -14.15
CA LYS F 224 8.95 -54.36 -15.45
C LYS F 224 9.31 -53.39 -16.54
N ASP F 225 9.90 -53.91 -17.60
CA ASP F 225 10.28 -53.11 -18.75
C ASP F 225 11.36 -52.11 -18.45
N HIS F 226 12.16 -52.37 -17.41
CA HIS F 226 13.35 -51.56 -17.25
C HIS F 226 14.51 -52.33 -17.79
N ALA F 227 15.65 -51.66 -17.95
CA ALA F 227 16.91 -52.30 -18.22
C ALA F 227 18.07 -51.43 -17.78
N LEU F 228 19.09 -52.05 -17.22
CA LEU F 228 20.25 -51.32 -16.70
C LEU F 228 21.33 -51.49 -17.72
N PHE F 229 21.99 -50.41 -18.13
CA PHE F 229 23.13 -50.57 -19.03
C PHE F 229 24.35 -50.15 -18.25
N VAL F 230 25.52 -50.60 -18.67
CA VAL F 230 26.74 -49.97 -18.19
C VAL F 230 27.62 -49.67 -19.43
N VAL F 231 28.30 -48.54 -19.41
CA VAL F 231 28.99 -48.01 -20.58
C VAL F 231 30.39 -47.68 -20.10
N ARG F 232 31.37 -47.66 -21.00
CA ARG F 232 32.68 -47.17 -20.60
C ARG F 232 33.01 -45.88 -21.33
N LYS F 233 33.70 -44.98 -20.64
CA LYS F 233 34.11 -43.73 -21.23
C LYS F 233 35.52 -43.89 -21.78
N PRO F 234 35.64 -43.84 -23.11
CA PRO F 234 36.85 -44.07 -23.91
C PRO F 234 38.12 -43.51 -23.26
#